data_7HO9
# 
_entry.id   7HO9 
# 
_audit_conform.dict_name       mmcif_pdbx.dic 
_audit_conform.dict_version    5.399 
_audit_conform.dict_location   http://mmcif.pdb.org/dictionaries/ascii/mmcif_pdbx.dic 
# 
loop_
_database_2.database_id 
_database_2.database_code 
_database_2.pdbx_database_accession 
_database_2.pdbx_DOI 
PDB   7HO9         pdb_00007ho9 10.2210/pdb7ho9/pdb 
WWPDB D_1001407723 ?            ?                   
# 
_pdbx_audit_revision_history.ordinal             1 
_pdbx_audit_revision_history.data_content_type   'Structure model' 
_pdbx_audit_revision_history.major_revision      1 
_pdbx_audit_revision_history.minor_revision      0 
_pdbx_audit_revision_history.revision_date       2024-11-27 
# 
_pdbx_audit_revision_details.ordinal             1 
_pdbx_audit_revision_details.revision_ordinal    1 
_pdbx_audit_revision_details.data_content_type   'Structure model' 
_pdbx_audit_revision_details.provider            repository 
_pdbx_audit_revision_details.type                'Initial release' 
_pdbx_audit_revision_details.description         ? 
_pdbx_audit_revision_details.details             ? 
# 
_pdbx_database_status.entry_id                        7HO9 
_pdbx_database_status.status_code                     REL 
_pdbx_database_status.status_code_sf                  REL 
_pdbx_database_status.status_code_mr                  ? 
_pdbx_database_status.status_code_cs                  ? 
_pdbx_database_status.recvd_initial_deposition_date   2024-11-04 
_pdbx_database_status.status_code_nmr_data            ? 
_pdbx_database_status.deposit_site                    RCSB 
_pdbx_database_status.process_site                    RCSB 
_pdbx_database_status.SG_entry                        ? 
_pdbx_database_status.pdb_format_compatible           N 
_pdbx_database_status.methods_development_category    ? 
# 
_pdbx_contact_author.id                 1 
_pdbx_contact_author.email              knapp@pharmchem.uni-frankfurt.de 
_pdbx_contact_author.name_first         Stefan 
_pdbx_contact_author.name_last          Knapp 
_pdbx_contact_author.role               'principal investigator/group leader' 
_pdbx_contact_author.identifier_ORCID   0000-0001-5995-6494 
_pdbx_contact_author.name_mi            ? 
# 
loop_
_audit_author.name 
_audit_author.pdbx_ordinal 
'Kim, Y.'                              1 
'Marples, P.'                          2 
'Fearon, D.'                           3 
'von Delft, F.'                        4 
'Knapp, S.'                            5 
'Kraemer, A.'                          6 
'Structural Genomics Consortium (SGC)' 7 
# 
_citation.id                        primary 
_citation.title                     'PanDDA analysis group deposition' 
_citation.journal_abbrev            'To Be Published' 
_citation.journal_volume            ? 
_citation.page_first                ? 
_citation.page_last                 ? 
_citation.year                      ? 
_citation.journal_id_ASTM           ? 
_citation.country                   ? 
_citation.journal_id_ISSN           ? 
_citation.journal_id_CSD            0353 
_citation.book_publisher            ? 
_citation.pdbx_database_id_PubMed   ? 
_citation.pdbx_database_id_DOI      ? 
# 
loop_
_citation_author.citation_id 
_citation_author.name 
_citation_author.identifier_ORCID 
_citation_author.ordinal 
primary 'Kim, Y.'                              ? 1 
primary 'Marples, P.'                          ? 2 
primary 'Fearon, D.'                           ? 3 
primary 'von Delft, F.'                        ? 4 
primary 'Knapp, S.'                            ? 5 
primary 'Kraemer, A.'                          ? 6 
primary 'Structural Genomics Consortium (SGC)' ? 7 
# 
loop_
_entity.id 
_entity.type 
_entity.src_method 
_entity.pdbx_description 
_entity.formula_weight 
_entity.pdbx_number_of_molecules 
_entity.pdbx_ec 
_entity.pdbx_mutation 
_entity.pdbx_fragment 
_entity.details 
1 polymer     man 'E3 ubiquitin-protein ligase TRIM21'           21596.361 1  2.3.2.27 ? ? ? 
2 non-polymer syn '(1R)-N-methyl-1-(pyridin-4-yl)propan-1-amine' 150.221   1  ?        ? ? ? 
3 non-polymer syn 1,2-ETHANEDIOL                                 62.068    1  ?        ? ? ? 
4 non-polymer syn 'SULFATE ION'                                  96.063    1  ?        ? ? ? 
5 water       nat water                                          18.015    34 ?        ? ? ? 
# 
_entity_name_com.entity_id   1 
_entity_name_com.name        
;52 kDa Ro protein,52 kDa ribonucleoprotein autoantigen Ro/SS-A,Ro(SS-A),Sjoegren syndrome type A antigen,SS-A,Tripartite motif-containing protein 21
;
# 
_entity_poly.entity_id                      1 
_entity_poly.type                           'polypeptide(L)' 
_entity_poly.nstd_linkage                   no 
_entity_poly.nstd_monomer                   no 
_entity_poly.pdbx_seq_one_letter_code       
;MHHHHHHMVHITLDRNTANSWLIISKDRRQVRMGDTHQNVSDNKERFSNYPMVLGAQRFSSGKMYWEVDVTQKEAWDLGV
CRDSVQRKGQFSLSPENGFWTIWLWQDSYEAGTSPQTTLHIQVPPCQIGIFVDYEAGVVSFYNITDHGSLIYTFSECVFA
GPLRPFFNVGFNYSGGNAAPLKLCPLKM
;
_entity_poly.pdbx_seq_one_letter_code_can   
;MHHHHHHMVHITLDRNTANSWLIISKDRRQVRMGDTHQNVSDNKERFSNYPMVLGAQRFSSGKMYWEVDVTQKEAWDLGV
CRDSVQRKGQFSLSPENGFWTIWLWQDSYEAGTSPQTTLHIQVPPCQIGIFVDYEAGVVSFYNITDHGSLIYTFSECVFA
GPLRPFFNVGFNYSGGNAAPLKLCPLKM
;
_entity_poly.pdbx_strand_id                 B 
_entity_poly.pdbx_target_identifier         ? 
# 
loop_
_pdbx_entity_nonpoly.entity_id 
_pdbx_entity_nonpoly.name 
_pdbx_entity_nonpoly.comp_id 
2 '(1R)-N-methyl-1-(pyridin-4-yl)propan-1-amine' A1A3W 
3 1,2-ETHANEDIOL                                 EDO   
4 'SULFATE ION'                                  SO4   
5 water                                          HOH   
# 
loop_
_entity_poly_seq.entity_id 
_entity_poly_seq.num 
_entity_poly_seq.mon_id 
_entity_poly_seq.hetero 
1 1   MET n 
1 2   HIS n 
1 3   HIS n 
1 4   HIS n 
1 5   HIS n 
1 6   HIS n 
1 7   HIS n 
1 8   MET n 
1 9   VAL n 
1 10  HIS n 
1 11  ILE n 
1 12  THR n 
1 13  LEU n 
1 14  ASP n 
1 15  ARG n 
1 16  ASN n 
1 17  THR n 
1 18  ALA n 
1 19  ASN n 
1 20  SER n 
1 21  TRP n 
1 22  LEU n 
1 23  ILE n 
1 24  ILE n 
1 25  SER n 
1 26  LYS n 
1 27  ASP n 
1 28  ARG n 
1 29  ARG n 
1 30  GLN n 
1 31  VAL n 
1 32  ARG n 
1 33  MET n 
1 34  GLY n 
1 35  ASP n 
1 36  THR n 
1 37  HIS n 
1 38  GLN n 
1 39  ASN n 
1 40  VAL n 
1 41  SER n 
1 42  ASP n 
1 43  ASN n 
1 44  LYS n 
1 45  GLU n 
1 46  ARG n 
1 47  PHE n 
1 48  SER n 
1 49  ASN n 
1 50  TYR n 
1 51  PRO n 
1 52  MET n 
1 53  VAL n 
1 54  LEU n 
1 55  GLY n 
1 56  ALA n 
1 57  GLN n 
1 58  ARG n 
1 59  PHE n 
1 60  SER n 
1 61  SER n 
1 62  GLY n 
1 63  LYS n 
1 64  MET n 
1 65  TYR n 
1 66  TRP n 
1 67  GLU n 
1 68  VAL n 
1 69  ASP n 
1 70  VAL n 
1 71  THR n 
1 72  GLN n 
1 73  LYS n 
1 74  GLU n 
1 75  ALA n 
1 76  TRP n 
1 77  ASP n 
1 78  LEU n 
1 79  GLY n 
1 80  VAL n 
1 81  CYS n 
1 82  ARG n 
1 83  ASP n 
1 84  SER n 
1 85  VAL n 
1 86  GLN n 
1 87  ARG n 
1 88  LYS n 
1 89  GLY n 
1 90  GLN n 
1 91  PHE n 
1 92  SER n 
1 93  LEU n 
1 94  SER n 
1 95  PRO n 
1 96  GLU n 
1 97  ASN n 
1 98  GLY n 
1 99  PHE n 
1 100 TRP n 
1 101 THR n 
1 102 ILE n 
1 103 TRP n 
1 104 LEU n 
1 105 TRP n 
1 106 GLN n 
1 107 ASP n 
1 108 SER n 
1 109 TYR n 
1 110 GLU n 
1 111 ALA n 
1 112 GLY n 
1 113 THR n 
1 114 SER n 
1 115 PRO n 
1 116 GLN n 
1 117 THR n 
1 118 THR n 
1 119 LEU n 
1 120 HIS n 
1 121 ILE n 
1 122 GLN n 
1 123 VAL n 
1 124 PRO n 
1 125 PRO n 
1 126 CYS n 
1 127 GLN n 
1 128 ILE n 
1 129 GLY n 
1 130 ILE n 
1 131 PHE n 
1 132 VAL n 
1 133 ASP n 
1 134 TYR n 
1 135 GLU n 
1 136 ALA n 
1 137 GLY n 
1 138 VAL n 
1 139 VAL n 
1 140 SER n 
1 141 PHE n 
1 142 TYR n 
1 143 ASN n 
1 144 ILE n 
1 145 THR n 
1 146 ASP n 
1 147 HIS n 
1 148 GLY n 
1 149 SER n 
1 150 LEU n 
1 151 ILE n 
1 152 TYR n 
1 153 THR n 
1 154 PHE n 
1 155 SER n 
1 156 GLU n 
1 157 CYS n 
1 158 VAL n 
1 159 PHE n 
1 160 ALA n 
1 161 GLY n 
1 162 PRO n 
1 163 LEU n 
1 164 ARG n 
1 165 PRO n 
1 166 PHE n 
1 167 PHE n 
1 168 ASN n 
1 169 VAL n 
1 170 GLY n 
1 171 PHE n 
1 172 ASN n 
1 173 TYR n 
1 174 SER n 
1 175 GLY n 
1 176 GLY n 
1 177 ASN n 
1 178 ALA n 
1 179 ALA n 
1 180 PRO n 
1 181 LEU n 
1 182 LYS n 
1 183 LEU n 
1 184 CYS n 
1 185 PRO n 
1 186 LEU n 
1 187 LYS n 
1 188 MET n 
# 
_entity_src_gen.entity_id                          1 
_entity_src_gen.pdbx_src_id                        1 
_entity_src_gen.pdbx_alt_source_flag               sample 
_entity_src_gen.pdbx_seq_type                      'Biological sequence' 
_entity_src_gen.pdbx_beg_seq_num                   1 
_entity_src_gen.pdbx_end_seq_num                   188 
_entity_src_gen.gene_src_common_name               'house mouse' 
_entity_src_gen.gene_src_genus                     ? 
_entity_src_gen.pdbx_gene_src_gene                 'Trim21, Ro52, Ssa1' 
_entity_src_gen.gene_src_species                   ? 
_entity_src_gen.gene_src_strain                    ? 
_entity_src_gen.gene_src_tissue                    ? 
_entity_src_gen.gene_src_tissue_fraction           ? 
_entity_src_gen.gene_src_details                   ? 
_entity_src_gen.pdbx_gene_src_fragment             ? 
_entity_src_gen.pdbx_gene_src_scientific_name      'Mus musculus' 
_entity_src_gen.pdbx_gene_src_ncbi_taxonomy_id     10090 
_entity_src_gen.pdbx_gene_src_variant              ? 
_entity_src_gen.pdbx_gene_src_cell_line            ? 
_entity_src_gen.pdbx_gene_src_atcc                 ? 
_entity_src_gen.pdbx_gene_src_organ                ? 
_entity_src_gen.pdbx_gene_src_organelle            ? 
_entity_src_gen.pdbx_gene_src_cell                 ? 
_entity_src_gen.pdbx_gene_src_cellular_location    ? 
_entity_src_gen.host_org_common_name               ? 
_entity_src_gen.pdbx_host_org_scientific_name      'Escherichia coli' 
_entity_src_gen.pdbx_host_org_ncbi_taxonomy_id     562 
_entity_src_gen.host_org_genus                     ? 
_entity_src_gen.pdbx_host_org_gene                 ? 
_entity_src_gen.pdbx_host_org_organ                ? 
_entity_src_gen.host_org_species                   ? 
_entity_src_gen.pdbx_host_org_tissue               ? 
_entity_src_gen.pdbx_host_org_tissue_fraction      ? 
_entity_src_gen.pdbx_host_org_strain               ? 
_entity_src_gen.pdbx_host_org_variant              ? 
_entity_src_gen.pdbx_host_org_cell_line            ? 
_entity_src_gen.pdbx_host_org_atcc                 ? 
_entity_src_gen.pdbx_host_org_culture_collection   ? 
_entity_src_gen.pdbx_host_org_cell                 ? 
_entity_src_gen.pdbx_host_org_organelle            ? 
_entity_src_gen.pdbx_host_org_cellular_location    ? 
_entity_src_gen.pdbx_host_org_vector_type          ? 
_entity_src_gen.pdbx_host_org_vector               ? 
_entity_src_gen.host_org_details                   ? 
_entity_src_gen.expression_system_id               ? 
_entity_src_gen.plasmid_name                       ? 
_entity_src_gen.plasmid_details                    ? 
_entity_src_gen.pdbx_description                   ? 
# 
loop_
_chem_comp.id 
_chem_comp.type 
_chem_comp.mon_nstd_flag 
_chem_comp.name 
_chem_comp.pdbx_synonyms 
_chem_comp.formula 
_chem_comp.formula_weight 
A1A3W non-polymer         . '(1R)-N-methyl-1-(pyridin-4-yl)propan-1-amine' ?                 'C9 H14 N2'      150.221 
ALA   'L-peptide linking' y ALANINE                                        ?                 'C3 H7 N O2'     89.093  
ARG   'L-peptide linking' y ARGININE                                       ?                 'C6 H15 N4 O2 1' 175.209 
ASN   'L-peptide linking' y ASPARAGINE                                     ?                 'C4 H8 N2 O3'    132.118 
ASP   'L-peptide linking' y 'ASPARTIC ACID'                                ?                 'C4 H7 N O4'     133.103 
CYS   'L-peptide linking' y CYSTEINE                                       ?                 'C3 H7 N O2 S'   121.158 
EDO   non-polymer         . 1,2-ETHANEDIOL                                 'ETHYLENE GLYCOL' 'C2 H6 O2'       62.068  
GLN   'L-peptide linking' y GLUTAMINE                                      ?                 'C5 H10 N2 O3'   146.144 
GLU   'L-peptide linking' y 'GLUTAMIC ACID'                                ?                 'C5 H9 N O4'     147.129 
GLY   'peptide linking'   y GLYCINE                                        ?                 'C2 H5 N O2'     75.067  
HIS   'L-peptide linking' y HISTIDINE                                      ?                 'C6 H10 N3 O2 1' 156.162 
HOH   non-polymer         . WATER                                          ?                 'H2 O'           18.015  
ILE   'L-peptide linking' y ISOLEUCINE                                     ?                 'C6 H13 N O2'    131.173 
LEU   'L-peptide linking' y LEUCINE                                        ?                 'C6 H13 N O2'    131.173 
LYS   'L-peptide linking' y LYSINE                                         ?                 'C6 H15 N2 O2 1' 147.195 
MET   'L-peptide linking' y METHIONINE                                     ?                 'C5 H11 N O2 S'  149.211 
PHE   'L-peptide linking' y PHENYLALANINE                                  ?                 'C9 H11 N O2'    165.189 
PRO   'L-peptide linking' y PROLINE                                        ?                 'C5 H9 N O2'     115.130 
SER   'L-peptide linking' y SERINE                                         ?                 'C3 H7 N O3'     105.093 
SO4   non-polymer         . 'SULFATE ION'                                  ?                 'O4 S -2'        96.063  
THR   'L-peptide linking' y THREONINE                                      ?                 'C4 H9 N O3'     119.119 
TRP   'L-peptide linking' y TRYPTOPHAN                                     ?                 'C11 H12 N2 O2'  204.225 
TYR   'L-peptide linking' y TYROSINE                                       ?                 'C9 H11 N O3'    181.189 
VAL   'L-peptide linking' y VALINE                                         ?                 'C5 H11 N O2'    117.146 
# 
loop_
_pdbx_poly_seq_scheme.asym_id 
_pdbx_poly_seq_scheme.entity_id 
_pdbx_poly_seq_scheme.seq_id 
_pdbx_poly_seq_scheme.mon_id 
_pdbx_poly_seq_scheme.ndb_seq_num 
_pdbx_poly_seq_scheme.pdb_seq_num 
_pdbx_poly_seq_scheme.auth_seq_num 
_pdbx_poly_seq_scheme.pdb_mon_id 
_pdbx_poly_seq_scheme.auth_mon_id 
_pdbx_poly_seq_scheme.pdb_strand_id 
_pdbx_poly_seq_scheme.pdb_ins_code 
_pdbx_poly_seq_scheme.hetero 
A 1 1   MET 1   7   ?   ?   ?   B . n 
A 1 2   HIS 2   8   8   HIS HIS B . n 
A 1 3   HIS 3   9   9   HIS HIS B . n 
A 1 4   HIS 4   10  10  HIS HIS B . n 
A 1 5   HIS 5   11  11  HIS HIS B . n 
A 1 6   HIS 6   12  12  HIS HIS B . n 
A 1 7   HIS 7   13  13  HIS HIS B . n 
A 1 8   MET 8   14  14  MET MET B . n 
A 1 9   VAL 9   15  15  VAL VAL B . n 
A 1 10  HIS 10  16  16  HIS HIS B . n 
A 1 11  ILE 11  17  17  ILE ILE B . n 
A 1 12  THR 12  18  18  THR THR B . n 
A 1 13  LEU 13  19  19  LEU LEU B . n 
A 1 14  ASP 14  20  20  ASP ASP B . n 
A 1 15  ARG 15  21  21  ARG ARG B . n 
A 1 16  ASN 16  22  22  ASN ASN B . n 
A 1 17  THR 17  23  23  THR THR B . n 
A 1 18  ALA 18  24  24  ALA ALA B . n 
A 1 19  ASN 19  25  25  ASN ASN B . n 
A 1 20  SER 20  26  26  SER SER B . n 
A 1 21  TRP 21  27  27  TRP TRP B . n 
A 1 22  LEU 22  28  28  LEU LEU B . n 
A 1 23  ILE 23  29  29  ILE ILE B . n 
A 1 24  ILE 24  30  30  ILE ILE B . n 
A 1 25  SER 25  31  31  SER SER B . n 
A 1 26  LYS 26  32  32  LYS LYS B . n 
A 1 27  ASP 27  33  33  ASP ASP B . n 
A 1 28  ARG 28  34  34  ARG ARG B . n 
A 1 29  ARG 29  35  35  ARG ARG B . n 
A 1 30  GLN 30  36  36  GLN GLN B . n 
A 1 31  VAL 31  37  37  VAL VAL B . n 
A 1 32  ARG 32  38  38  ARG ARG B . n 
A 1 33  MET 33  39  39  MET MET B . n 
A 1 34  GLY 34  40  40  GLY GLY B . n 
A 1 35  ASP 35  41  41  ASP ASP B . n 
A 1 36  THR 36  42  42  THR THR B . n 
A 1 37  HIS 37  43  43  HIS HIS B . n 
A 1 38  GLN 38  44  44  GLN GLN B . n 
A 1 39  ASN 39  45  45  ASN ASN B . n 
A 1 40  VAL 40  46  46  VAL VAL B . n 
A 1 41  SER 41  47  47  SER SER B . n 
A 1 42  ASP 42  48  48  ASP ASP B . n 
A 1 43  ASN 43  49  49  ASN ASN B . n 
A 1 44  LYS 44  50  50  LYS LYS B . n 
A 1 45  GLU 45  51  51  GLU GLU B . n 
A 1 46  ARG 46  52  52  ARG ARG B . n 
A 1 47  PHE 47  53  53  PHE PHE B . n 
A 1 48  SER 48  54  54  SER SER B . n 
A 1 49  ASN 49  55  55  ASN ASN B . n 
A 1 50  TYR 50  56  56  TYR TYR B . n 
A 1 51  PRO 51  57  57  PRO PRO B . n 
A 1 52  MET 52  58  58  MET MET B . n 
A 1 53  VAL 53  59  59  VAL VAL B . n 
A 1 54  LEU 54  60  60  LEU LEU B . n 
A 1 55  GLY 55  61  61  GLY GLY B . n 
A 1 56  ALA 56  62  62  ALA ALA B . n 
A 1 57  GLN 57  63  63  GLN GLN B . n 
A 1 58  ARG 58  64  64  ARG ARG B . n 
A 1 59  PHE 59  65  65  PHE PHE B . n 
A 1 60  SER 60  66  66  SER SER B . n 
A 1 61  SER 61  67  67  SER SER B . n 
A 1 62  GLY 62  68  68  GLY GLY B . n 
A 1 63  LYS 63  69  69  LYS LYS B . n 
A 1 64  MET 64  70  70  MET MET B . n 
A 1 65  TYR 65  71  71  TYR TYR B . n 
A 1 66  TRP 66  72  72  TRP TRP B . n 
A 1 67  GLU 67  73  73  GLU GLU B . n 
A 1 68  VAL 68  74  74  VAL VAL B . n 
A 1 69  ASP 69  75  75  ASP ASP B . n 
A 1 70  VAL 70  76  76  VAL VAL B . n 
A 1 71  THR 71  77  77  THR THR B . n 
A 1 72  GLN 72  78  78  GLN GLN B . n 
A 1 73  LYS 73  79  79  LYS LYS B . n 
A 1 74  GLU 74  80  80  GLU GLU B . n 
A 1 75  ALA 75  81  81  ALA ALA B . n 
A 1 76  TRP 76  82  82  TRP TRP B . n 
A 1 77  ASP 77  83  83  ASP ASP B . n 
A 1 78  LEU 78  84  84  LEU LEU B . n 
A 1 79  GLY 79  85  85  GLY GLY B . n 
A 1 80  VAL 80  86  86  VAL VAL B . n 
A 1 81  CYS 81  87  87  CYS CYS B . n 
A 1 82  ARG 82  88  88  ARG ARG B . n 
A 1 83  ASP 83  89  89  ASP ASP B . n 
A 1 84  SER 84  90  90  SER SER B . n 
A 1 85  VAL 85  91  91  VAL VAL B . n 
A 1 86  GLN 86  92  92  GLN GLN B . n 
A 1 87  ARG 87  93  93  ARG ARG B . n 
A 1 88  LYS 88  94  94  LYS LYS B . n 
A 1 89  GLY 89  95  95  GLY GLY B . n 
A 1 90  GLN 90  96  96  GLN GLN B . n 
A 1 91  PHE 91  97  97  PHE PHE B . n 
A 1 92  SER 92  98  98  SER SER B . n 
A 1 93  LEU 93  99  99  LEU LEU B . n 
A 1 94  SER 94  100 100 SER SER B . n 
A 1 95  PRO 95  101 101 PRO PRO B . n 
A 1 96  GLU 96  102 102 GLU GLU B . n 
A 1 97  ASN 97  103 103 ASN ASN B . n 
A 1 98  GLY 98  104 104 GLY GLY B . n 
A 1 99  PHE 99  105 105 PHE PHE B . n 
A 1 100 TRP 100 106 106 TRP TRP B . n 
A 1 101 THR 101 107 107 THR THR B . n 
A 1 102 ILE 102 108 108 ILE ILE B . n 
A 1 103 TRP 103 109 109 TRP TRP B . n 
A 1 104 LEU 104 110 110 LEU LEU B . n 
A 1 105 TRP 105 111 111 TRP TRP B . n 
A 1 106 GLN 106 112 112 GLN GLN B . n 
A 1 107 ASP 107 113 113 ASP ASP B . n 
A 1 108 SER 108 114 114 SER SER B . n 
A 1 109 TYR 109 115 115 TYR TYR B . n 
A 1 110 GLU 110 116 116 GLU GLU B . n 
A 1 111 ALA 111 117 117 ALA ALA B . n 
A 1 112 GLY 112 118 118 GLY GLY B . n 
A 1 113 THR 113 119 119 THR THR B . n 
A 1 114 SER 114 120 120 SER SER B . n 
A 1 115 PRO 115 121 121 PRO PRO B . n 
A 1 116 GLN 116 122 122 GLN GLN B . n 
A 1 117 THR 117 123 123 THR THR B . n 
A 1 118 THR 118 124 124 THR THR B . n 
A 1 119 LEU 119 125 125 LEU LEU B . n 
A 1 120 HIS 120 126 126 HIS HIS B . n 
A 1 121 ILE 121 127 127 ILE ILE B . n 
A 1 122 GLN 122 128 128 GLN GLN B . n 
A 1 123 VAL 123 129 129 VAL VAL B . n 
A 1 124 PRO 124 130 130 PRO PRO B . n 
A 1 125 PRO 125 131 131 PRO PRO B . n 
A 1 126 CYS 126 132 132 CYS CYS B . n 
A 1 127 GLN 127 133 133 GLN GLN B . n 
A 1 128 ILE 128 134 134 ILE ILE B . n 
A 1 129 GLY 129 135 135 GLY GLY B . n 
A 1 130 ILE 130 136 136 ILE ILE B . n 
A 1 131 PHE 131 137 137 PHE PHE B . n 
A 1 132 VAL 132 138 138 VAL VAL B . n 
A 1 133 ASP 133 139 139 ASP ASP B . n 
A 1 134 TYR 134 140 140 TYR TYR B . n 
A 1 135 GLU 135 141 141 GLU GLU B . n 
A 1 136 ALA 136 142 142 ALA ALA B . n 
A 1 137 GLY 137 143 143 GLY GLY B . n 
A 1 138 VAL 138 144 144 VAL VAL B . n 
A 1 139 VAL 139 145 145 VAL VAL B . n 
A 1 140 SER 140 146 146 SER SER B . n 
A 1 141 PHE 141 147 147 PHE PHE B . n 
A 1 142 TYR 142 148 148 TYR TYR B . n 
A 1 143 ASN 143 149 149 ASN ASN B . n 
A 1 144 ILE 144 150 150 ILE ILE B . n 
A 1 145 THR 145 151 151 THR THR B . n 
A 1 146 ASP 146 152 152 ASP ASP B . n 
A 1 147 HIS 147 153 153 HIS HIS B . n 
A 1 148 GLY 148 154 154 GLY GLY B . n 
A 1 149 SER 149 155 155 SER SER B . n 
A 1 150 LEU 150 156 156 LEU LEU B . n 
A 1 151 ILE 151 157 157 ILE ILE B . n 
A 1 152 TYR 152 158 158 TYR TYR B . n 
A 1 153 THR 153 159 159 THR THR B . n 
A 1 154 PHE 154 160 160 PHE PHE B . n 
A 1 155 SER 155 161 161 SER SER B . n 
A 1 156 GLU 156 162 162 GLU GLU B . n 
A 1 157 CYS 157 163 163 CYS CYS B . n 
A 1 158 VAL 158 164 164 VAL VAL B . n 
A 1 159 PHE 159 165 165 PHE PHE B . n 
A 1 160 ALA 160 166 166 ALA ALA B . n 
A 1 161 GLY 161 167 167 GLY GLY B . n 
A 1 162 PRO 162 168 168 PRO PRO B . n 
A 1 163 LEU 163 169 169 LEU LEU B . n 
A 1 164 ARG 164 170 170 ARG ARG B . n 
A 1 165 PRO 165 171 171 PRO PRO B . n 
A 1 166 PHE 166 172 172 PHE PHE B . n 
A 1 167 PHE 167 173 173 PHE PHE B . n 
A 1 168 ASN 168 174 174 ASN ASN B . n 
A 1 169 VAL 169 175 175 VAL VAL B . n 
A 1 170 GLY 170 176 176 GLY GLY B . n 
A 1 171 PHE 171 177 177 PHE PHE B . n 
A 1 172 ASN 172 178 178 ASN ASN B . n 
A 1 173 TYR 173 179 179 TYR TYR B . n 
A 1 174 SER 174 180 180 SER SER B . n 
A 1 175 GLY 175 181 181 GLY GLY B . n 
A 1 176 GLY 176 182 182 GLY GLY B . n 
A 1 177 ASN 177 183 183 ASN ASN B . n 
A 1 178 ALA 178 184 184 ALA ALA B . n 
A 1 179 ALA 179 185 185 ALA ALA B . n 
A 1 180 PRO 180 186 186 PRO PRO B . n 
A 1 181 LEU 181 187 187 LEU LEU B . n 
A 1 182 LYS 182 188 188 LYS LYS B . n 
A 1 183 LEU 183 189 189 LEU LEU B . n 
A 1 184 CYS 184 190 190 CYS CYS B . n 
A 1 185 PRO 185 191 191 PRO PRO B . n 
A 1 186 LEU 186 192 192 LEU LEU B . n 
A 1 187 LYS 187 193 ?   ?   ?   B . n 
A 1 188 MET 188 194 ?   ?   ?   B . n 
# 
_pdbx_entity_instance_feature.ordinal        1 
_pdbx_entity_instance_feature.comp_id        A1A3W 
_pdbx_entity_instance_feature.asym_id        ? 
_pdbx_entity_instance_feature.seq_num        ? 
_pdbx_entity_instance_feature.auth_comp_id   A1A3W 
_pdbx_entity_instance_feature.auth_asym_id   ? 
_pdbx_entity_instance_feature.auth_seq_num   ? 
_pdbx_entity_instance_feature.feature_type   'SUBJECT OF INVESTIGATION' 
_pdbx_entity_instance_feature.details        ? 
# 
loop_
_pdbx_nonpoly_scheme.asym_id 
_pdbx_nonpoly_scheme.entity_id 
_pdbx_nonpoly_scheme.mon_id 
_pdbx_nonpoly_scheme.ndb_seq_num 
_pdbx_nonpoly_scheme.pdb_seq_num 
_pdbx_nonpoly_scheme.auth_seq_num 
_pdbx_nonpoly_scheme.pdb_mon_id 
_pdbx_nonpoly_scheme.auth_mon_id 
_pdbx_nonpoly_scheme.pdb_strand_id 
_pdbx_nonpoly_scheme.pdb_ins_code 
B 2 A1A3W 1  201 302 A1A3W LIG B . 
C 3 EDO   1  202 305 EDO   EDO B . 
D 4 SO4   1  203 1   SO4   SO4 B . 
E 5 HOH   1  301 4   HOH   HOH B . 
E 5 HOH   2  302 99  HOH   HOH B . 
E 5 HOH   3  303 27  HOH   HOH B . 
E 5 HOH   4  304 95  HOH   HOH B . 
E 5 HOH   5  305 129 HOH   HOH B . 
E 5 HOH   6  306 63  HOH   HOH B . 
E 5 HOH   7  307 100 HOH   HOH B . 
E 5 HOH   8  308 2   HOH   HOH B . 
E 5 HOH   9  309 27  HOH   HOH B . 
E 5 HOH   10 310 126 HOH   HOH B . 
E 5 HOH   11 311 22  HOH   HOH B . 
E 5 HOH   12 312 50  HOH   HOH B . 
E 5 HOH   13 313 66  HOH   HOH B . 
E 5 HOH   14 314 28  HOH   HOH B . 
E 5 HOH   15 315 4   HOH   HOH B . 
E 5 HOH   16 316 59  HOH   HOH B . 
E 5 HOH   17 317 1   HOH   HOH B . 
E 5 HOH   18 318 304 HOH   HOH B . 
E 5 HOH   19 319 13  HOH   HOH B . 
E 5 HOH   20 320 25  HOH   HOH B . 
E 5 HOH   21 321 85  HOH   HOH B . 
E 5 HOH   22 322 24  HOH   HOH B . 
E 5 HOH   23 323 14  HOH   HOH B . 
E 5 HOH   24 324 137 HOH   HOH B . 
E 5 HOH   25 325 45  HOH   HOH B . 
E 5 HOH   26 326 8   HOH   HOH B . 
E 5 HOH   27 327 257 HOH   HOH B . 
E 5 HOH   28 328 120 HOH   HOH B . 
E 5 HOH   29 329 41  HOH   HOH B . 
E 5 HOH   30 330 38  HOH   HOH B . 
E 5 HOH   31 331 53  HOH   HOH B . 
E 5 HOH   32 332 5   HOH   HOH B . 
E 5 HOH   33 333 263 HOH   HOH B . 
E 5 HOH   34 334 264 HOH   HOH B . 
# 
loop_
_pdbx_unobs_or_zero_occ_atoms.id 
_pdbx_unobs_or_zero_occ_atoms.PDB_model_num 
_pdbx_unobs_or_zero_occ_atoms.polymer_flag 
_pdbx_unobs_or_zero_occ_atoms.occupancy_flag 
_pdbx_unobs_or_zero_occ_atoms.auth_asym_id 
_pdbx_unobs_or_zero_occ_atoms.auth_comp_id 
_pdbx_unobs_or_zero_occ_atoms.auth_seq_id 
_pdbx_unobs_or_zero_occ_atoms.PDB_ins_code 
_pdbx_unobs_or_zero_occ_atoms.auth_atom_id 
_pdbx_unobs_or_zero_occ_atoms.label_alt_id 
_pdbx_unobs_or_zero_occ_atoms.label_asym_id 
_pdbx_unobs_or_zero_occ_atoms.label_comp_id 
_pdbx_unobs_or_zero_occ_atoms.label_seq_id 
_pdbx_unobs_or_zero_occ_atoms.label_atom_id 
1 1 Y 1 B LEU 192 ? CG  ? A LEU 186 CG  
2 1 Y 1 B LEU 192 ? CD1 ? A LEU 186 CD1 
3 1 Y 1 B LEU 192 ? CD2 ? A LEU 186 CD2 
# 
loop_
_software.pdbx_ordinal 
_software.name 
_software.version 
_software.date 
_software.type 
_software.contact_author 
_software.contact_author_email 
_software.classification 
_software.location 
_software.language 
_software.citation_id 
1 REFMAC      5.8.0267 ?               program 'Garib N. Murshudov' garib@ysbl.york.ac.uk    refinement        
http://www.ccp4.ac.uk/dist/html/refmac5.html        Fortran_77 ? 
2 Aimless     0.7.7    23/04/21        program 'Phil Evans'         ?                        'data scaling'    
http://www.mrc-lmb.cam.ac.uk/harry/pre/aimless.html ?          ? 
3 PDB_EXTRACT 3.23     'SEP. 23, 2016' package PDB                  deposit@deposit.rcsb.org 'data extraction' 
http://sw-tools.pdb.org/apps/PDB_EXTRACT/           C++        ? 
4 XDS         .        ?               program ?                    ?                        'data reduction'  ? ?          ? 
5 REFMAC      .        ?               program ?                    ?                        phasing           ? ?          ? 
# 
_cell.entry_id           7HO9 
_cell.length_a           95.458 
_cell.length_b           95.458 
_cell.length_c           45.721 
_cell.angle_alpha        90.000 
_cell.angle_beta         90.000 
_cell.angle_gamma        90.000 
_cell.Z_PDB              8 
_cell.pdbx_unique_axis   ? 
# 
_symmetry.entry_id                         7HO9 
_symmetry.space_group_name_H-M             'I 4' 
_symmetry.pdbx_full_space_group_name_H-M   ? 
_symmetry.cell_setting                     ? 
_symmetry.Int_Tables_number                79 
# 
_exptl.crystals_number   1 
_exptl.entry_id          7HO9 
_exptl.method            'X-RAY DIFFRACTION' 
# 
_exptl_crystal.id                    1 
_exptl_crystal.pdbx_mosaicity        0.000 
_exptl_crystal.pdbx_mosaicity_esd    ? 
_exptl_crystal.density_Matthews      2.41 
_exptl_crystal.density_diffrn        ? 
_exptl_crystal.density_meas          ? 
_exptl_crystal.density_meas_temp     ? 
_exptl_crystal.density_percent_sol   48.99 
_exptl_crystal.size_max              ? 
_exptl_crystal.size_mid              ? 
_exptl_crystal.size_min              ? 
_exptl_crystal.size_rad              ? 
_exptl_crystal.description           ? 
# 
_exptl_crystal_grow.crystal_id      1 
_exptl_crystal_grow.method          'VAPOR DIFFUSION, SITTING DROP' 
_exptl_crystal_grow.pH              8 
_exptl_crystal_grow.temp            293 
_exptl_crystal_grow.pdbx_details    '4 % PEG 400, 2 M AmmSO4, 0.1 M HEPES pH 8' 
_exptl_crystal_grow.temp_details    ? 
_exptl_crystal_grow.pdbx_pH_range   ? 
# 
_diffrn.id                     1 
_diffrn.ambient_temp           100 
_diffrn.crystal_id             1 
_diffrn.ambient_temp_details   ? 
# 
_diffrn_detector.detector               PIXEL 
_diffrn_detector.type                   'DECTRIS EIGER2 XE 9M' 
_diffrn_detector.pdbx_collection_date   2024-07-04 
_diffrn_detector.diffrn_id              1 
_diffrn_detector.details                ? 
# 
_diffrn_radiation.diffrn_id                        1 
_diffrn_radiation.wavelength_id                    1 
_diffrn_radiation.pdbx_diffrn_protocol             'SINGLE WAVELENGTH' 
_diffrn_radiation.pdbx_monochromatic_or_laue_m_l   ? 
_diffrn_radiation.monochromator                    ? 
_diffrn_radiation.pdbx_scattering_type             x-ray 
# 
_diffrn_radiation_wavelength.id           1 
_diffrn_radiation_wavelength.wavelength   0.92134 
_diffrn_radiation_wavelength.wt           1.0 
# 
_diffrn_source.diffrn_id                   1 
_diffrn_source.source                      SYNCHROTRON 
_diffrn_source.type                        'DIAMOND BEAMLINE I04-1' 
_diffrn_source.pdbx_wavelength_list        0.92134 
_diffrn_source.pdbx_synchrotron_site       Diamond 
_diffrn_source.pdbx_synchrotron_beamline   I04-1 
_diffrn_source.pdbx_wavelength             ? 
# 
_reflns.entry_id                     7HO9 
_reflns.pdbx_diffrn_id               1 
_reflns.pdbx_ordinal                 1 
_reflns.observed_criterion_sigma_I   ? 
_reflns.observed_criterion_sigma_F   ? 
_reflns.d_resolution_low             67.490 
_reflns.d_resolution_high            1.260 
_reflns.number_obs                   54627 
_reflns.number_all                   ? 
_reflns.percent_possible_obs         98.100 
_reflns.pdbx_Rmerge_I_obs            0.073 
_reflns.pdbx_Rsym_value              ? 
_reflns.pdbx_netI_over_sigmaI        16.500 
_reflns.B_iso_Wilson_estimate        ? 
_reflns.pdbx_redundancy              10.500 
_reflns.pdbx_Rrim_I_all              0.077 
_reflns.pdbx_Rpim_I_all              0.022 
_reflns.pdbx_CC_half                 1.000 
_reflns.pdbx_netI_over_av_sigmaI     ? 
_reflns.pdbx_number_measured_all     576125 
_reflns.pdbx_scaling_rejects         0 
_reflns.pdbx_chi_squared             ? 
_reflns.Rmerge_F_all                 ? 
_reflns.Rmerge_F_obs                 ? 
_reflns.observed_criterion_F_max     ? 
_reflns.observed_criterion_F_min     ? 
_reflns.observed_criterion_I_max     ? 
_reflns.observed_criterion_I_min     ? 
_reflns.pdbx_d_res_high_opt          ? 
_reflns.pdbx_d_res_low_opt           ? 
_reflns.details                      ? 
# 
loop_
_reflns_shell.pdbx_diffrn_id 
_reflns_shell.pdbx_ordinal 
_reflns_shell.d_res_high 
_reflns_shell.d_res_low 
_reflns_shell.number_measured_obs 
_reflns_shell.number_measured_all 
_reflns_shell.number_unique_obs 
_reflns_shell.pdbx_rejects 
_reflns_shell.Rmerge_I_obs 
_reflns_shell.meanI_over_sigI_obs 
_reflns_shell.pdbx_Rsym_value 
_reflns_shell.pdbx_chi_squared 
_reflns_shell.pdbx_redundancy 
_reflns_shell.percent_possible_obs 
_reflns_shell.pdbx_netI_over_sigmaI_obs 
_reflns_shell.number_possible 
_reflns_shell.number_unique_all 
_reflns_shell.Rmerge_F_all 
_reflns_shell.Rmerge_F_obs 
_reflns_shell.Rmerge_I_all 
_reflns_shell.meanI_over_sigI_all 
_reflns_shell.percent_possible_all 
_reflns_shell.pdbx_Rrim_I_all 
_reflns_shell.pdbx_Rpim_I_all 
_reflns_shell.pdbx_CC_half 
1 1 1.260 1.280  ? 6431 2310 ? 1.107 ? ? ? 2.800  ? 0.500  ? ? ? ? ? ? 80.700 1.373 0.785 0.322 
1 2 6.780 67.490 ? 4902 394  ? 0.034 ? ? ? 12.400 ? 94.000 ? ? ? ? ? ? 99.900 0.036 0.011 1.000 
# 
_refine.entry_id                                 7HO9 
_refine.pdbx_refine_id                           'X-RAY DIFFRACTION' 
_refine.ls_d_res_high                            1.2600 
_refine.ls_d_res_low                             67.5000 
_refine.pdbx_ls_sigma_F                          0.000 
_refine.pdbx_data_cutoff_high_absF               ? 
_refine.pdbx_data_cutoff_low_absF                ? 
_refine.ls_percent_reflns_obs                    97.9700 
_refine.ls_number_reflns_obs                     51913 
_refine.ls_number_reflns_all                     ? 
_refine.pdbx_ls_cross_valid_method               THROUGHOUT 
_refine.ls_matrix_type                           ? 
_refine.pdbx_R_Free_selection_details            RANDOM 
_refine.details                                  
'HYDROGENS HAVE BEEN ADDED IN THE RIDING POSITIONS U VALUES      : REFINED INDIVIDUALLY' 
_refine.ls_R_factor_all                          ? 
_refine.ls_R_factor_obs                          0.1796 
_refine.ls_R_factor_R_work                       0.1786 
_refine.ls_wR_factor_R_work                      ? 
_refine.ls_R_factor_R_free                       0.1990 
_refine.ls_wR_factor_R_free                      ? 
_refine.ls_percent_reflns_R_free                 4.9000 
_refine.ls_number_reflns_R_free                  2658 
_refine.ls_number_reflns_R_work                  ? 
_refine.ls_R_factor_R_free_error                 ? 
_refine.B_iso_mean                               16.4340 
_refine.solvent_model_param_bsol                 ? 
_refine.solvent_model_param_ksol                 ? 
_refine.pdbx_isotropic_thermal_model             ? 
_refine.aniso_B[1][1]                            0.1200 
_refine.aniso_B[2][2]                            0.1200 
_refine.aniso_B[3][3]                            -0.2400 
_refine.aniso_B[1][2]                            0.0000 
_refine.aniso_B[1][3]                            -0.0000 
_refine.aniso_B[2][3]                            -0.0000 
_refine.correlation_coeff_Fo_to_Fc               0.9700 
_refine.correlation_coeff_Fo_to_Fc_free          0.9630 
_refine.overall_SU_R_Cruickshank_DPI             ? 
_refine.pdbx_overall_SU_R_free_Cruickshank_DPI   ? 
_refine.pdbx_overall_SU_R_Blow_DPI               ? 
_refine.pdbx_overall_SU_R_free_Blow_DPI          ? 
_refine.overall_SU_R_free                        ? 
_refine.pdbx_overall_ESU_R                       0.0490 
_refine.pdbx_overall_ESU_R_Free                  0.0510 
_refine.overall_SU_ML                            0.0430 
_refine.overall_SU_B                             1.0720 
_refine.solvent_model_details                    MASK 
_refine.pdbx_solvent_vdw_probe_radii             1.2000 
_refine.pdbx_solvent_ion_probe_radii             0.8000 
_refine.pdbx_solvent_shrinkage_radii             0.8000 
_refine.ls_number_parameters                     ? 
_refine.ls_number_restraints                     ? 
_refine.pdbx_starting_model                      ? 
_refine.pdbx_method_to_determine_struct          'FOURIER SYNTHESIS' 
_refine.pdbx_stereochemistry_target_values       'MAXIMUM LIKELIHOOD' 
_refine.pdbx_stereochem_target_val_spec_case     ? 
_refine.overall_FOM_work_R_set                   ? 
_refine.B_iso_max                                75.910 
_refine.B_iso_min                                8.210 
_refine.pdbx_overall_phase_error                 ? 
_refine.occupancy_max                            ? 
_refine.occupancy_min                            ? 
_refine.pdbx_diffrn_id                           1 
_refine.pdbx_TLS_residual_ADP_flag               ? 
_refine.pdbx_ls_sigma_I                          ? 
_refine.pdbx_data_cutoff_high_rms_absF           ? 
_refine.ls_R_factor_R_free_error_details         ? 
# 
_refine_hist.cycle_id                         final 
_refine_hist.pdbx_refine_id                   'X-RAY DIFFRACTION' 
_refine_hist.d_res_high                       1.2600 
_refine_hist.d_res_low                        67.5000 
_refine_hist.pdbx_number_atoms_ligand         20 
_refine_hist.number_atoms_solvent             34 
_refine_hist.number_atoms_total               1547 
_refine_hist.pdbx_number_residues_total       185 
_refine_hist.pdbx_B_iso_mean_ligand           35.43 
_refine_hist.pdbx_B_iso_mean_solvent          23.95 
_refine_hist.pdbx_number_atoms_protein        1493 
_refine_hist.pdbx_number_atoms_nucleic_acid   0 
# 
loop_
_refine_ls_restr.pdbx_refine_id 
_refine_ls_restr.type 
_refine_ls_restr.number 
_refine_ls_restr.dev_ideal 
_refine_ls_restr.dev_ideal_target 
_refine_ls_restr.weight 
_refine_ls_restr.pdbx_restraint_function 
'X-RAY DIFFRACTION' r_bond_refined_d       2095 0.012  0.014  ? ? 
'X-RAY DIFFRACTION' r_bond_other_d         1613 0.001  0.015  ? ? 
'X-RAY DIFFRACTION' r_angle_refined_deg    2494 1.840  1.638  ? ? 
'X-RAY DIFFRACTION' r_angle_other_deg      3720 1.452  1.579  ? ? 
'X-RAY DIFFRACTION' r_dihedral_angle_1_deg 235  7.073  5.000  ? ? 
'X-RAY DIFFRACTION' r_dihedral_angle_2_deg 107  27.803 21.215 ? ? 
'X-RAY DIFFRACTION' r_dihedral_angle_3_deg 285  11.255 15.000 ? ? 
'X-RAY DIFFRACTION' r_dihedral_angle_4_deg 15   22.096 15.000 ? ? 
'X-RAY DIFFRACTION' r_chiral_restr         219  0.089  0.200  ? ? 
'X-RAY DIFFRACTION' r_gen_planes_refined   2214 0.011  0.020  ? ? 
'X-RAY DIFFRACTION' r_gen_planes_other     494  0.002  0.020  ? ? 
'X-RAY DIFFRACTION' r_mcbond_it            1058 1.334  1.565  ? ? 
'X-RAY DIFFRACTION' r_mcbond_other         942  1.382  1.411  ? ? 
'X-RAY DIFFRACTION' r_mcangle_it           1129 2.231  2.126  ? ? 
# 
_refine_ls_shell.d_res_high                       1.2600 
_refine_ls_shell.d_res_low                        1.2930 
_refine_ls_shell.pdbx_total_number_of_bins_used   20 
_refine_ls_shell.percent_reflns_obs               81.9400 
_refine_ls_shell.number_reflns_R_work             3188 
_refine_ls_shell.R_factor_all                     ? 
_refine_ls_shell.R_factor_R_work                  0.3500 
_refine_ls_shell.R_factor_R_free                  0.3630 
_refine_ls_shell.percent_reflns_R_free            ? 
_refine_ls_shell.number_reflns_R_free             170 
_refine_ls_shell.R_factor_R_free_error            ? 
_refine_ls_shell.number_reflns_all                3358 
_refine_ls_shell.number_reflns_obs                ? 
_refine_ls_shell.pdbx_refine_id                   'X-RAY DIFFRACTION' 
# 
_struct.entry_id                  7HO9 
_struct.title                     'PanDDA analysis group deposition -- Crystal Structure of TRIM21 in complex with Z1250132788' 
_struct.pdbx_model_details        ? 
_struct.pdbx_CASP_flag            ? 
_struct.pdbx_model_type_details   ? 
# 
_struct_keywords.entry_id        7HO9 
_struct_keywords.text            'SGC - Diamond I04-1 fragment screening, PanDDA, XChemExplorer, TRIM21, LIGASE' 
_struct_keywords.pdbx_keywords   LIGASE 
# 
loop_
_struct_asym.id 
_struct_asym.pdbx_blank_PDB_chainid_flag 
_struct_asym.pdbx_modified 
_struct_asym.entity_id 
_struct_asym.details 
A N N 1 ? 
B N N 2 ? 
C N N 3 ? 
D N N 4 ? 
E N N 5 ? 
# 
_struct_ref.id                         1 
_struct_ref.db_name                    UNP 
_struct_ref.db_code                    RO52_MOUSE 
_struct_ref.pdbx_db_accession          Q62191 
_struct_ref.pdbx_db_isoform            ? 
_struct_ref.entity_id                  1 
_struct_ref.pdbx_seq_one_letter_code   
;VHITLDRNTANSWLIISKDRRQVRMGDTHQNVSDNKERFSNYPMVLGAQRFSSGKMYWEVDVTQKEAWDLGVCRDSVQRK
GQFSLSPENGFWTIWLWQDSYEAGTSPQTTLHIQVPPCQIGIFVDYEAGVVSFYNITDHGSLIYTFSECVFAGPLRPFFN
VGFNYSGGNAAPLKLCPLKM
;
_struct_ref.pdbx_align_begin           291 
# 
_struct_ref_seq.align_id                      1 
_struct_ref_seq.ref_id                        1 
_struct_ref_seq.pdbx_PDB_id_code              7HO9 
_struct_ref_seq.pdbx_strand_id                B 
_struct_ref_seq.seq_align_beg                 9 
_struct_ref_seq.pdbx_seq_align_beg_ins_code   ? 
_struct_ref_seq.seq_align_end                 188 
_struct_ref_seq.pdbx_seq_align_end_ins_code   ? 
_struct_ref_seq.pdbx_db_accession             Q62191 
_struct_ref_seq.db_align_beg                  291 
_struct_ref_seq.pdbx_db_align_beg_ins_code    ? 
_struct_ref_seq.db_align_end                  470 
_struct_ref_seq.pdbx_db_align_end_ins_code    ? 
_struct_ref_seq.pdbx_auth_seq_align_beg       15 
_struct_ref_seq.pdbx_auth_seq_align_end       194 
# 
loop_
_struct_ref_seq_dif.align_id 
_struct_ref_seq_dif.pdbx_pdb_id_code 
_struct_ref_seq_dif.mon_id 
_struct_ref_seq_dif.pdbx_pdb_strand_id 
_struct_ref_seq_dif.seq_num 
_struct_ref_seq_dif.pdbx_pdb_ins_code 
_struct_ref_seq_dif.pdbx_seq_db_name 
_struct_ref_seq_dif.pdbx_seq_db_accession_code 
_struct_ref_seq_dif.db_mon_id 
_struct_ref_seq_dif.pdbx_seq_db_seq_num 
_struct_ref_seq_dif.details 
_struct_ref_seq_dif.pdbx_auth_seq_num 
_struct_ref_seq_dif.pdbx_ordinal 
1 7HO9 MET B 1 ? UNP Q62191 ? ? 'initiating methionine' 7  1 
1 7HO9 HIS B 2 ? UNP Q62191 ? ? 'expression tag'        8  2 
1 7HO9 HIS B 3 ? UNP Q62191 ? ? 'expression tag'        9  3 
1 7HO9 HIS B 4 ? UNP Q62191 ? ? 'expression tag'        10 4 
1 7HO9 HIS B 5 ? UNP Q62191 ? ? 'expression tag'        11 5 
1 7HO9 HIS B 6 ? UNP Q62191 ? ? 'expression tag'        12 6 
1 7HO9 HIS B 7 ? UNP Q62191 ? ? 'expression tag'        13 7 
1 7HO9 MET B 8 ? UNP Q62191 ? ? 'expression tag'        14 8 
# 
_pdbx_struct_assembly.id                   1 
_pdbx_struct_assembly.details              author_defined_assembly 
_pdbx_struct_assembly.method_details       ? 
_pdbx_struct_assembly.oligomeric_details   monomeric 
_pdbx_struct_assembly.oligomeric_count     1 
# 
_pdbx_struct_assembly_gen.assembly_id       1 
_pdbx_struct_assembly_gen.oper_expression   1 
_pdbx_struct_assembly_gen.asym_id_list      A,B,C,D,E 
# 
_pdbx_struct_oper_list.id                   1 
_pdbx_struct_oper_list.type                 'identity operation' 
_pdbx_struct_oper_list.name                 1_555 
_pdbx_struct_oper_list.symmetry_operation   x,y,z 
_pdbx_struct_oper_list.matrix[1][1]         1.0000000000 
_pdbx_struct_oper_list.matrix[1][2]         0.0000000000 
_pdbx_struct_oper_list.matrix[1][3]         0.0000000000 
_pdbx_struct_oper_list.vector[1]            0.0000000000 
_pdbx_struct_oper_list.matrix[2][1]         0.0000000000 
_pdbx_struct_oper_list.matrix[2][2]         1.0000000000 
_pdbx_struct_oper_list.matrix[2][3]         0.0000000000 
_pdbx_struct_oper_list.vector[2]            0.0000000000 
_pdbx_struct_oper_list.matrix[3][1]         0.0000000000 
_pdbx_struct_oper_list.matrix[3][2]         0.0000000000 
_pdbx_struct_oper_list.matrix[3][3]         1.0000000000 
_pdbx_struct_oper_list.vector[3]            0.0000000000 
# 
loop_
_struct_conf.conf_type_id 
_struct_conf.id 
_struct_conf.pdbx_PDB_helix_id 
_struct_conf.beg_label_comp_id 
_struct_conf.beg_label_asym_id 
_struct_conf.beg_label_seq_id 
_struct_conf.pdbx_beg_PDB_ins_code 
_struct_conf.end_label_comp_id 
_struct_conf.end_label_asym_id 
_struct_conf.end_label_seq_id 
_struct_conf.pdbx_end_PDB_ins_code 
_struct_conf.beg_auth_comp_id 
_struct_conf.beg_auth_asym_id 
_struct_conf.beg_auth_seq_id 
_struct_conf.end_auth_comp_id 
_struct_conf.end_auth_asym_id 
_struct_conf.end_auth_seq_id 
_struct_conf.pdbx_PDB_helix_class 
_struct_conf.details 
_struct_conf.pdbx_PDB_helix_length 
HELX_P HELX_P1 AA1 HIS A 4  ? MET A 8  ? HIS B 10  MET B 14  5 ? 5 
HELX_P HELX_P2 AA2 ASP A 14 ? ALA A 18 ? ASP B 20  ALA B 24  5 ? 5 
HELX_P HELX_P3 AA3 SER A 94 ? ASN A 97 ? SER B 100 ASN B 103 5 ? 4 
# 
_struct_conf_type.id          HELX_P 
_struct_conf_type.criteria    ? 
_struct_conf_type.reference   ? 
# 
_struct_mon_prot_cis.pdbx_id                1 
_struct_mon_prot_cis.label_comp_id          SER 
_struct_mon_prot_cis.label_seq_id           114 
_struct_mon_prot_cis.label_asym_id          A 
_struct_mon_prot_cis.label_alt_id           . 
_struct_mon_prot_cis.pdbx_PDB_ins_code      ? 
_struct_mon_prot_cis.auth_comp_id           SER 
_struct_mon_prot_cis.auth_seq_id            120 
_struct_mon_prot_cis.auth_asym_id           B 
_struct_mon_prot_cis.pdbx_label_comp_id_2   PRO 
_struct_mon_prot_cis.pdbx_label_seq_id_2    115 
_struct_mon_prot_cis.pdbx_label_asym_id_2   A 
_struct_mon_prot_cis.pdbx_PDB_ins_code_2    ? 
_struct_mon_prot_cis.pdbx_auth_comp_id_2    PRO 
_struct_mon_prot_cis.pdbx_auth_seq_id_2     121 
_struct_mon_prot_cis.pdbx_auth_asym_id_2    B 
_struct_mon_prot_cis.pdbx_PDB_model_num     1 
_struct_mon_prot_cis.pdbx_omega_angle       -1.93 
# 
loop_
_struct_sheet.id 
_struct_sheet.type 
_struct_sheet.number_strands 
_struct_sheet.details 
AA1 ? 7 ? 
AA2 ? 6 ? 
# 
loop_
_struct_sheet_order.sheet_id 
_struct_sheet_order.range_id_1 
_struct_sheet_order.range_id_2 
_struct_sheet_order.offset 
_struct_sheet_order.sense 
AA1 1 2 ? anti-parallel 
AA1 2 3 ? anti-parallel 
AA1 3 4 ? anti-parallel 
AA1 4 5 ? anti-parallel 
AA1 5 6 ? anti-parallel 
AA1 6 7 ? anti-parallel 
AA2 1 2 ? anti-parallel 
AA2 2 3 ? anti-parallel 
AA2 3 4 ? anti-parallel 
AA2 4 5 ? anti-parallel 
AA2 5 6 ? anti-parallel 
# 
loop_
_struct_sheet_range.sheet_id 
_struct_sheet_range.id 
_struct_sheet_range.beg_label_comp_id 
_struct_sheet_range.beg_label_asym_id 
_struct_sheet_range.beg_label_seq_id 
_struct_sheet_range.pdbx_beg_PDB_ins_code 
_struct_sheet_range.end_label_comp_id 
_struct_sheet_range.end_label_asym_id 
_struct_sheet_range.end_label_seq_id 
_struct_sheet_range.pdbx_end_PDB_ins_code 
_struct_sheet_range.beg_auth_comp_id 
_struct_sheet_range.beg_auth_asym_id 
_struct_sheet_range.beg_auth_seq_id 
_struct_sheet_range.end_auth_comp_id 
_struct_sheet_range.end_auth_asym_id 
_struct_sheet_range.end_auth_seq_id 
AA1 1 LEU A 22  ? ILE A 24  ? LEU B 28  ILE B 30  
AA1 2 GLN A 30  ? MET A 33  ? GLN B 36  MET B 39  
AA1 3 LEU A 181 ? LEU A 183 ? LEU B 187 LEU B 189 
AA1 4 LYS A 63  ? ASP A 69  ? LYS B 69  ASP B 75  
AA1 5 GLN A 127 ? ASP A 133 ? GLN B 133 ASP B 139 
AA1 6 VAL A 138 ? ASN A 143 ? VAL B 144 ASN B 149 
AA1 7 SER A 149 ? PHE A 154 ? SER B 155 PHE B 160 
AA2 1 MET A 52  ? LEU A 54  ? MET B 58  LEU B 60  
AA2 2 LEU A 163 ? ASN A 168 ? LEU B 169 ASN B 174 
AA2 3 TRP A 76  ? ARG A 82  ? TRP B 82  ARG B 88  
AA2 4 PHE A 99  ? TRP A 105 ? PHE B 105 TRP B 111 
AA2 5 SER A 108 ? ALA A 111 ? SER B 114 ALA B 117 
AA2 6 THR A 117 ? THR A 118 ? THR B 123 THR B 124 
# 
loop_
_pdbx_struct_sheet_hbond.sheet_id 
_pdbx_struct_sheet_hbond.range_id_1 
_pdbx_struct_sheet_hbond.range_id_2 
_pdbx_struct_sheet_hbond.range_1_label_atom_id 
_pdbx_struct_sheet_hbond.range_1_label_comp_id 
_pdbx_struct_sheet_hbond.range_1_label_asym_id 
_pdbx_struct_sheet_hbond.range_1_label_seq_id 
_pdbx_struct_sheet_hbond.range_1_PDB_ins_code 
_pdbx_struct_sheet_hbond.range_1_auth_atom_id 
_pdbx_struct_sheet_hbond.range_1_auth_comp_id 
_pdbx_struct_sheet_hbond.range_1_auth_asym_id 
_pdbx_struct_sheet_hbond.range_1_auth_seq_id 
_pdbx_struct_sheet_hbond.range_2_label_atom_id 
_pdbx_struct_sheet_hbond.range_2_label_comp_id 
_pdbx_struct_sheet_hbond.range_2_label_asym_id 
_pdbx_struct_sheet_hbond.range_2_label_seq_id 
_pdbx_struct_sheet_hbond.range_2_PDB_ins_code 
_pdbx_struct_sheet_hbond.range_2_auth_atom_id 
_pdbx_struct_sheet_hbond.range_2_auth_comp_id 
_pdbx_struct_sheet_hbond.range_2_auth_asym_id 
_pdbx_struct_sheet_hbond.range_2_auth_seq_id 
AA1 1 2 N ILE A 23  ? N ILE B 29  O ARG A 32  ? O ARG B 38  
AA1 2 3 N VAL A 31  ? N VAL B 37  O LEU A 181 ? O LEU B 187 
AA1 3 4 O LYS A 182 ? O LYS B 188 N ASP A 69  ? N ASP B 75  
AA1 4 5 N TRP A 66  ? N TRP B 72  O ILE A 130 ? O ILE B 136 
AA1 5 6 N PHE A 131 ? N PHE B 137 O SER A 140 ? O SER B 146 
AA1 6 7 N PHE A 141 ? N PHE B 147 O ILE A 151 ? O ILE B 157 
AA2 1 2 N VAL A 53  ? N VAL B 59  O PHE A 167 ? O PHE B 173 
AA2 2 3 O ARG A 164 ? O ARG B 170 N CYS A 81  ? N CYS B 87  
AA2 3 4 N VAL A 80  ? N VAL B 86  O TRP A 100 ? O TRP B 106 
AA2 4 5 N TRP A 105 ? N TRP B 111 O SER A 108 ? O SER B 114 
AA2 5 6 N ALA A 111 ? N ALA B 117 O THR A 117 ? O THR B 123 
# 
_pdbx_entry_details.entry_id                   7HO9 
_pdbx_entry_details.compound_details           ? 
_pdbx_entry_details.source_details             ? 
_pdbx_entry_details.nonpolymer_details         ? 
_pdbx_entry_details.sequence_details           ? 
_pdbx_entry_details.has_ligand_of_interest     Y 
_pdbx_entry_details.has_protein_modification   N 
# 
_pdbx_validate_rmsd_angle.id                         1 
_pdbx_validate_rmsd_angle.PDB_model_num              1 
_pdbx_validate_rmsd_angle.auth_atom_id_1             CG 
_pdbx_validate_rmsd_angle.auth_asym_id_1             B 
_pdbx_validate_rmsd_angle.auth_comp_id_1             ARG 
_pdbx_validate_rmsd_angle.auth_seq_id_1              64 
_pdbx_validate_rmsd_angle.PDB_ins_code_1             ? 
_pdbx_validate_rmsd_angle.label_alt_id_1             ? 
_pdbx_validate_rmsd_angle.auth_atom_id_2             CD 
_pdbx_validate_rmsd_angle.auth_asym_id_2             B 
_pdbx_validate_rmsd_angle.auth_comp_id_2             ARG 
_pdbx_validate_rmsd_angle.auth_seq_id_2              64 
_pdbx_validate_rmsd_angle.PDB_ins_code_2             ? 
_pdbx_validate_rmsd_angle.label_alt_id_2             ? 
_pdbx_validate_rmsd_angle.auth_atom_id_3             NE 
_pdbx_validate_rmsd_angle.auth_asym_id_3             B 
_pdbx_validate_rmsd_angle.auth_comp_id_3             ARG 
_pdbx_validate_rmsd_angle.auth_seq_id_3              64 
_pdbx_validate_rmsd_angle.PDB_ins_code_3             ? 
_pdbx_validate_rmsd_angle.label_alt_id_3             ? 
_pdbx_validate_rmsd_angle.angle_value                127.23 
_pdbx_validate_rmsd_angle.angle_target_value         111.80 
_pdbx_validate_rmsd_angle.angle_deviation            15.43 
_pdbx_validate_rmsd_angle.angle_standard_deviation   2.10 
_pdbx_validate_rmsd_angle.linker_flag                N 
# 
loop_
_pdbx_validate_torsion.id 
_pdbx_validate_torsion.PDB_model_num 
_pdbx_validate_torsion.auth_comp_id 
_pdbx_validate_torsion.auth_asym_id 
_pdbx_validate_torsion.auth_seq_id 
_pdbx_validate_torsion.PDB_ins_code 
_pdbx_validate_torsion.label_alt_id 
_pdbx_validate_torsion.phi 
_pdbx_validate_torsion.psi 
1 1 ASN B 45  ? ? 70.15   35.20 
2 1 ASP B 152 ? ? -100.48 52.47 
# 
_phasing.method   MR 
# 
loop_
_pdbx_unobs_or_zero_occ_residues.id 
_pdbx_unobs_or_zero_occ_residues.PDB_model_num 
_pdbx_unobs_or_zero_occ_residues.polymer_flag 
_pdbx_unobs_or_zero_occ_residues.occupancy_flag 
_pdbx_unobs_or_zero_occ_residues.auth_asym_id 
_pdbx_unobs_or_zero_occ_residues.auth_comp_id 
_pdbx_unobs_or_zero_occ_residues.auth_seq_id 
_pdbx_unobs_or_zero_occ_residues.PDB_ins_code 
_pdbx_unobs_or_zero_occ_residues.label_asym_id 
_pdbx_unobs_or_zero_occ_residues.label_comp_id 
_pdbx_unobs_or_zero_occ_residues.label_seq_id 
1 1 Y 1 B MET 7   ? A MET 1   
2 1 Y 1 B LYS 193 ? A LYS 187 
3 1 Y 1 B MET 194 ? A MET 188 
# 
loop_
_chem_comp_atom.comp_id 
_chem_comp_atom.atom_id 
_chem_comp_atom.type_symbol 
_chem_comp_atom.pdbx_aromatic_flag 
_chem_comp_atom.pdbx_stereo_config 
_chem_comp_atom.pdbx_ordinal 
A1A3W N1   N Y N 1   
A1A3W C4   C Y N 2   
A1A3W C5   C Y N 3   
A1A3W C6   C Y N 4   
A1A3W C7   C Y N 5   
A1A3W C8   C Y N 6   
A1A3W C3   C N N 7   
A1A3W N    N N N 8   
A1A3W C2   C N S 9   
A1A3W C1   C N N 10  
A1A3W C    C N N 11  
A1A3W H10  H N N 12  
A1A3W H11  H N N 13  
A1A3W H12  H N N 14  
A1A3W H13  H N N 15  
A1A3W H7   H N N 16  
A1A3W H9   H N N 17  
A1A3W H8   H N N 18  
A1A3W H6   H N N 19  
A1A3W H5   H N N 20  
A1A3W H4   H N N 21  
A1A3W H3   H N N 22  
A1A3W H2   H N N 23  
A1A3W H1   H N N 24  
A1A3W H    H N N 25  
ALA   N    N N N 26  
ALA   CA   C N S 27  
ALA   C    C N N 28  
ALA   O    O N N 29  
ALA   CB   C N N 30  
ALA   OXT  O N N 31  
ALA   H    H N N 32  
ALA   H2   H N N 33  
ALA   HA   H N N 34  
ALA   HB1  H N N 35  
ALA   HB2  H N N 36  
ALA   HB3  H N N 37  
ALA   HXT  H N N 38  
ARG   N    N N N 39  
ARG   CA   C N S 40  
ARG   C    C N N 41  
ARG   O    O N N 42  
ARG   CB   C N N 43  
ARG   CG   C N N 44  
ARG   CD   C N N 45  
ARG   NE   N N N 46  
ARG   CZ   C N N 47  
ARG   NH1  N N N 48  
ARG   NH2  N N N 49  
ARG   OXT  O N N 50  
ARG   H    H N N 51  
ARG   H2   H N N 52  
ARG   HA   H N N 53  
ARG   HB2  H N N 54  
ARG   HB3  H N N 55  
ARG   HG2  H N N 56  
ARG   HG3  H N N 57  
ARG   HD2  H N N 58  
ARG   HD3  H N N 59  
ARG   HE   H N N 60  
ARG   HH11 H N N 61  
ARG   HH12 H N N 62  
ARG   HH21 H N N 63  
ARG   HH22 H N N 64  
ARG   HXT  H N N 65  
ASN   N    N N N 66  
ASN   CA   C N S 67  
ASN   C    C N N 68  
ASN   O    O N N 69  
ASN   CB   C N N 70  
ASN   CG   C N N 71  
ASN   OD1  O N N 72  
ASN   ND2  N N N 73  
ASN   OXT  O N N 74  
ASN   H    H N N 75  
ASN   H2   H N N 76  
ASN   HA   H N N 77  
ASN   HB2  H N N 78  
ASN   HB3  H N N 79  
ASN   HD21 H N N 80  
ASN   HD22 H N N 81  
ASN   HXT  H N N 82  
ASP   N    N N N 83  
ASP   CA   C N S 84  
ASP   C    C N N 85  
ASP   O    O N N 86  
ASP   CB   C N N 87  
ASP   CG   C N N 88  
ASP   OD1  O N N 89  
ASP   OD2  O N N 90  
ASP   OXT  O N N 91  
ASP   H    H N N 92  
ASP   H2   H N N 93  
ASP   HA   H N N 94  
ASP   HB2  H N N 95  
ASP   HB3  H N N 96  
ASP   HD2  H N N 97  
ASP   HXT  H N N 98  
CYS   N    N N N 99  
CYS   CA   C N R 100 
CYS   C    C N N 101 
CYS   O    O N N 102 
CYS   CB   C N N 103 
CYS   SG   S N N 104 
CYS   OXT  O N N 105 
CYS   H    H N N 106 
CYS   H2   H N N 107 
CYS   HA   H N N 108 
CYS   HB2  H N N 109 
CYS   HB3  H N N 110 
CYS   HG   H N N 111 
CYS   HXT  H N N 112 
EDO   C1   C N N 113 
EDO   O1   O N N 114 
EDO   C2   C N N 115 
EDO   O2   O N N 116 
EDO   H11  H N N 117 
EDO   H12  H N N 118 
EDO   HO1  H N N 119 
EDO   H21  H N N 120 
EDO   H22  H N N 121 
EDO   HO2  H N N 122 
GLN   N    N N N 123 
GLN   CA   C N S 124 
GLN   C    C N N 125 
GLN   O    O N N 126 
GLN   CB   C N N 127 
GLN   CG   C N N 128 
GLN   CD   C N N 129 
GLN   OE1  O N N 130 
GLN   NE2  N N N 131 
GLN   OXT  O N N 132 
GLN   H    H N N 133 
GLN   H2   H N N 134 
GLN   HA   H N N 135 
GLN   HB2  H N N 136 
GLN   HB3  H N N 137 
GLN   HG2  H N N 138 
GLN   HG3  H N N 139 
GLN   HE21 H N N 140 
GLN   HE22 H N N 141 
GLN   HXT  H N N 142 
GLU   N    N N N 143 
GLU   CA   C N S 144 
GLU   C    C N N 145 
GLU   O    O N N 146 
GLU   CB   C N N 147 
GLU   CG   C N N 148 
GLU   CD   C N N 149 
GLU   OE1  O N N 150 
GLU   OE2  O N N 151 
GLU   OXT  O N N 152 
GLU   H    H N N 153 
GLU   H2   H N N 154 
GLU   HA   H N N 155 
GLU   HB2  H N N 156 
GLU   HB3  H N N 157 
GLU   HG2  H N N 158 
GLU   HG3  H N N 159 
GLU   HE2  H N N 160 
GLU   HXT  H N N 161 
GLY   N    N N N 162 
GLY   CA   C N N 163 
GLY   C    C N N 164 
GLY   O    O N N 165 
GLY   OXT  O N N 166 
GLY   H    H N N 167 
GLY   H2   H N N 168 
GLY   HA2  H N N 169 
GLY   HA3  H N N 170 
GLY   HXT  H N N 171 
HIS   N    N N N 172 
HIS   CA   C N S 173 
HIS   C    C N N 174 
HIS   O    O N N 175 
HIS   CB   C N N 176 
HIS   CG   C Y N 177 
HIS   ND1  N Y N 178 
HIS   CD2  C Y N 179 
HIS   CE1  C Y N 180 
HIS   NE2  N Y N 181 
HIS   OXT  O N N 182 
HIS   H    H N N 183 
HIS   H2   H N N 184 
HIS   HA   H N N 185 
HIS   HB2  H N N 186 
HIS   HB3  H N N 187 
HIS   HD1  H N N 188 
HIS   HD2  H N N 189 
HIS   HE1  H N N 190 
HIS   HE2  H N N 191 
HIS   HXT  H N N 192 
HOH   O    O N N 193 
HOH   H1   H N N 194 
HOH   H2   H N N 195 
ILE   N    N N N 196 
ILE   CA   C N S 197 
ILE   C    C N N 198 
ILE   O    O N N 199 
ILE   CB   C N S 200 
ILE   CG1  C N N 201 
ILE   CG2  C N N 202 
ILE   CD1  C N N 203 
ILE   OXT  O N N 204 
ILE   H    H N N 205 
ILE   H2   H N N 206 
ILE   HA   H N N 207 
ILE   HB   H N N 208 
ILE   HG12 H N N 209 
ILE   HG13 H N N 210 
ILE   HG21 H N N 211 
ILE   HG22 H N N 212 
ILE   HG23 H N N 213 
ILE   HD11 H N N 214 
ILE   HD12 H N N 215 
ILE   HD13 H N N 216 
ILE   HXT  H N N 217 
LEU   N    N N N 218 
LEU   CA   C N S 219 
LEU   C    C N N 220 
LEU   O    O N N 221 
LEU   CB   C N N 222 
LEU   CG   C N N 223 
LEU   CD1  C N N 224 
LEU   CD2  C N N 225 
LEU   OXT  O N N 226 
LEU   H    H N N 227 
LEU   H2   H N N 228 
LEU   HA   H N N 229 
LEU   HB2  H N N 230 
LEU   HB3  H N N 231 
LEU   HG   H N N 232 
LEU   HD11 H N N 233 
LEU   HD12 H N N 234 
LEU   HD13 H N N 235 
LEU   HD21 H N N 236 
LEU   HD22 H N N 237 
LEU   HD23 H N N 238 
LEU   HXT  H N N 239 
LYS   N    N N N 240 
LYS   CA   C N S 241 
LYS   C    C N N 242 
LYS   O    O N N 243 
LYS   CB   C N N 244 
LYS   CG   C N N 245 
LYS   CD   C N N 246 
LYS   CE   C N N 247 
LYS   NZ   N N N 248 
LYS   OXT  O N N 249 
LYS   H    H N N 250 
LYS   H2   H N N 251 
LYS   HA   H N N 252 
LYS   HB2  H N N 253 
LYS   HB3  H N N 254 
LYS   HG2  H N N 255 
LYS   HG3  H N N 256 
LYS   HD2  H N N 257 
LYS   HD3  H N N 258 
LYS   HE2  H N N 259 
LYS   HE3  H N N 260 
LYS   HZ1  H N N 261 
LYS   HZ2  H N N 262 
LYS   HZ3  H N N 263 
LYS   HXT  H N N 264 
MET   N    N N N 265 
MET   CA   C N S 266 
MET   C    C N N 267 
MET   O    O N N 268 
MET   CB   C N N 269 
MET   CG   C N N 270 
MET   SD   S N N 271 
MET   CE   C N N 272 
MET   OXT  O N N 273 
MET   H    H N N 274 
MET   H2   H N N 275 
MET   HA   H N N 276 
MET   HB2  H N N 277 
MET   HB3  H N N 278 
MET   HG2  H N N 279 
MET   HG3  H N N 280 
MET   HE1  H N N 281 
MET   HE2  H N N 282 
MET   HE3  H N N 283 
MET   HXT  H N N 284 
PHE   N    N N N 285 
PHE   CA   C N S 286 
PHE   C    C N N 287 
PHE   O    O N N 288 
PHE   CB   C N N 289 
PHE   CG   C Y N 290 
PHE   CD1  C Y N 291 
PHE   CD2  C Y N 292 
PHE   CE1  C Y N 293 
PHE   CE2  C Y N 294 
PHE   CZ   C Y N 295 
PHE   OXT  O N N 296 
PHE   H    H N N 297 
PHE   H2   H N N 298 
PHE   HA   H N N 299 
PHE   HB2  H N N 300 
PHE   HB3  H N N 301 
PHE   HD1  H N N 302 
PHE   HD2  H N N 303 
PHE   HE1  H N N 304 
PHE   HE2  H N N 305 
PHE   HZ   H N N 306 
PHE   HXT  H N N 307 
PRO   N    N N N 308 
PRO   CA   C N S 309 
PRO   C    C N N 310 
PRO   O    O N N 311 
PRO   CB   C N N 312 
PRO   CG   C N N 313 
PRO   CD   C N N 314 
PRO   OXT  O N N 315 
PRO   H    H N N 316 
PRO   HA   H N N 317 
PRO   HB2  H N N 318 
PRO   HB3  H N N 319 
PRO   HG2  H N N 320 
PRO   HG3  H N N 321 
PRO   HD2  H N N 322 
PRO   HD3  H N N 323 
PRO   HXT  H N N 324 
SER   N    N N N 325 
SER   CA   C N S 326 
SER   C    C N N 327 
SER   O    O N N 328 
SER   CB   C N N 329 
SER   OG   O N N 330 
SER   OXT  O N N 331 
SER   H    H N N 332 
SER   H2   H N N 333 
SER   HA   H N N 334 
SER   HB2  H N N 335 
SER   HB3  H N N 336 
SER   HG   H N N 337 
SER   HXT  H N N 338 
SO4   S    S N N 339 
SO4   O1   O N N 340 
SO4   O2   O N N 341 
SO4   O3   O N N 342 
SO4   O4   O N N 343 
THR   N    N N N 344 
THR   CA   C N S 345 
THR   C    C N N 346 
THR   O    O N N 347 
THR   CB   C N R 348 
THR   OG1  O N N 349 
THR   CG2  C N N 350 
THR   OXT  O N N 351 
THR   H    H N N 352 
THR   H2   H N N 353 
THR   HA   H N N 354 
THR   HB   H N N 355 
THR   HG1  H N N 356 
THR   HG21 H N N 357 
THR   HG22 H N N 358 
THR   HG23 H N N 359 
THR   HXT  H N N 360 
TRP   N    N N N 361 
TRP   CA   C N S 362 
TRP   C    C N N 363 
TRP   O    O N N 364 
TRP   CB   C N N 365 
TRP   CG   C Y N 366 
TRP   CD1  C Y N 367 
TRP   CD2  C Y N 368 
TRP   NE1  N Y N 369 
TRP   CE2  C Y N 370 
TRP   CE3  C Y N 371 
TRP   CZ2  C Y N 372 
TRP   CZ3  C Y N 373 
TRP   CH2  C Y N 374 
TRP   OXT  O N N 375 
TRP   H    H N N 376 
TRP   H2   H N N 377 
TRP   HA   H N N 378 
TRP   HB2  H N N 379 
TRP   HB3  H N N 380 
TRP   HD1  H N N 381 
TRP   HE1  H N N 382 
TRP   HE3  H N N 383 
TRP   HZ2  H N N 384 
TRP   HZ3  H N N 385 
TRP   HH2  H N N 386 
TRP   HXT  H N N 387 
TYR   N    N N N 388 
TYR   CA   C N S 389 
TYR   C    C N N 390 
TYR   O    O N N 391 
TYR   CB   C N N 392 
TYR   CG   C Y N 393 
TYR   CD1  C Y N 394 
TYR   CD2  C Y N 395 
TYR   CE1  C Y N 396 
TYR   CE2  C Y N 397 
TYR   CZ   C Y N 398 
TYR   OH   O N N 399 
TYR   OXT  O N N 400 
TYR   H    H N N 401 
TYR   H2   H N N 402 
TYR   HA   H N N 403 
TYR   HB2  H N N 404 
TYR   HB3  H N N 405 
TYR   HD1  H N N 406 
TYR   HD2  H N N 407 
TYR   HE1  H N N 408 
TYR   HE2  H N N 409 
TYR   HH   H N N 410 
TYR   HXT  H N N 411 
VAL   N    N N N 412 
VAL   CA   C N S 413 
VAL   C    C N N 414 
VAL   O    O N N 415 
VAL   CB   C N N 416 
VAL   CG1  C N N 417 
VAL   CG2  C N N 418 
VAL   OXT  O N N 419 
VAL   H    H N N 420 
VAL   H2   H N N 421 
VAL   HA   H N N 422 
VAL   HB   H N N 423 
VAL   HG11 H N N 424 
VAL   HG12 H N N 425 
VAL   HG13 H N N 426 
VAL   HG21 H N N 427 
VAL   HG22 H N N 428 
VAL   HG23 H N N 429 
VAL   HXT  H N N 430 
# 
loop_
_chem_comp_bond.comp_id 
_chem_comp_bond.atom_id_1 
_chem_comp_bond.atom_id_2 
_chem_comp_bond.value_order 
_chem_comp_bond.pdbx_aromatic_flag 
_chem_comp_bond.pdbx_stereo_config 
_chem_comp_bond.pdbx_ordinal 
A1A3W C   C1   sing N N 1   
A1A3W C1  C2   sing N N 2   
A1A3W C2  N    sing N N 3   
A1A3W N   C3   sing N N 4   
A1A3W C4  C2   sing N N 5   
A1A3W C4  C5   sing Y N 6   
A1A3W C5  C6   doub Y N 7   
A1A3W C6  N1   sing Y N 8   
A1A3W N1  C7   doub Y N 9   
A1A3W C7  C8   sing Y N 10  
A1A3W C8  C4   doub Y N 11  
A1A3W C5  H10  sing N N 12  
A1A3W C6  H11  sing N N 13  
A1A3W C7  H12  sing N N 14  
A1A3W C8  H13  sing N N 15  
A1A3W C3  H7   sing N N 16  
A1A3W C3  H9   sing N N 17  
A1A3W C3  H8   sing N N 18  
A1A3W N   H6   sing N N 19  
A1A3W C2  H5   sing N N 20  
A1A3W C1  H4   sing N N 21  
A1A3W C1  H3   sing N N 22  
A1A3W C   H2   sing N N 23  
A1A3W C   H1   sing N N 24  
A1A3W C   H    sing N N 25  
ALA   N   CA   sing N N 26  
ALA   N   H    sing N N 27  
ALA   N   H2   sing N N 28  
ALA   CA  C    sing N N 29  
ALA   CA  CB   sing N N 30  
ALA   CA  HA   sing N N 31  
ALA   C   O    doub N N 32  
ALA   C   OXT  sing N N 33  
ALA   CB  HB1  sing N N 34  
ALA   CB  HB2  sing N N 35  
ALA   CB  HB3  sing N N 36  
ALA   OXT HXT  sing N N 37  
ARG   N   CA   sing N N 38  
ARG   N   H    sing N N 39  
ARG   N   H2   sing N N 40  
ARG   CA  C    sing N N 41  
ARG   CA  CB   sing N N 42  
ARG   CA  HA   sing N N 43  
ARG   C   O    doub N N 44  
ARG   C   OXT  sing N N 45  
ARG   CB  CG   sing N N 46  
ARG   CB  HB2  sing N N 47  
ARG   CB  HB3  sing N N 48  
ARG   CG  CD   sing N N 49  
ARG   CG  HG2  sing N N 50  
ARG   CG  HG3  sing N N 51  
ARG   CD  NE   sing N N 52  
ARG   CD  HD2  sing N N 53  
ARG   CD  HD3  sing N N 54  
ARG   NE  CZ   sing N N 55  
ARG   NE  HE   sing N N 56  
ARG   CZ  NH1  sing N N 57  
ARG   CZ  NH2  doub N N 58  
ARG   NH1 HH11 sing N N 59  
ARG   NH1 HH12 sing N N 60  
ARG   NH2 HH21 sing N N 61  
ARG   NH2 HH22 sing N N 62  
ARG   OXT HXT  sing N N 63  
ASN   N   CA   sing N N 64  
ASN   N   H    sing N N 65  
ASN   N   H2   sing N N 66  
ASN   CA  C    sing N N 67  
ASN   CA  CB   sing N N 68  
ASN   CA  HA   sing N N 69  
ASN   C   O    doub N N 70  
ASN   C   OXT  sing N N 71  
ASN   CB  CG   sing N N 72  
ASN   CB  HB2  sing N N 73  
ASN   CB  HB3  sing N N 74  
ASN   CG  OD1  doub N N 75  
ASN   CG  ND2  sing N N 76  
ASN   ND2 HD21 sing N N 77  
ASN   ND2 HD22 sing N N 78  
ASN   OXT HXT  sing N N 79  
ASP   N   CA   sing N N 80  
ASP   N   H    sing N N 81  
ASP   N   H2   sing N N 82  
ASP   CA  C    sing N N 83  
ASP   CA  CB   sing N N 84  
ASP   CA  HA   sing N N 85  
ASP   C   O    doub N N 86  
ASP   C   OXT  sing N N 87  
ASP   CB  CG   sing N N 88  
ASP   CB  HB2  sing N N 89  
ASP   CB  HB3  sing N N 90  
ASP   CG  OD1  doub N N 91  
ASP   CG  OD2  sing N N 92  
ASP   OD2 HD2  sing N N 93  
ASP   OXT HXT  sing N N 94  
CYS   N   CA   sing N N 95  
CYS   N   H    sing N N 96  
CYS   N   H2   sing N N 97  
CYS   CA  C    sing N N 98  
CYS   CA  CB   sing N N 99  
CYS   CA  HA   sing N N 100 
CYS   C   O    doub N N 101 
CYS   C   OXT  sing N N 102 
CYS   CB  SG   sing N N 103 
CYS   CB  HB2  sing N N 104 
CYS   CB  HB3  sing N N 105 
CYS   SG  HG   sing N N 106 
CYS   OXT HXT  sing N N 107 
EDO   C1  O1   sing N N 108 
EDO   C1  C2   sing N N 109 
EDO   C1  H11  sing N N 110 
EDO   C1  H12  sing N N 111 
EDO   O1  HO1  sing N N 112 
EDO   C2  O2   sing N N 113 
EDO   C2  H21  sing N N 114 
EDO   C2  H22  sing N N 115 
EDO   O2  HO2  sing N N 116 
GLN   N   CA   sing N N 117 
GLN   N   H    sing N N 118 
GLN   N   H2   sing N N 119 
GLN   CA  C    sing N N 120 
GLN   CA  CB   sing N N 121 
GLN   CA  HA   sing N N 122 
GLN   C   O    doub N N 123 
GLN   C   OXT  sing N N 124 
GLN   CB  CG   sing N N 125 
GLN   CB  HB2  sing N N 126 
GLN   CB  HB3  sing N N 127 
GLN   CG  CD   sing N N 128 
GLN   CG  HG2  sing N N 129 
GLN   CG  HG3  sing N N 130 
GLN   CD  OE1  doub N N 131 
GLN   CD  NE2  sing N N 132 
GLN   NE2 HE21 sing N N 133 
GLN   NE2 HE22 sing N N 134 
GLN   OXT HXT  sing N N 135 
GLU   N   CA   sing N N 136 
GLU   N   H    sing N N 137 
GLU   N   H2   sing N N 138 
GLU   CA  C    sing N N 139 
GLU   CA  CB   sing N N 140 
GLU   CA  HA   sing N N 141 
GLU   C   O    doub N N 142 
GLU   C   OXT  sing N N 143 
GLU   CB  CG   sing N N 144 
GLU   CB  HB2  sing N N 145 
GLU   CB  HB3  sing N N 146 
GLU   CG  CD   sing N N 147 
GLU   CG  HG2  sing N N 148 
GLU   CG  HG3  sing N N 149 
GLU   CD  OE1  doub N N 150 
GLU   CD  OE2  sing N N 151 
GLU   OE2 HE2  sing N N 152 
GLU   OXT HXT  sing N N 153 
GLY   N   CA   sing N N 154 
GLY   N   H    sing N N 155 
GLY   N   H2   sing N N 156 
GLY   CA  C    sing N N 157 
GLY   CA  HA2  sing N N 158 
GLY   CA  HA3  sing N N 159 
GLY   C   O    doub N N 160 
GLY   C   OXT  sing N N 161 
GLY   OXT HXT  sing N N 162 
HIS   N   CA   sing N N 163 
HIS   N   H    sing N N 164 
HIS   N   H2   sing N N 165 
HIS   CA  C    sing N N 166 
HIS   CA  CB   sing N N 167 
HIS   CA  HA   sing N N 168 
HIS   C   O    doub N N 169 
HIS   C   OXT  sing N N 170 
HIS   CB  CG   sing N N 171 
HIS   CB  HB2  sing N N 172 
HIS   CB  HB3  sing N N 173 
HIS   CG  ND1  sing Y N 174 
HIS   CG  CD2  doub Y N 175 
HIS   ND1 CE1  doub Y N 176 
HIS   ND1 HD1  sing N N 177 
HIS   CD2 NE2  sing Y N 178 
HIS   CD2 HD2  sing N N 179 
HIS   CE1 NE2  sing Y N 180 
HIS   CE1 HE1  sing N N 181 
HIS   NE2 HE2  sing N N 182 
HIS   OXT HXT  sing N N 183 
HOH   O   H1   sing N N 184 
HOH   O   H2   sing N N 185 
ILE   N   CA   sing N N 186 
ILE   N   H    sing N N 187 
ILE   N   H2   sing N N 188 
ILE   CA  C    sing N N 189 
ILE   CA  CB   sing N N 190 
ILE   CA  HA   sing N N 191 
ILE   C   O    doub N N 192 
ILE   C   OXT  sing N N 193 
ILE   CB  CG1  sing N N 194 
ILE   CB  CG2  sing N N 195 
ILE   CB  HB   sing N N 196 
ILE   CG1 CD1  sing N N 197 
ILE   CG1 HG12 sing N N 198 
ILE   CG1 HG13 sing N N 199 
ILE   CG2 HG21 sing N N 200 
ILE   CG2 HG22 sing N N 201 
ILE   CG2 HG23 sing N N 202 
ILE   CD1 HD11 sing N N 203 
ILE   CD1 HD12 sing N N 204 
ILE   CD1 HD13 sing N N 205 
ILE   OXT HXT  sing N N 206 
LEU   N   CA   sing N N 207 
LEU   N   H    sing N N 208 
LEU   N   H2   sing N N 209 
LEU   CA  C    sing N N 210 
LEU   CA  CB   sing N N 211 
LEU   CA  HA   sing N N 212 
LEU   C   O    doub N N 213 
LEU   C   OXT  sing N N 214 
LEU   CB  CG   sing N N 215 
LEU   CB  HB2  sing N N 216 
LEU   CB  HB3  sing N N 217 
LEU   CG  CD1  sing N N 218 
LEU   CG  CD2  sing N N 219 
LEU   CG  HG   sing N N 220 
LEU   CD1 HD11 sing N N 221 
LEU   CD1 HD12 sing N N 222 
LEU   CD1 HD13 sing N N 223 
LEU   CD2 HD21 sing N N 224 
LEU   CD2 HD22 sing N N 225 
LEU   CD2 HD23 sing N N 226 
LEU   OXT HXT  sing N N 227 
LYS   N   CA   sing N N 228 
LYS   N   H    sing N N 229 
LYS   N   H2   sing N N 230 
LYS   CA  C    sing N N 231 
LYS   CA  CB   sing N N 232 
LYS   CA  HA   sing N N 233 
LYS   C   O    doub N N 234 
LYS   C   OXT  sing N N 235 
LYS   CB  CG   sing N N 236 
LYS   CB  HB2  sing N N 237 
LYS   CB  HB3  sing N N 238 
LYS   CG  CD   sing N N 239 
LYS   CG  HG2  sing N N 240 
LYS   CG  HG3  sing N N 241 
LYS   CD  CE   sing N N 242 
LYS   CD  HD2  sing N N 243 
LYS   CD  HD3  sing N N 244 
LYS   CE  NZ   sing N N 245 
LYS   CE  HE2  sing N N 246 
LYS   CE  HE3  sing N N 247 
LYS   NZ  HZ1  sing N N 248 
LYS   NZ  HZ2  sing N N 249 
LYS   NZ  HZ3  sing N N 250 
LYS   OXT HXT  sing N N 251 
MET   N   CA   sing N N 252 
MET   N   H    sing N N 253 
MET   N   H2   sing N N 254 
MET   CA  C    sing N N 255 
MET   CA  CB   sing N N 256 
MET   CA  HA   sing N N 257 
MET   C   O    doub N N 258 
MET   C   OXT  sing N N 259 
MET   CB  CG   sing N N 260 
MET   CB  HB2  sing N N 261 
MET   CB  HB3  sing N N 262 
MET   CG  SD   sing N N 263 
MET   CG  HG2  sing N N 264 
MET   CG  HG3  sing N N 265 
MET   SD  CE   sing N N 266 
MET   CE  HE1  sing N N 267 
MET   CE  HE2  sing N N 268 
MET   CE  HE3  sing N N 269 
MET   OXT HXT  sing N N 270 
PHE   N   CA   sing N N 271 
PHE   N   H    sing N N 272 
PHE   N   H2   sing N N 273 
PHE   CA  C    sing N N 274 
PHE   CA  CB   sing N N 275 
PHE   CA  HA   sing N N 276 
PHE   C   O    doub N N 277 
PHE   C   OXT  sing N N 278 
PHE   CB  CG   sing N N 279 
PHE   CB  HB2  sing N N 280 
PHE   CB  HB3  sing N N 281 
PHE   CG  CD1  doub Y N 282 
PHE   CG  CD2  sing Y N 283 
PHE   CD1 CE1  sing Y N 284 
PHE   CD1 HD1  sing N N 285 
PHE   CD2 CE2  doub Y N 286 
PHE   CD2 HD2  sing N N 287 
PHE   CE1 CZ   doub Y N 288 
PHE   CE1 HE1  sing N N 289 
PHE   CE2 CZ   sing Y N 290 
PHE   CE2 HE2  sing N N 291 
PHE   CZ  HZ   sing N N 292 
PHE   OXT HXT  sing N N 293 
PRO   N   CA   sing N N 294 
PRO   N   CD   sing N N 295 
PRO   N   H    sing N N 296 
PRO   CA  C    sing N N 297 
PRO   CA  CB   sing N N 298 
PRO   CA  HA   sing N N 299 
PRO   C   O    doub N N 300 
PRO   C   OXT  sing N N 301 
PRO   CB  CG   sing N N 302 
PRO   CB  HB2  sing N N 303 
PRO   CB  HB3  sing N N 304 
PRO   CG  CD   sing N N 305 
PRO   CG  HG2  sing N N 306 
PRO   CG  HG3  sing N N 307 
PRO   CD  HD2  sing N N 308 
PRO   CD  HD3  sing N N 309 
PRO   OXT HXT  sing N N 310 
SER   N   CA   sing N N 311 
SER   N   H    sing N N 312 
SER   N   H2   sing N N 313 
SER   CA  C    sing N N 314 
SER   CA  CB   sing N N 315 
SER   CA  HA   sing N N 316 
SER   C   O    doub N N 317 
SER   C   OXT  sing N N 318 
SER   CB  OG   sing N N 319 
SER   CB  HB2  sing N N 320 
SER   CB  HB3  sing N N 321 
SER   OG  HG   sing N N 322 
SER   OXT HXT  sing N N 323 
SO4   S   O1   doub N N 324 
SO4   S   O2   doub N N 325 
SO4   S   O3   sing N N 326 
SO4   S   O4   sing N N 327 
THR   N   CA   sing N N 328 
THR   N   H    sing N N 329 
THR   N   H2   sing N N 330 
THR   CA  C    sing N N 331 
THR   CA  CB   sing N N 332 
THR   CA  HA   sing N N 333 
THR   C   O    doub N N 334 
THR   C   OXT  sing N N 335 
THR   CB  OG1  sing N N 336 
THR   CB  CG2  sing N N 337 
THR   CB  HB   sing N N 338 
THR   OG1 HG1  sing N N 339 
THR   CG2 HG21 sing N N 340 
THR   CG2 HG22 sing N N 341 
THR   CG2 HG23 sing N N 342 
THR   OXT HXT  sing N N 343 
TRP   N   CA   sing N N 344 
TRP   N   H    sing N N 345 
TRP   N   H2   sing N N 346 
TRP   CA  C    sing N N 347 
TRP   CA  CB   sing N N 348 
TRP   CA  HA   sing N N 349 
TRP   C   O    doub N N 350 
TRP   C   OXT  sing N N 351 
TRP   CB  CG   sing N N 352 
TRP   CB  HB2  sing N N 353 
TRP   CB  HB3  sing N N 354 
TRP   CG  CD1  doub Y N 355 
TRP   CG  CD2  sing Y N 356 
TRP   CD1 NE1  sing Y N 357 
TRP   CD1 HD1  sing N N 358 
TRP   CD2 CE2  doub Y N 359 
TRP   CD2 CE3  sing Y N 360 
TRP   NE1 CE2  sing Y N 361 
TRP   NE1 HE1  sing N N 362 
TRP   CE2 CZ2  sing Y N 363 
TRP   CE3 CZ3  doub Y N 364 
TRP   CE3 HE3  sing N N 365 
TRP   CZ2 CH2  doub Y N 366 
TRP   CZ2 HZ2  sing N N 367 
TRP   CZ3 CH2  sing Y N 368 
TRP   CZ3 HZ3  sing N N 369 
TRP   CH2 HH2  sing N N 370 
TRP   OXT HXT  sing N N 371 
TYR   N   CA   sing N N 372 
TYR   N   H    sing N N 373 
TYR   N   H2   sing N N 374 
TYR   CA  C    sing N N 375 
TYR   CA  CB   sing N N 376 
TYR   CA  HA   sing N N 377 
TYR   C   O    doub N N 378 
TYR   C   OXT  sing N N 379 
TYR   CB  CG   sing N N 380 
TYR   CB  HB2  sing N N 381 
TYR   CB  HB3  sing N N 382 
TYR   CG  CD1  doub Y N 383 
TYR   CG  CD2  sing Y N 384 
TYR   CD1 CE1  sing Y N 385 
TYR   CD1 HD1  sing N N 386 
TYR   CD2 CE2  doub Y N 387 
TYR   CD2 HD2  sing N N 388 
TYR   CE1 CZ   doub Y N 389 
TYR   CE1 HE1  sing N N 390 
TYR   CE2 CZ   sing Y N 391 
TYR   CE2 HE2  sing N N 392 
TYR   CZ  OH   sing N N 393 
TYR   OH  HH   sing N N 394 
TYR   OXT HXT  sing N N 395 
VAL   N   CA   sing N N 396 
VAL   N   H    sing N N 397 
VAL   N   H2   sing N N 398 
VAL   CA  C    sing N N 399 
VAL   CA  CB   sing N N 400 
VAL   CA  HA   sing N N 401 
VAL   C   O    doub N N 402 
VAL   C   OXT  sing N N 403 
VAL   CB  CG1  sing N N 404 
VAL   CB  CG2  sing N N 405 
VAL   CB  HB   sing N N 406 
VAL   CG1 HG11 sing N N 407 
VAL   CG1 HG12 sing N N 408 
VAL   CG1 HG13 sing N N 409 
VAL   CG2 HG21 sing N N 410 
VAL   CG2 HG22 sing N N 411 
VAL   CG2 HG23 sing N N 412 
VAL   OXT HXT  sing N N 413 
# 
_pdbx_audit_support.ordinal                1 
_pdbx_audit_support.funding_organization   'European Union (EU)' 
_pdbx_audit_support.grant_number           875510 
_pdbx_audit_support.country                'European Union' 
# 
_pdbx_deposit_group.group_id            G_1002320 
_pdbx_deposit_group.group_description   
;PRYSPRY domain of murine TRIM21 screened against the DSI-poised Fragment Library by X-ray Crystallography at the XChem facility of Diamon Light Source
;
_pdbx_deposit_group.group_title         'PanDDA analysis group deposition' 
_pdbx_deposit_group.group_type          'changed state' 
# 
_pdbx_initial_refinement_model.id               1 
_pdbx_initial_refinement_model.entity_id_list   ? 
_pdbx_initial_refinement_model.type             'experimental model' 
_pdbx_initial_refinement_model.source_name      PDB 
_pdbx_initial_refinement_model.accession_code   2VOK 
_pdbx_initial_refinement_model.details          ? 
# 
_atom_sites.entry_id                    7HO9 
_atom_sites.fract_transf_matrix[1][1]   -0.00879132 
_atom_sites.fract_transf_matrix[1][2]   0.00014717 
_atom_sites.fract_transf_matrix[1][3]   -0.00569541 
_atom_sites.fract_transf_matrix[2][1]   0.00504216 
_atom_sites.fract_transf_matrix[2][2]   -0.00467479 
_atom_sites.fract_transf_matrix[2][3]   -0.00790377 
_atom_sites.fract_transf_matrix[3][1]   -0.00553803 
_atom_sites.fract_transf_matrix[3][2]   -0.01957115 
_atom_sites.fract_transf_matrix[3][3]   0.00804268 
_atom_sites.fract_transf_vector[1]      -0.298387 
_atom_sites.fract_transf_vector[2]      -0.116994 
_atom_sites.fract_transf_vector[3]      -0.503682 
# 
loop_
_atom_type.symbol 
C 
N 
O 
S 
# 
loop_
_atom_site.group_PDB 
_atom_site.id 
_atom_site.type_symbol 
_atom_site.label_atom_id 
_atom_site.label_alt_id 
_atom_site.label_comp_id 
_atom_site.label_asym_id 
_atom_site.label_entity_id 
_atom_site.label_seq_id 
_atom_site.pdbx_PDB_ins_code 
_atom_site.Cartn_x 
_atom_site.Cartn_y 
_atom_site.Cartn_z 
_atom_site.occupancy 
_atom_site.B_iso_or_equiv 
_atom_site.pdbx_formal_charge 
_atom_site.auth_seq_id 
_atom_site.auth_comp_id 
_atom_site.auth_asym_id 
_atom_site.auth_atom_id 
_atom_site.pdbx_PDB_model_num 
ATOM   1    N N   . HIS   A 1 2   ? -16.786 -10.862 -2.165  1.00 67.45 ? 8   HIS   B N   1 
ATOM   2    C CA  . HIS   A 1 2   ? -17.179 -9.428  -2.430  1.00 61.83 ? 8   HIS   B CA  1 
ATOM   3    C C   . HIS   A 1 2   ? -17.569 -9.249  -3.905  1.00 59.82 ? 8   HIS   B C   1 
ATOM   4    O O   . HIS   A 1 2   ? -17.152 -10.089 -4.751  1.00 61.61 ? 8   HIS   B O   1 
ATOM   5    C CB  . HIS   A 1 2   ? -16.053 -8.462  -2.004  1.00 53.55 ? 8   HIS   B CB  1 
ATOM   6    C CG  . HIS   A 1 2   ? -14.833 -8.490  -2.874  1.00 47.30 ? 8   HIS   B CG  1 
ATOM   7    N ND1 . HIS   A 1 2   ? -14.752 -7.775  -4.054  1.00 47.63 ? 8   HIS   B ND1 1 
ATOM   8    C CD2 . HIS   A 1 2   ? -13.640 -9.113  -2.734  1.00 44.15 ? 8   HIS   B CD2 1 
ATOM   9    C CE1 . HIS   A 1 2   ? -13.577 -7.983  -4.621  1.00 45.13 ? 8   HIS   B CE1 1 
ATOM   10   N NE2 . HIS   A 1 2   ? -12.871 -8.799  -3.834  1.00 38.56 ? 8   HIS   B NE2 1 
ATOM   11   N N   . HIS   A 1 3   ? -18.292 -8.166  -4.201  1.00 53.66 ? 9   HIS   B N   1 
ATOM   12   C CA  . HIS   A 1 3   ? -18.754 -7.778  -5.564  1.00 54.84 ? 9   HIS   B CA  1 
ATOM   13   C C   . HIS   A 1 3   ? -18.270 -6.353  -5.914  1.00 46.53 ? 9   HIS   B C   1 
ATOM   14   O O   . HIS   A 1 3   ? -19.032 -5.620  -6.581  1.00 46.63 ? 9   HIS   B O   1 
ATOM   15   C CB  . HIS   A 1 3   ? -20.282 -7.999  -5.641  1.00 63.27 ? 9   HIS   B CB  1 
ATOM   16   C CG  . HIS   A 1 3   ? -20.692 -9.422  -5.385  1.00 72.20 ? 9   HIS   B CG  1 
ATOM   17   N ND1 . HIS   A 1 3   ? -20.333 -10.471 -6.229  1.00 73.42 ? 9   HIS   B ND1 1 
ATOM   18   C CD2 . HIS   A 1 3   ? -21.418 -9.982  -4.390  1.00 75.85 ? 9   HIS   B CD2 1 
ATOM   19   C CE1 . HIS   A 1 3   ? -20.821 -11.605 -5.761  1.00 73.25 ? 9   HIS   B CE1 1 
ATOM   20   N NE2 . HIS   A 1 3   ? -21.495 -11.330 -4.637  1.00 75.91 ? 9   HIS   B NE2 1 
ATOM   21   N N   . HIS   A 1 4   ? -17.020 -5.998  -5.544  1.00 38.72 ? 10  HIS   B N   1 
ATOM   22   C CA  . HIS   A 1 4   ? -16.398 -4.645  -5.696  1.00 31.31 ? 10  HIS   B CA  1 
ATOM   23   C C   . HIS   A 1 4   ? -15.566 -4.567  -6.982  1.00 31.33 ? 10  HIS   B C   1 
ATOM   24   O O   . HIS   A 1 4   ? -15.132 -3.450  -7.345  1.00 27.81 ? 10  HIS   B O   1 
ATOM   25   C CB  . HIS   A 1 4   ? -15.479 -4.313  -4.500  1.00 29.19 ? 10  HIS   B CB  1 
ATOM   26   C CG  . HIS   A 1 4   ? -16.180 -4.232  -3.189  1.00 29.76 ? 10  HIS   B CG  1 
ATOM   27   N ND1 . HIS   A 1 4   ? -17.357 -3.503  -3.006  1.00 28.65 ? 10  HIS   B ND1 1 
ATOM   28   C CD2 . HIS   A 1 4   ? -15.861 -4.739  -1.979  1.00 27.88 ? 10  HIS   B CD2 1 
ATOM   29   C CE1 . HIS   A 1 4   ? -17.725 -3.580  -1.742  1.00 35.12 ? 10  HIS   B CE1 1 
ATOM   30   N NE2 . HIS   A 1 4   ? -16.822 -4.325  -1.096  1.00 33.11 ? 10  HIS   B NE2 1 
ATOM   31   N N   . HIS   A 1 5   ? -15.369 -5.699  -7.667  1.00 31.99 ? 11  HIS   B N   1 
ATOM   32   C CA  . HIS   A 1 5   ? -14.476 -5.839  -8.852  1.00 34.07 ? 11  HIS   B CA  1 
ATOM   33   C C   . HIS   A 1 5   ? -14.809 -4.807  -9.943  1.00 32.58 ? 11  HIS   B C   1 
ATOM   34   O O   . HIS   A 1 5   ? -13.846 -4.284  -10.563 1.00 33.63 ? 11  HIS   B O   1 
ATOM   35   C CB  . HIS   A 1 5   ? -14.506 -7.273  -9.426  1.00 42.33 ? 11  HIS   B CB  1 
ATOM   36   C CG  . HIS   A 1 5   ? -14.225 -8.343  -8.422  1.00 52.35 ? 11  HIS   B CG  1 
ATOM   37   N ND1 . HIS   A 1 5   ? -15.243 -9.036  -7.765  1.00 63.15 ? 11  HIS   B ND1 1 
ATOM   38   C CD2 . HIS   A 1 5   ? -13.058 -8.851  -7.956  1.00 57.13 ? 11  HIS   B CD2 1 
ATOM   39   C CE1 . HIS   A 1 5   ? -14.709 -9.919  -6.935  1.00 62.22 ? 11  HIS   B CE1 1 
ATOM   40   N NE2 . HIS   A 1 5   ? -13.366 -9.823  -7.032  1.00 58.67 ? 11  HIS   B NE2 1 
ATOM   41   N N   . HIS   A 1 6   ? -16.096 -4.465  -10.139 1.00 31.53 ? 12  HIS   B N   1 
ATOM   42   C CA  . HIS   A 1 6   ? -16.573 -3.510  -11.178 1.00 31.13 ? 12  HIS   B CA  1 
ATOM   43   C C   . HIS   A 1 6   ? -16.127 -2.063  -10.922 1.00 29.21 ? 12  HIS   B C   1 
ATOM   44   O O   . HIS   A 1 6   ? -16.275 -1.259  -11.842 1.00 30.87 ? 12  HIS   B O   1 
ATOM   45   C CB  . HIS   A 1 6   ? -18.102 -3.569  -11.348 1.00 37.04 ? 12  HIS   B CB  1 
ATOM   46   C CG  . HIS   A 1 6   ? -18.897 -3.267  -10.125 1.00 36.51 ? 12  HIS   B CG  1 
ATOM   47   N ND1 . HIS   A 1 6   ? -19.687 -2.125  -10.021 1.00 43.17 ? 12  HIS   B ND1 1 
ATOM   48   C CD2 . HIS   A 1 6   ? -19.085 -3.965  -8.983  1.00 38.27 ? 12  HIS   B CD2 1 
ATOM   49   C CE1 . HIS   A 1 6   ? -20.300 -2.119  -8.859  1.00 36.28 ? 12  HIS   B CE1 1 
ATOM   50   N NE2 . HIS   A 1 6   ? -19.948 -3.236  -8.198  1.00 43.55 ? 12  HIS   B NE2 1 
ATOM   51   N N   . HIS   A 1 7   ? -15.629 -1.710  -9.727  1.00 23.84 ? 13  HIS   B N   1 
ATOM   52   C CA  . HIS   A 1 7   ? -15.040 -0.367  -9.441  1.00 20.42 ? 13  HIS   B CA  1 
ATOM   53   C C   . HIS   A 1 7   ? -13.541 -0.365  -9.700  1.00 18.93 ? 13  HIS   B C   1 
ATOM   54   O O   . HIS   A 1 7   ? -12.881 0.531   -9.183  1.00 16.12 ? 13  HIS   B O   1 
ATOM   55   C CB  . HIS   A 1 7   ? -15.320 0.047   -8.007  1.00 19.85 ? 13  HIS   B CB  1 
ATOM   56   C CG  . HIS   A 1 7   ? -16.780 0.091   -7.685  1.00 20.63 ? 13  HIS   B CG  1 
ATOM   57   N ND1 . HIS   A 1 7   ? -17.603 1.009   -8.302  1.00 21.20 ? 13  HIS   B ND1 1 
ATOM   58   C CD2 . HIS   A 1 7   ? -17.519 -0.624  -6.816  1.00 21.57 ? 13  HIS   B CD2 1 
ATOM   59   C CE1 . HIS   A 1 7   ? -18.824 0.839   -7.834  1.00 20.63 ? 13  HIS   B CE1 1 
ATOM   60   N NE2 . HIS   A 1 7   ? -18.819 -0.153  -6.926  1.00 23.75 ? 13  HIS   B NE2 1 
ATOM   61   N N   . MET   A 1 8   ? -13.045 -1.369  -10.404 1.00 19.30 ? 14  MET   B N   1 
ATOM   62   C CA  . MET   A 1 8   ? -11.605 -1.527  -10.706 1.00 20.92 ? 14  MET   B CA  1 
ATOM   63   C C   . MET   A 1 8   ? -11.067 -0.244  -11.334 1.00 20.15 ? 14  MET   B C   1 
ATOM   64   O O   . MET   A 1 8   ? -11.691 0.357   -12.261 1.00 23.57 ? 14  MET   B O   1 
ATOM   65   C CB  . MET   A 1 8   ? -11.387 -2.711  -11.651 1.00 25.55 ? 14  MET   B CB  1 
ATOM   66   C CG  . MET   A 1 8   ? -9.937  -2.978  -12.046 1.00 31.49 ? 14  MET   B CG  1 
ATOM   67   S SD  . MET   A 1 8   ? -8.889  -3.669  -10.698 1.00 43.93 ? 14  MET   B SD  1 
ATOM   68   C CE  . MET   A 1 8   ? -9.359  -5.390  -10.781 1.00 33.55 ? 14  MET   B CE  1 
ATOM   69   N N   . VAL   A 1 9   ? -9.903  0.197   -10.875 1.00 16.87 ? 15  VAL   B N   1 
ATOM   70   C CA  . VAL   A 1 9   ? -9.176  1.377   -11.407 1.00 17.55 ? 15  VAL   B CA  1 
ATOM   71   C C   . VAL   A 1 9   ? -7.755  0.911   -11.784 1.00 19.52 ? 15  VAL   B C   1 
ATOM   72   O O   . VAL   A 1 9   ? -7.187  0.032   -11.102 1.00 18.93 ? 15  VAL   B O   1 
ATOM   73   C CB  . VAL   A 1 9   ? -9.144  2.581   -10.446 1.00 19.10 ? 15  VAL   B CB  1 
ATOM   74   C CG1 . VAL   A 1 9   ? -10.525 3.198   -10.302 1.00 21.63 ? 15  VAL   B CG1 1 
ATOM   75   C CG2 . VAL   A 1 9   ? -8.606  2.251   -9.072  1.00 20.19 ? 15  VAL   B CG2 1 
ATOM   76   N N   . HIS   A 1 10  ? -7.179  1.536   -12.809 1.00 19.48 ? 16  HIS   B N   1 
ATOM   77   C CA  . HIS   A 1 10  ? -5.820  1.216   -13.296 1.00 18.78 ? 16  HIS   B CA  1 
ATOM   78   C C   . HIS   A 1 10  ? -4.835  2.102   -12.540 1.00 18.62 ? 16  HIS   B C   1 
ATOM   79   O O   . HIS   A 1 10  ? -4.809  3.326   -12.740 1.00 22.05 ? 16  HIS   B O   1 
ATOM   80   C CB  . HIS   A 1 10  ? -5.706  1.449   -14.804 1.00 19.84 ? 16  HIS   B CB  1 
ATOM   81   C CG  . HIS   A 1 10  ? -4.405  1.030   -15.410 1.00 23.81 ? 16  HIS   B CG  1 
ATOM   82   N ND1 . HIS   A 1 10  ? -4.116  -0.284  -15.701 1.00 27.76 ? 16  HIS   B ND1 1 
ATOM   83   C CD2 . HIS   A 1 10  ? -3.319  1.756   -15.774 1.00 27.55 ? 16  HIS   B CD2 1 
ATOM   84   C CE1 . HIS   A 1 10  ? -2.911  -0.362  -16.246 1.00 25.44 ? 16  HIS   B CE1 1 
ATOM   85   N NE2 . HIS   A 1 10  ? -2.392  0.888   -16.298 1.00 31.04 ? 16  HIS   B NE2 1 
ATOM   86   N N   . ILE   A 1 11  ? -4.127  1.522   -11.585 1.00 14.75 ? 17  ILE   B N   1 
ATOM   87   C CA  . ILE   A 1 11  ? -3.174  2.283   -10.760 1.00 15.33 ? 17  ILE   B CA  1 
ATOM   88   C C   . ILE   A 1 11  ? -1.774  2.210   -11.403 1.00 15.09 ? 17  ILE   B C   1 
ATOM   89   O O   . ILE   A 1 11  ? -1.416  1.169   -11.910 1.00 15.23 ? 17  ILE   B O   1 
ATOM   90   C CB  . ILE   A 1 11  ? -3.152  1.720   -9.325  1.00 15.09 ? 17  ILE   B CB  1 
ATOM   91   C CG1 . ILE   A 1 11  ? -4.535  1.830   -8.665  1.00 15.82 ? 17  ILE   B CG1 1 
ATOM   92   C CG2 . ILE   A 1 11  ? -2.061  2.420   -8.517  1.00 14.40 ? 17  ILE   B CG2 1 
ATOM   93   C CD1 . ILE   A 1 11  ? -5.166  3.227   -8.687  1.00 16.14 ? 17  ILE   B CD1 1 
ATOM   94   N N   . THR   A 1 12  ? -1.075  3.328   -11.377 1.00 14.19 ? 18  THR   B N   1 
ATOM   95   C CA  . THR   A 1 12  ? 0.358   3.367   -11.777 1.00 15.43 ? 18  THR   B CA  1 
ATOM   96   C C   . THR   A 1 12  ? 1.148   4.024   -10.656 1.00 15.76 ? 18  THR   B C   1 
ATOM   97   O O   . THR   A 1 12  ? 0.600   4.817   -9.853  1.00 16.85 ? 18  THR   B O   1 
ATOM   98   C CB  . THR   A 1 12  ? 0.545   4.081   -13.115 1.00 17.93 ? 18  THR   B CB  1 
ATOM   99   O OG1 . THR   A 1 12  ? 0.098   5.416   -12.995 1.00 19.03 ? 18  THR   B OG1 1 
ATOM   100  C CG2 . THR   A 1 12  ? -0.124  3.381   -14.279 1.00 20.06 ? 18  THR   B CG2 1 
ATOM   101  N N   . LEU   A 1 13  ? 2.430   3.653   -10.558 1.00 14.20 ? 19  LEU   B N   1 
ATOM   102  C CA  . LEU   A 1 13  ? 3.270   4.212   -9.476  1.00 14.18 ? 19  LEU   B CA  1 
ATOM   103  C C   . LEU   A 1 13  ? 3.899   5.549   -9.874  1.00 14.08 ? 19  LEU   B C   1 
ATOM   104  O O   . LEU   A 1 13  ? 4.297   5.701   -11.062 1.00 15.65 ? 19  LEU   B O   1 
ATOM   105  C CB  . LEU   A 1 13  ? 4.336   3.180   -9.152  1.00 14.45 ? 19  LEU   B CB  1 
ATOM   106  C CG  . LEU   A 1 13  ? 3.773   1.853   -8.668  1.00 14.25 ? 19  LEU   B CG  1 
ATOM   107  C CD1 . LEU   A 1 13  ? 4.853   0.779   -8.575  1.00 16.23 ? 19  LEU   B CD1 1 
ATOM   108  C CD2 . LEU   A 1 13  ? 3.050   2.039   -7.326  1.00 15.70 ? 19  LEU   B CD2 1 
ATOM   109  N N   . ASP   A 1 14  ? 4.045   6.442   -8.938  1.00 13.07 ? 20  ASP   B N   1 
ATOM   110  C CA  . ASP   A 1 14  ? 4.627   7.790   -9.136  1.00 13.22 ? 20  ASP   B CA  1 
ATOM   111  C C   . ASP   A 1 14  ? 6.109   7.739   -8.685  1.00 14.52 ? 20  ASP   B C   1 
ATOM   112  O O   . ASP   A 1 14  ? 6.390   7.824   -7.498  1.00 13.58 ? 20  ASP   B O   1 
ATOM   113  C CB  . ASP   A 1 14  ? 3.836   8.863   -8.385  1.00 13.12 ? 20  ASP   B CB  1 
ATOM   114  C CG  . ASP   A 1 14  ? 4.304   10.297  -8.574  1.00 18.31 ? 20  ASP   B CG  1 
ATOM   115  O OD1 . ASP   A 1 14  ? 5.434   10.468  -9.085  1.00 17.94 ? 20  ASP   B OD1 1 
ATOM   116  O OD2 . ASP   A 1 14  ? 3.633   11.235  -8.069  1.00 19.33 ? 20  ASP   B OD2 1 
ATOM   117  N N   A ARG   A 1 15  ? 7.004   7.640   -9.677  0.25 14.91 ? 21  ARG   B N   1 
ATOM   118  N N   B ARG   A 1 15  ? 7.021   7.642   -9.656  0.25 15.72 ? 21  ARG   B N   1 
ATOM   119  C CA  A ARG   A 1 15  ? 8.488   7.604   -9.524  0.25 16.05 ? 21  ARG   B CA  1 
ATOM   120  C CA  B ARG   A 1 15  ? 8.490   7.546   -9.417  0.25 17.23 ? 21  ARG   B CA  1 
ATOM   121  C C   A ARG   A 1 15  ? 8.981   8.717   -8.603  0.25 15.52 ? 21  ARG   B C   1 
ATOM   122  C C   B ARG   A 1 15  ? 8.993   8.724   -8.580  0.25 16.30 ? 21  ARG   B C   1 
ATOM   123  O O   A ARG   A 1 15  ? 9.939   8.477   -7.837  0.25 14.92 ? 21  ARG   B O   1 
ATOM   124  O O   B ARG   A 1 15  ? 9.968   8.531   -7.824  0.25 15.44 ? 21  ARG   B O   1 
ATOM   125  C CB  A ARG   A 1 15  ? 9.163   7.808   -10.888 0.25 16.81 ? 21  ARG   B CB  1 
ATOM   126  C CB  B ARG   A 1 15  ? 9.255   7.526   -10.746 0.25 19.71 ? 21  ARG   B CB  1 
ATOM   127  C CG  A ARG   A 1 15  ? 8.803   6.754   -11.925 0.25 18.84 ? 21  ARG   B CG  1 
ATOM   128  C CG  B ARG   A 1 15  ? 9.137   6.218   -11.511 0.25 22.75 ? 21  ARG   B CG  1 
ATOM   129  C CD  A ARG   A 1 15  ? 9.554   6.943   -13.240 0.25 19.30 ? 21  ARG   B CD  1 
ATOM   130  C CD  B ARG   A 1 15  ? 8.208   6.322   -12.712 0.25 26.77 ? 21  ARG   B CD  1 
ATOM   131  N NE  A ARG   A 1 15  ? 9.414   5.738   -14.036 0.25 20.14 ? 21  ARG   B NE  1 
ATOM   132  N NE  B ARG   A 1 15  ? 8.830   6.801   -13.951 0.25 28.43 ? 21  ARG   B NE  1 
ATOM   133  C CZ  A ARG   A 1 15  ? 10.057  4.622   -13.765 0.25 19.73 ? 21  ARG   B CZ  1 
ATOM   134  C CZ  B ARG   A 1 15  ? 8.615   7.987   -14.524 0.25 31.21 ? 21  ARG   B CZ  1 
ATOM   135  N NH1 A ARG   A 1 15  ? 10.906  4.614   -12.757 0.25 21.04 ? 21  ARG   B NH1 1 
ATOM   136  N NH1 B ARG   A 1 15  ? 7.795   8.871   -13.986 0.25 32.24 ? 21  ARG   B NH1 1 
ATOM   137  N NH2 A ARG   A 1 15  ? 9.869   3.542   -14.497 0.25 20.70 ? 21  ARG   B NH2 1 
ATOM   138  N NH2 B ARG   A 1 15  ? 9.233   8.290   -15.650 0.25 32.91 ? 21  ARG   B NH2 1 
ATOM   139  N N   . ASN   A 1 16  ? 8.389   9.909   -8.704  1.00 15.52 ? 22  ASN   B N   1 
ATOM   140  C CA  . ASN   A 1 16  ? 8.868   11.085  -7.969  1.00 16.75 ? 22  ASN   B CA  1 
ATOM   141  C C   . ASN   A 1 16  ? 8.698   10.944  -6.460  1.00 14.37 ? 22  ASN   B C   1 
ATOM   142  O O   . ASN   A 1 16  ? 9.426   11.576  -5.707  1.00 14.35 ? 22  ASN   B O   1 
ATOM   143  C CB  . ASN   A 1 16  ? 8.207   12.350  -8.518  1.00 19.36 ? 22  ASN   B CB  1 
ATOM   144  C CG  . ASN   A 1 16  ? 8.814   12.750  -9.845  1.00 25.97 ? 22  ASN   B CG  1 
ATOM   145  O OD1 . ASN   A 1 16  ? 9.938   12.367  -10.168 1.00 33.32 ? 22  ASN   B OD1 1 
ATOM   146  N ND2 . ASN   A 1 16  ? 8.047   13.483  -10.629 1.00 38.34 ? 22  ASN   B ND2 1 
ATOM   147  N N   . THR   A 1 17  ? 7.768   10.068  -6.010  1.00 12.26 ? 23  THR   B N   1 
ATOM   148  C CA  . THR   A 1 17  ? 7.479   9.868   -4.587  1.00 12.24 ? 23  THR   B CA  1 
ATOM   149  C C   . THR   A 1 17  ? 8.325   8.730   -4.006  1.00 11.11 ? 23  THR   B C   1 
ATOM   150  O O   . THR   A 1 17  ? 8.343   8.544   -2.789  1.00 11.81 ? 23  THR   B O   1 
ATOM   151  C CB  . THR   A 1 17  ? 5.990   9.563   -4.334  1.00 12.77 ? 23  THR   B CB  1 
ATOM   152  O OG1 . THR   A 1 17  ? 5.660   8.284   -4.880  1.00 12.81 ? 23  THR   B OG1 1 
ATOM   153  C CG2 . THR   A 1 17  ? 5.098   10.697  -4.820  1.00 13.59 ? 23  THR   B CG2 1 
ATOM   154  N N   . ALA   A 1 18  ? 8.959   7.956   -4.872  1.00 11.44 ? 24  ALA   B N   1 
ATOM   155  C CA  . ALA   A 1 18  ? 9.638   6.705   -4.429  1.00 11.76 ? 24  ALA   B CA  1 
ATOM   156  C C   . ALA   A 1 18  ? 10.856  7.010   -3.557  1.00 12.26 ? 24  ALA   B C   1 
ATOM   157  O O   . ALA   A 1 18  ? 11.696  7.872   -3.921  1.00 12.70 ? 24  ALA   B O   1 
ATOM   158  C CB  . ALA   A 1 18  ? 10.041  5.907   -5.624  1.00 12.21 ? 24  ALA   B CB  1 
ATOM   159  N N   . ASN   A 1 19  ? 11.091  6.228   -2.535  1.00 11.64 ? 25  ASN   B N   1 
ATOM   160  C CA  . ASN   A 1 19  ? 12.422  6.144   -1.905  1.00 11.29 ? 25  ASN   B CA  1 
ATOM   161  C C   . ASN   A 1 19  ? 13.453  5.897   -3.012  1.00 10.81 ? 25  ASN   B C   1 
ATOM   162  O O   . ASN   A 1 19  ? 13.230  5.186   -3.996  1.00 10.71 ? 25  ASN   B O   1 
ATOM   163  C CB  . ASN   A 1 19  ? 12.361  5.038   -0.866  1.00 11.95 ? 25  ASN   B CB  1 
ATOM   164  C CG  . ASN   A 1 19  ? 13.691  4.795   -0.217  1.00 13.96 ? 25  ASN   B CG  1 
ATOM   165  O OD1 . ASN   A 1 19  ? 14.561  4.121   -0.761  1.00 13.77 ? 25  ASN   B OD1 1 
ATOM   166  N ND2 . ASN   A 1 19  ? 13.841  5.363   0.938   1.00 18.69 ? 25  ASN   B ND2 1 
ATOM   167  N N   . SER   A 1 20  ? 14.618  6.495   -2.825  1.00 10.96 ? 26  SER   B N   1 
ATOM   168  C CA  . SER   A 1 20  ? 15.695  6.512   -3.833  1.00 11.92 ? 26  SER   B CA  1 
ATOM   169  C C   . SER   A 1 20  ? 16.307  5.136   -4.064  1.00 11.63 ? 26  SER   B C   1 
ATOM   170  O O   . SER   A 1 20  ? 17.050  5.035   -5.069  1.00 12.41 ? 26  SER   B O   1 
ATOM   171  C CB  . SER   A 1 20  ? 16.790  7.494   -3.419  1.00 13.19 ? 26  SER   B CB  1 
ATOM   172  O OG  . SER   A 1 20  ? 17.340  7.061   -2.196  1.00 15.46 ? 26  SER   B OG  1 
ATOM   173  N N   . TRP   A 1 21  ? 16.006  4.092   -3.303  1.00 10.56 ? 27  TRP   B N   1 
ATOM   174  C CA  . TRP   A 1 21  ? 16.519  2.733   -3.557  1.00 11.25 ? 27  TRP   B CA  1 
ATOM   175  C C   . TRP   A 1 21  ? 15.519  1.892   -4.342  1.00 11.29 ? 27  TRP   B C   1 
ATOM   176  O O   . TRP   A 1 21  ? 15.843  0.759   -4.688  1.00 11.86 ? 27  TRP   B O   1 
ATOM   177  C CB  . TRP   A 1 21  ? 16.859  2.066   -2.249  1.00 12.01 ? 27  TRP   B CB  1 
ATOM   178  C CG  . TRP   A 1 21  ? 18.117  2.591   -1.602  1.00 12.45 ? 27  TRP   B CG  1 
ATOM   179  C CD1 . TRP   A 1 21  ? 18.489  3.893   -1.422  1.00 12.90 ? 27  TRP   B CD1 1 
ATOM   180  C CD2 . TRP   A 1 21  ? 19.137  1.789   -1.021  1.00 14.50 ? 27  TRP   B CD2 1 
ATOM   181  N NE1 . TRP   A 1 21  ? 19.716  3.941   -0.786  1.00 14.90 ? 27  TRP   B NE1 1 
ATOM   182  C CE2 . TRP   A 1 21  ? 20.097  2.676   -0.495  1.00 13.69 ? 27  TRP   B CE2 1 
ATOM   183  C CE3 . TRP   A 1 21  ? 19.320  0.414   -0.880  1.00 15.99 ? 27  TRP   B CE3 1 
ATOM   184  C CZ2 . TRP   A 1 21  ? 21.247  2.201   0.166   1.00 17.34 ? 27  TRP   B CZ2 1 
ATOM   185  C CZ3 . TRP   A 1 21  ? 20.458  -0.047  -0.228  1.00 18.32 ? 27  TRP   B CZ3 1 
ATOM   186  C CH2 . TRP   A 1 21  ? 21.370  0.843   0.323   1.00 19.48 ? 27  TRP   B CH2 1 
ATOM   187  N N   . LEU   A 1 22  ? 14.312  2.435   -4.625  1.00 11.46 ? 28  LEU   B N   1 
ATOM   188  C CA  . LEU   A 1 22  ? 13.294  1.617   -5.323  1.00 11.97 ? 28  LEU   B CA  1 
ATOM   189  C C   . LEU   A 1 22  ? 13.556  1.622   -6.839  1.00 11.83 ? 28  LEU   B C   1 
ATOM   190  O O   . LEU   A 1 22  ? 13.963  2.638   -7.421  1.00 12.41 ? 28  LEU   B O   1 
ATOM   191  C CB  . LEU   A 1 22  ? 11.892  2.150   -5.015  1.00 10.76 ? 28  LEU   B CB  1 
ATOM   192  C CG  . LEU   A 1 22  ? 11.488  2.063   -3.556  1.00 11.38 ? 28  LEU   B CG  1 
ATOM   193  C CD1 . LEU   A 1 22  ? 10.047  2.503   -3.388  1.00 11.62 ? 28  LEU   B CD1 1 
ATOM   194  C CD2 . LEU   A 1 22  ? 11.626  0.683   -2.999  1.00 13.33 ? 28  LEU   B CD2 1 
ATOM   195  N N   . ILE   A 1 23  ? 13.174  0.521   -7.451  1.00 11.29 ? 29  ILE   B N   1 
ATOM   196  C CA  . ILE   A 1 23  ? 13.198  0.307   -8.918  1.00 12.65 ? 29  ILE   B CA  1 
ATOM   197  C C   . ILE   A 1 23  ? 11.768  0.039   -9.366  1.00 13.03 ? 29  ILE   B C   1 
ATOM   198  O O   . ILE   A 1 23  ? 11.188  -0.991  -8.983  1.00 13.19 ? 29  ILE   B O   1 
ATOM   199  C CB  . ILE   A 1 23  ? 14.109  -0.829  -9.309  1.00 13.24 ? 29  ILE   B CB  1 
ATOM   200  C CG1 . ILE   A 1 23  ? 15.573  -0.617  -8.842  1.00 14.21 ? 29  ILE   B CG1 1 
ATOM   201  C CG2 . ILE   A 1 23  ? 14.071  -1.033  -10.839 1.00 14.87 ? 29  ILE   B CG2 1 
ATOM   202  C CD1 . ILE   A 1 23  ? 16.447  -1.799  -8.993  1.00 16.01 ? 29  ILE   B CD1 1 
ATOM   203  N N   . ILE   A 1 24  ? 11.259  0.971   -10.145 1.00 15.21 ? 30  ILE   B N   1 
ATOM   204  C CA  . ILE   A 1 24  ? 9.881   0.883   -10.710 1.00 15.19 ? 30  ILE   B CA  1 
ATOM   205  C C   . ILE   A 1 24  ? 9.981   0.434   -12.151 1.00 16.86 ? 30  ILE   B C   1 
ATOM   206  O O   . ILE   A 1 24  ? 10.821  0.994   -12.932 1.00 17.47 ? 30  ILE   B O   1 
ATOM   207  C CB  . ILE   A 1 24  ? 9.160   2.207   -10.554 1.00 15.94 ? 30  ILE   B CB  1 
ATOM   208  C CG1 . ILE   A 1 24  ? 8.885   2.494   -9.085  1.00 19.06 ? 30  ILE   B CG1 1 
ATOM   209  C CG2 . ILE   A 1 24  ? 7.843   2.209   -11.337 1.00 17.14 ? 30  ILE   B CG2 1 
ATOM   210  C CD1 . ILE   A 1 24  ? 8.453   3.821   -8.831  1.00 21.43 ? 30  ILE   B CD1 1 
ATOM   211  N N   . SER   A 1 25  ? 9.172   -0.514  -12.567 1.00 15.94 ? 31  SER   B N   1 
ATOM   212  C CA  . SER   A 1 25  ? 9.209   -1.051  -13.933 1.00 16.17 ? 31  SER   B CA  1 
ATOM   213  C C   . SER   A 1 25  ? 8.799   0.050   -14.937 1.00 14.93 ? 31  SER   B C   1 
ATOM   214  O O   . SER   A 1 25  ? 8.137   1.011   -14.593 1.00 15.80 ? 31  SER   B O   1 
ATOM   215  C CB  . SER   A 1 25  ? 8.342   -2.256  -13.994 1.00 17.23 ? 31  SER   B CB  1 
ATOM   216  O OG  . SER   A 1 25  ? 7.004   -1.876  -13.692 1.00 17.04 ? 31  SER   B OG  1 
ATOM   217  N N   . LYS   A 1 26  ? 9.169   -0.178  -16.214 1.00 18.76 ? 32  LYS   B N   1 
ATOM   218  C CA  . LYS   A 1 26  ? 8.828   0.756   -17.319 1.00 19.12 ? 32  LYS   B CA  1 
ATOM   219  C C   . LYS   A 1 26  ? 7.320   1.036   -17.364 1.00 17.34 ? 32  LYS   B C   1 
ATOM   220  O O   . LYS   A 1 26  ? 6.962   2.177   -17.635 1.00 20.21 ? 32  LYS   B O   1 
ATOM   221  C CB  . LYS   A 1 26  ? 9.275   0.126   -18.646 1.00 21.00 ? 32  LYS   B CB  1 
ATOM   222  C CG  . LYS   A 1 26  ? 8.948   0.949   -19.863 1.00 25.23 ? 32  LYS   B CG  1 
ATOM   223  C CD  . LYS   A 1 26  ? 9.851   0.571   -20.994 1.00 24.97 ? 32  LYS   B CD  1 
ATOM   224  C CE  . LYS   A 1 26  ? 9.828   -0.912  -21.240 1.00 30.95 ? 32  LYS   B CE  1 
ATOM   225  N NZ  . LYS   A 1 26  ? 10.766  -1.215  -22.326 1.00 34.33 ? 32  LYS   B NZ  1 
ATOM   226  N N   . ASP   A 1 27  ? 6.499   0.000   -17.160 1.00 18.23 ? 33  ASP   B N   1 
ATOM   227  C CA  . ASP   A 1 27  ? 5.014   0.154   -17.225 1.00 17.11 ? 33  ASP   B CA  1 
ATOM   228  C C   . ASP   A 1 27  ? 4.469   0.812   -15.935 1.00 16.41 ? 33  ASP   B C   1 
ATOM   229  O O   . ASP   A 1 27  ? 3.251   1.083   -15.896 1.00 16.63 ? 33  ASP   B O   1 
ATOM   230  C CB  . ASP   A 1 27  ? 4.312   -1.161  -17.555 1.00 18.25 ? 33  ASP   B CB  1 
ATOM   231  C CG  . ASP   A 1 27  ? 4.411   -2.250  -16.508 1.00 18.42 ? 33  ASP   B CG  1 
ATOM   232  O OD1 . ASP   A 1 27  ? 5.003   -1.972  -15.391 1.00 19.13 ? 33  ASP   B OD1 1 
ATOM   233  O OD2 . ASP   A 1 27  ? 3.824   -3.327  -16.763 1.00 22.02 ? 33  ASP   B OD2 1 
ATOM   234  N N   . ARG   A 1 28  ? 5.300   1.123   -14.951 1.00 14.80 ? 34  ARG   B N   1 
ATOM   235  C CA  . ARG   A 1 28  ? 4.906   1.761   -13.675 1.00 14.72 ? 34  ARG   B CA  1 
ATOM   236  C C   . ARG   A 1 28  ? 3.896   0.864   -12.931 1.00 12.44 ? 34  ARG   B C   1 
ATOM   237  O O   . ARG   A 1 28  ? 3.160   1.431   -12.082 1.00 13.50 ? 34  ARG   B O   1 
ATOM   238  C CB  . ARG   A 1 28  ? 4.460   3.204   -13.918 1.00 18.52 ? 34  ARG   B CB  1 
ATOM   239  C CG  . ARG   A 1 28  ? 5.609   4.053   -14.463 1.00 23.12 ? 34  ARG   B CG  1 
ATOM   240  C CD  . ARG   A 1 28  ? 5.304   5.501   -14.694 1.00 29.76 ? 34  ARG   B CD  1 
ATOM   241  N NE  . ARG   A 1 28  ? 4.043   5.766   -15.359 1.00 37.52 ? 34  ARG   B NE  1 
ATOM   242  C CZ  . ARG   A 1 28  ? 2.906   6.223   -14.787 1.00 50.20 ? 34  ARG   B CZ  1 
ATOM   243  N NH1 . ARG   A 1 28  ? 2.805   6.492   -13.480 1.00 43.63 ? 34  ARG   B NH1 1 
ATOM   244  N NH2 . ARG   A 1 28  ? 1.849   6.427   -15.564 1.00 57.12 ? 34  ARG   B NH2 1 
ATOM   245  N N   . ARG   A 1 29  ? 3.938   -0.428  -13.103 1.00 11.96 ? 35  ARG   B N   1 
ATOM   246  C CA  . ARG   A 1 29  ? 3.026   -1.367  -12.412 1.00 13.39 ? 35  ARG   B CA  1 
ATOM   247  C C   . ARG   A 1 29  ? 3.741   -2.266  -11.425 1.00 13.46 ? 35  ARG   B C   1 
ATOM   248  O O   . ARG   A 1 29  ? 3.046   -2.995  -10.682 1.00 14.24 ? 35  ARG   B O   1 
ATOM   249  C CB  . ARG   A 1 29  ? 2.269   -2.225  -13.428 1.00 14.24 ? 35  ARG   B CB  1 
ATOM   250  C CG  . ARG   A 1 29  ? 1.410   -1.373  -14.355 1.00 17.25 ? 35  ARG   B CG  1 
ATOM   251  C CD  . ARG   A 1 29  ? 0.045   -1.028  -13.866 1.00 18.18 ? 35  ARG   B CD  1 
ATOM   252  N NE  . ARG   A 1 29  ? -0.799  -2.217  -13.937 1.00 19.55 ? 35  ARG   B NE  1 
ATOM   253  C CZ  . ARG   A 1 29  ? -2.021  -2.315  -13.403 1.00 18.64 ? 35  ARG   B CZ  1 
ATOM   254  N NH1 . ARG   A 1 29  ? -2.527  -1.293  -12.761 1.00 19.14 ? 35  ARG   B NH1 1 
ATOM   255  N NH2 . ARG   A 1 29  ? -2.712  -3.428  -13.536 1.00 19.57 ? 35  ARG   B NH2 1 
ATOM   256  N N   . GLN   A 1 30  ? 5.073   -2.279  -11.354 1.00 12.41 ? 36  GLN   B N   1 
ATOM   257  C CA  . GLN   A 1 30  ? 5.826   -3.122  -10.418 1.00 13.05 ? 36  GLN   B CA  1 
ATOM   258  C C   . GLN   A 1 30  ? 6.896   -2.288  -9.723  1.00 12.69 ? 36  GLN   B C   1 
ATOM   259  O O   . GLN   A 1 30  ? 7.416   -1.308  -10.307 1.00 13.34 ? 36  GLN   B O   1 
ATOM   260  C CB  . GLN   A 1 30  ? 6.532   -4.268  -11.145 1.00 15.21 ? 36  GLN   B CB  1 
ATOM   261  C CG  . GLN   A 1 30  ? 5.628   -5.056  -12.056 1.00 19.07 ? 36  GLN   B CG  1 
ATOM   262  C CD  . GLN   A 1 30  ? 6.326   -6.323  -12.500 1.00 23.26 ? 36  GLN   B CD  1 
ATOM   263  O OE1 . GLN   A 1 30  ? 7.307   -6.788  -11.897 1.00 26.17 ? 36  GLN   B OE1 1 
ATOM   264  N NE2 . GLN   A 1 30  ? 5.827   -6.885  -13.577 1.00 27.90 ? 36  GLN   B NE2 1 
ATOM   265  N N   . VAL   A 1 31  ? 7.203   -2.650  -8.492  1.00 12.39 ? 37  VAL   B N   1 
ATOM   266  C CA  . VAL   A 1 31  ? 8.251   -1.942  -7.728  1.00 11.81 ? 37  VAL   B CA  1 
ATOM   267  C C   . VAL   A 1 31  ? 8.980   -2.964  -6.871  1.00 12.06 ? 37  VAL   B C   1 
ATOM   268  O O   . VAL   A 1 31  ? 8.352   -3.838  -6.265  1.00 11.26 ? 37  VAL   B O   1 
ATOM   269  C CB  . VAL   A 1 31  ? 7.683   -0.776  -6.926  1.00 11.07 ? 37  VAL   B CB  1 
ATOM   270  C CG1 . VAL   A 1 31  ? 6.573   -1.209  -5.964  1.00 11.15 ? 37  VAL   B CG1 1 
ATOM   271  C CG2 . VAL   A 1 31  ? 8.778   -0.063  -6.152  1.00 11.88 ? 37  VAL   B CG2 1 
ATOM   272  N N   . ARG   A 1 32  ? 10.294  -2.845  -6.770  1.00 11.97 ? 38  ARG   B N   1 
ATOM   273  C CA  . ARG   A 1 32  ? 11.107  -3.669  -5.853  1.00 12.15 ? 38  ARG   B CA  1 
ATOM   274  C C   . ARG   A 1 32  ? 12.229  -2.816  -5.251  1.00 11.45 ? 38  ARG   B C   1 
ATOM   275  O O   . ARG   A 1 32  ? 12.574  -1.749  -5.764  1.00 10.98 ? 38  ARG   B O   1 
ATOM   276  C CB  . ARG   A 1 32  ? 11.692  -4.884  -6.574  1.00 13.68 ? 38  ARG   B CB  1 
ATOM   277  C CG  . ARG   A 1 32  ? 12.715  -4.526  -7.633  1.00 15.67 ? 38  ARG   B CG  1 
ATOM   278  C CD  . ARG   A 1 32  ? 13.100  -5.814  -8.371  1.00 18.75 ? 38  ARG   B CD  1 
ATOM   279  N NE  . ARG   A 1 32  ? 14.083  -5.521  -9.390  1.00 23.30 ? 38  ARG   B NE  1 
ATOM   280  C CZ  . ARG   A 1 32  ? 15.394  -5.503  -9.216  1.00 20.23 ? 38  ARG   B CZ  1 
ATOM   281  N NH1 . ARG   A 1 32  ? 15.947  -5.719  -8.041  1.00 24.21 ? 38  ARG   B NH1 1 
ATOM   282  N NH2 . ARG   A 1 32  ? 16.166  -5.223  -10.274 1.00 26.32 ? 38  ARG   B NH2 1 
ATOM   283  N N   A MET   A 1 33  ? 12.770  -3.353  -4.161  0.30 11.67 ? 39  MET   B N   1 
ATOM   284  N N   B MET   A 1 33  ? 12.763  -3.246  -4.109  0.24 12.22 ? 39  MET   B N   1 
ATOM   285  C CA  A MET   A 1 33  ? 13.932  -2.787  -3.435  0.30 13.28 ? 39  MET   B CA  1 
ATOM   286  C CA  B MET   A 1 33  ? 13.872  -2.489  -3.468  0.24 13.53 ? 39  MET   B CA  1 
ATOM   287  C C   A MET   A 1 33  ? 15.204  -3.089  -4.233  0.30 13.05 ? 39  MET   B C   1 
ATOM   288  C C   B MET   A 1 33  ? 15.197  -3.002  -4.032  0.24 13.26 ? 39  MET   B C   1 
ATOM   289  O O   A MET   A 1 33  ? 15.435  -4.247  -4.578  0.30 14.27 ? 39  MET   B O   1 
ATOM   290  O O   B MET   A 1 33  ? 15.472  -4.221  -3.885  0.24 12.47 ? 39  MET   B O   1 
ATOM   291  C CB  A MET   A 1 33  ? 13.999  -3.415  -2.036  0.30 13.49 ? 39  MET   B CB  1 
ATOM   292  C CB  B MET   A 1 33  ? 13.898  -2.610  -1.942  0.24 14.99 ? 39  MET   B CB  1 
ATOM   293  C CG  A MET   A 1 33  ? 15.067  -2.809  -1.126  0.30 14.99 ? 39  MET   B CG  1 
ATOM   294  C CG  B MET   A 1 33  ? 15.088  -1.834  -1.319  0.24 16.80 ? 39  MET   B CG  1 
ATOM   295  S SD  A MET   A 1 33  ? 14.837  -0.992  -0.950  0.30 17.50 ? 39  MET   B SD  1 
ATOM   296  S SD  B MET   A 1 33  ? 14.910  -1.715  0.470   0.24 18.64 ? 39  MET   B SD  1 
ATOM   297  C CE  A MET   A 1 33  ? 15.717  -0.620  0.562   0.30 16.92 ? 39  MET   B CE  1 
ATOM   298  C CE  B MET   A 1 33  ? 16.344  -0.700  0.827   0.24 18.58 ? 39  MET   B CE  1 
ATOM   299  N N   . GLY   A 1 34  ? 15.950  -2.056  -4.600  1.00 13.29 ? 40  GLY   B N   1 
ATOM   300  C CA  . GLY   A 1 34  ? 17.300  -2.251  -5.169  1.00 15.28 ? 40  GLY   B CA  1 
ATOM   301  C C   . GLY   A 1 34  ? 18.316  -2.533  -4.091  1.00 15.99 ? 40  GLY   B C   1 
ATOM   302  O O   . GLY   A 1 34  ? 18.026  -2.390  -2.893  1.00 15.84 ? 40  GLY   B O   1 
ATOM   303  N N   . ASP   A 1 35  ? 19.512  -3.002  -4.512  1.00 19.83 ? 41  ASP   B N   1 
ATOM   304  C CA  . ASP   A 1 35  ? 20.587  -3.308  -3.515  1.00 22.08 ? 41  ASP   B CA  1 
ATOM   305  C C   . ASP   A 1 35  ? 21.415  -2.026  -3.251  1.00 21.96 ? 41  ASP   B C   1 
ATOM   306  O O   . ASP   A 1 35  ? 22.309  -2.072  -2.374  1.00 22.91 ? 41  ASP   B O   1 
ATOM   307  C CB  . ASP   A 1 35  ? 21.412  -4.550  -3.923  1.00 28.15 ? 41  ASP   B CB  1 
ATOM   308  C CG  . ASP   A 1 35  ? 20.709  -5.911  -3.726  1.00 39.04 ? 41  ASP   B CG  1 
ATOM   309  O OD1 . ASP   A 1 35  ? 19.882  -6.045  -2.785  1.00 41.55 ? 41  ASP   B OD1 1 
ATOM   310  O OD2 . ASP   A 1 35  ? 21.010  -6.868  -4.491  1.00 41.28 ? 41  ASP   B OD2 1 
ATOM   311  N N   . THR   A 1 36  ? 21.046  -0.885  -3.813  1.00 16.79 ? 42  THR   B N   1 
ATOM   312  C CA  . THR   A 1 36  ? 21.792  0.407   -3.658  1.00 16.49 ? 42  THR   B CA  1 
ATOM   313  C C   . THR   A 1 36  ? 20.911  1.598   -4.034  1.00 13.96 ? 42  THR   B C   1 
ATOM   314  O O   . THR   A 1 36  ? 19.778  1.429   -4.647  1.00 12.73 ? 42  THR   B O   1 
ATOM   315  C CB  . THR   A 1 36  ? 23.053  0.296   -4.526  1.00 18.29 ? 42  THR   B CB  1 
ATOM   316  O OG1 . THR   A 1 36  ? 23.929  1.357   -4.221  1.00 20.74 ? 42  THR   B OG1 1 
ATOM   317  C CG2 . THR   A 1 36  ? 22.722  0.351   -5.998  1.00 20.80 ? 42  THR   B CG2 1 
ATOM   318  N N   . HIS   A 1 37  ? 21.389  2.821   -3.828  1.00 14.50 ? 43  HIS   B N   1 
ATOM   319  C CA  . HIS   A 1 37  ? 20.752  4.058   -4.346  1.00 13.38 ? 43  HIS   B CA  1 
ATOM   320  C C   . HIS   A 1 37  ? 20.607  3.968   -5.857  1.00 14.30 ? 43  HIS   B C   1 
ATOM   321  O O   . HIS   A 1 37  ? 21.629  3.615   -6.541  1.00 15.15 ? 43  HIS   B O   1 
ATOM   322  C CB  . HIS   A 1 37  ? 21.591  5.245   -3.874  1.00 13.22 ? 43  HIS   B CB  1 
ATOM   323  C CG  . HIS   A 1 37  ? 21.080  6.601   -4.173  1.00 12.45 ? 43  HIS   B CG  1 
ATOM   324  N ND1 . HIS   A 1 37  ? 20.960  7.153   -5.433  1.00 12.81 ? 43  HIS   B ND1 1 
ATOM   325  C CD2 . HIS   A 1 37  ? 20.666  7.562   -3.300  1.00 12.48 ? 43  HIS   B CD2 1 
ATOM   326  C CE1 . HIS   A 1 37  ? 20.516  8.380   -5.327  1.00 13.02 ? 43  HIS   B CE1 1 
ATOM   327  N NE2 . HIS   A 1 37  ? 20.304  8.669   -3.991  1.00 12.41 ? 43  HIS   B NE2 1 
ATOM   328  N N   . GLN   A 1 38  ? 19.457  4.358   -6.414  1.00 12.82 ? 44  GLN   B N   1 
ATOM   329  C CA  . GLN   A 1 38  ? 19.157  4.145   -7.835  1.00 12.59 ? 44  GLN   B CA  1 
ATOM   330  C C   . GLN   A 1 38  ? 19.513  5.370   -8.686  1.00 13.74 ? 44  GLN   B C   1 
ATOM   331  O O   . GLN   A 1 38  ? 19.045  5.471   -9.845  1.00 15.02 ? 44  GLN   B O   1 
ATOM   332  C CB  . GLN   A 1 38  ? 17.690  3.705   -7.971  1.00 12.41 ? 44  GLN   B CB  1 
ATOM   333  C CG  . GLN   A 1 38  ? 17.479  2.324   -7.412  1.00 13.31 ? 44  GLN   B CG  1 
ATOM   334  C CD  . GLN   A 1 38  ? 18.392  1.259   -7.949  1.00 13.43 ? 44  GLN   B CD  1 
ATOM   335  O OE1 . GLN   A 1 38  ? 19.052  0.491   -7.241  1.00 17.90 ? 44  GLN   B OE1 1 
ATOM   336  N NE2 . GLN   A 1 38  ? 18.500  1.208   -9.262  1.00 12.88 ? 44  GLN   B NE2 1 
ATOM   337  N N   . ASN   A 1 39  ? 20.352  6.264   -8.169  1.00 13.10 ? 45  ASN   B N   1 
ATOM   338  C CA  . ASN   A 1 39  ? 20.994  7.336   -9.001  1.00 12.91 ? 45  ASN   B CA  1 
ATOM   339  C C   . ASN   A 1 39  ? 19.996  8.388   -9.450  1.00 14.03 ? 45  ASN   B C   1 
ATOM   340  O O   . ASN   A 1 39  ? 20.165  9.008   -10.507 1.00 15.74 ? 45  ASN   B O   1 
ATOM   341  C CB  . ASN   A 1 39  ? 21.801  6.752   -10.186 1.00 13.62 ? 45  ASN   B CB  1 
ATOM   342  C CG  . ASN   A 1 39  ? 22.889  7.723   -10.637 1.00 13.63 ? 45  ASN   B CG  1 
ATOM   343  O OD1 . ASN   A 1 39  ? 23.430  8.483   -9.834  1.00 12.91 ? 45  ASN   B OD1 1 
ATOM   344  N ND2 . ASN   A 1 39  ? 23.227  7.719   -11.934 1.00 12.81 ? 45  ASN   B ND2 1 
ATOM   345  N N   . VAL   A 1 40  ? 19.022  8.698   -8.607  1.00 16.12 ? 46  VAL   B N   1 
ATOM   346  C CA  . VAL   A 1 40  ? 18.003  9.760   -8.810  1.00 16.63 ? 46  VAL   B CA  1 
ATOM   347  C C   . VAL   A 1 40  ? 18.349  10.971  -7.920  1.00 15.59 ? 46  VAL   B C   1 
ATOM   348  O O   . VAL   A 1 40  ? 18.930  10.779  -6.865  1.00 15.63 ? 46  VAL   B O   1 
ATOM   349  C CB  . VAL   A 1 40  ? 16.577  9.239   -8.516  1.00 17.35 ? 46  VAL   B CB  1 
ATOM   350  C CG1 . VAL   A 1 40  ? 16.150  8.213   -9.552  1.00 20.86 ? 46  VAL   B CG1 1 
ATOM   351  C CG2 . VAL   A 1 40  ? 16.423  8.680   -7.113  1.00 18.40 ? 46  VAL   B CG2 1 
ATOM   352  N N   . SER   A 1 41  ? 17.948  12.183  -8.305  1.00 17.69 ? 47  SER   B N   1 
ATOM   353  C CA  . SER   A 1 41  ? 18.053  13.362  -7.429  1.00 18.67 ? 47  SER   B CA  1 
ATOM   354  C C   . SER   A 1 41  ? 17.063  13.272  -6.276  1.00 17.56 ? 47  SER   B C   1 
ATOM   355  O O   . SER   A 1 41  ? 16.016  12.610  -6.403  1.00 16.56 ? 47  SER   B O   1 
ATOM   356  C CB  . SER   A 1 41  ? 17.845  14.640  -8.218  1.00 21.25 ? 47  SER   B CB  1 
ATOM   357  O OG  . SER   A 1 41  ? 16.586  14.600  -8.868  1.00 22.76 ? 47  SER   B OG  1 
ATOM   358  N N   . ASP   A 1 42  ? 17.359  13.920  -5.166  1.00 18.08 ? 48  ASP   B N   1 
ATOM   359  C CA  . ASP   A 1 42  ? 16.426  14.001  -4.031  1.00 17.43 ? 48  ASP   B CA  1 
ATOM   360  C C   . ASP   A 1 42  ? 15.363  15.052  -4.345  1.00 18.85 ? 48  ASP   B C   1 
ATOM   361  O O   . ASP   A 1 42  ? 15.605  15.971  -5.157  1.00 19.03 ? 48  ASP   B O   1 
ATOM   362  C CB  . ASP   A 1 42  ? 17.167  14.309  -2.743  1.00 19.21 ? 48  ASP   B CB  1 
ATOM   363  C CG  . ASP   A 1 42  ? 16.281  14.126  -1.543  1.00 24.00 ? 48  ASP   B CG  1 
ATOM   364  O OD1 . ASP   A 1 42  ? 15.411  13.150  -1.532  1.00 17.88 ? 48  ASP   B OD1 1 
ATOM   365  O OD2 . ASP   A 1 42  ? 16.343  15.051  -0.708  1.00 28.51 ? 48  ASP   B OD2 1 
ATOM   366  N N   . ASN   A 1 43  ? 14.202  14.943  -3.699  1.00 17.16 ? 49  ASN   B N   1 
ATOM   367  C CA  . ASN   A 1 43  ? 13.106  15.933  -3.838  1.00 17.84 ? 49  ASN   B CA  1 
ATOM   368  C C   . ASN   A 1 43  ? 12.242  15.821  -2.573  1.00 18.14 ? 49  ASN   B C   1 
ATOM   369  O O   . ASN   A 1 43  ? 12.414  14.861  -1.765  1.00 18.77 ? 49  ASN   B O   1 
ATOM   370  C CB  . ASN   A 1 43  ? 12.337  15.806  -5.143  1.00 17.59 ? 49  ASN   B CB  1 
ATOM   371  C CG  . ASN   A 1 43  ? 11.482  14.559  -5.188  1.00 17.75 ? 49  ASN   B CG  1 
ATOM   372  O OD1 . ASN   A 1 43  ? 10.705  14.320  -4.263  1.00 19.82 ? 49  ASN   B OD1 1 
ATOM   373  N ND2 . ASN   A 1 43  ? 11.633  13.758  -6.182  1.00 16.73 ? 49  ASN   B ND2 1 
ATOM   374  N N   . LYS   A 1 44  ? 11.357  16.771  -2.353  1.00 19.32 ? 50  LYS   B N   1 
ATOM   375  C CA  . LYS   A 1 44  ? 10.601  16.867  -1.083  1.00 20.19 ? 50  LYS   B CA  1 
ATOM   376  C C   . LYS   A 1 44  ? 9.481   15.798  -1.045  1.00 17.56 ? 50  LYS   B C   1 
ATOM   377  O O   . LYS   A 1 44  ? 8.990   15.536  0.083   1.00 18.24 ? 50  LYS   B O   1 
ATOM   378  C CB  . LYS   A 1 44  ? 9.959   18.260  -0.959  1.00 23.55 ? 50  LYS   B CB  1 
ATOM   379  C CG  . LYS   A 1 44  ? 8.982   18.576  -2.072  1.00 28.70 ? 50  LYS   B CG  1 
ATOM   380  C CD  . LYS   A 1 44  ? 8.582   20.045  -2.165  1.00 39.43 ? 50  LYS   B CD  1 
ATOM   381  C CE  . LYS   A 1 44  ? 7.252   20.209  -2.875  1.00 44.83 ? 50  LYS   B CE  1 
ATOM   382  N NZ  . LYS   A 1 44  ? 6.743   21.596  -2.743  1.00 52.05 ? 50  LYS   B NZ  1 
ATOM   383  N N   . GLU   A 1 45  ? 9.140   15.209  -2.184  1.00 16.89 ? 51  GLU   B N   1 
ATOM   384  C CA  . GLU   A 1 45  ? 8.078   14.146  -2.274  1.00 16.92 ? 51  GLU   B CA  1 
ATOM   385  C C   . GLU   A 1 45  ? 8.620   12.782  -1.798  1.00 16.35 ? 51  GLU   B C   1 
ATOM   386  O O   . GLU   A 1 45  ? 7.815   11.919  -1.350  1.00 17.27 ? 51  GLU   B O   1 
ATOM   387  C CB  . GLU   A 1 45  ? 7.539   13.996  -3.683  1.00 19.55 ? 51  GLU   B CB  1 
ATOM   388  C CG  . GLU   A 1 45  ? 6.857   15.241  -4.263  1.00 23.61 ? 51  GLU   B CG  1 
ATOM   389  C CD  . GLU   A 1 45  ? 6.392   14.962  -5.689  1.00 28.95 ? 51  GLU   B CD  1 
ATOM   390  O OE1 . GLU   A 1 45  ? 7.047   15.471  -6.651  1.00 36.24 ? 51  GLU   B OE1 1 
ATOM   391  O OE2 . GLU   A 1 45  ? 5.417   14.207  -5.879  1.00 33.27 ? 51  GLU   B OE2 1 
ATOM   392  N N   . ARG   A 1 46  ? 9.926   12.501  -1.896  1.00 14.50 ? 52  ARG   B N   1 
ATOM   393  C CA  . ARG   A 1 46  ? 10.424  11.113  -1.716  1.00 14.35 ? 52  ARG   B CA  1 
ATOM   394  C C   . ARG   A 1 46  ? 10.322  10.689  -0.272  1.00 13.28 ? 52  ARG   B C   1 
ATOM   395  O O   . ARG   A 1 46  ? 10.751  11.387  0.674   1.00 14.43 ? 52  ARG   B O   1 
ATOM   396  C CB  . ARG   A 1 46  ? 11.895  10.992  -2.138  1.00 12.84 ? 52  ARG   B CB  1 
ATOM   397  C CG  . ARG   A 1 46  ? 12.134  11.178  -3.616  1.00 14.44 ? 52  ARG   B CG  1 
ATOM   398  C CD  . ARG   A 1 46  ? 13.519  10.597  -4.028  1.00 13.92 ? 52  ARG   B CD  1 
ATOM   399  N NE  . ARG   A 1 46  ? 13.787  10.944  -5.401  1.00 15.49 ? 52  ARG   B NE  1 
ATOM   400  C CZ  . ARG   A 1 46  ? 13.162  10.434  -6.457  1.00 14.47 ? 52  ARG   B CZ  1 
ATOM   401  N NH1 . ARG   A 1 46  ? 12.338  9.390   -6.323  1.00 13.35 ? 52  ARG   B NH1 1 
ATOM   402  N NH2 . ARG   A 1 46  ? 13.389  10.904  -7.686  1.00 17.05 ? 52  ARG   B NH2 1 
ATOM   403  N N   . PHE   A 1 47  ? 9.786   9.496   -0.016  1.00 12.51 ? 53  PHE   B N   1 
ATOM   404  C CA  . PHE   A 1 47  ? 9.873   8.905   1.329   1.00 11.88 ? 53  PHE   B CA  1 
ATOM   405  C C   . PHE   A 1 47  ? 11.360  8.617   1.647   1.00 13.88 ? 53  PHE   B C   1 
ATOM   406  O O   . PHE   A 1 47  ? 12.009  7.873   0.898   1.00 14.21 ? 53  PHE   B O   1 
ATOM   407  C CB  . PHE   A 1 47  ? 9.075   7.620   1.460   1.00 11.31 ? 53  PHE   B CB  1 
ATOM   408  C CG  . PHE   A 1 47  ? 7.583   7.872   1.477   1.00 10.46 ? 53  PHE   B CG  1 
ATOM   409  C CD1 . PHE   A 1 47  ? 6.965   8.280   2.660   1.00 10.93 ? 53  PHE   B CD1 1 
ATOM   410  C CD2 . PHE   A 1 47  ? 6.798   7.718   0.340   1.00 11.31 ? 53  PHE   B CD2 1 
ATOM   411  C CE1 . PHE   A 1 47  ? 5.592   8.516   2.684   1.00 11.91 ? 53  PHE   B CE1 1 
ATOM   412  C CE2 . PHE   A 1 47  ? 5.419   7.949   0.381   1.00 11.35 ? 53  PHE   B CE2 1 
ATOM   413  C CZ  . PHE   A 1 47  ? 4.848   8.384   1.561   1.00 10.42 ? 53  PHE   B CZ  1 
ATOM   414  N N   . SER   A 1 48  ? 11.906  9.185   2.701   1.00 14.07 ? 54  SER   B N   1 
ATOM   415  C CA  . SER   A 1 48  ? 13.369  9.093   2.978   1.00 15.41 ? 54  SER   B CA  1 
ATOM   416  C C   . SER   A 1 48  ? 13.719  7.863   3.795   1.00 15.61 ? 54  SER   B C   1 
ATOM   417  O O   . SER   A 1 48  ? 14.811  7.296   3.549   1.00 18.06 ? 54  SER   B O   1 
ATOM   418  C CB  . SER   A 1 48  ? 13.809  10.382  3.658   1.00 16.42 ? 54  SER   B CB  1 
ATOM   419  O OG  . SER   A 1 48  ? 13.210  10.581  4.913   1.00 16.00 ? 54  SER   B OG  1 
ATOM   420  N N   . ASN   A 1 49  ? 12.933  7.455   4.767   1.00 13.62 ? 55  ASN   B N   1 
ATOM   421  C CA  . ASN   A 1 49  ? 13.352  6.490   5.811   1.00 15.06 ? 55  ASN   B CA  1 
ATOM   422  C C   . ASN   A 1 49  ? 12.960  5.053   5.498   1.00 14.18 ? 55  ASN   B C   1 
ATOM   423  O O   . ASN   A 1 49  ? 13.479  4.124   6.127   1.00 15.89 ? 55  ASN   B O   1 
ATOM   424  C CB  . ASN   A 1 49  ? 12.839  6.872   7.196   1.00 16.67 ? 55  ASN   B CB  1 
ATOM   425  C CG  . ASN   A 1 49  ? 13.549  8.083   7.811   1.00 18.44 ? 55  ASN   B CG  1 
ATOM   426  O OD1 . ASN   A 1 49  ? 13.800  9.095   7.153   1.00 21.64 ? 55  ASN   B OD1 1 
ATOM   427  N ND2 . ASN   A 1 49  ? 13.873  7.941   9.086   1.00 25.11 ? 55  ASN   B ND2 1 
ATOM   428  N N   . TYR   A 1 50  ? 11.982  4.871   4.604   1.00 12.39 ? 56  TYR   B N   1 
ATOM   429  C CA  . TYR   A 1 50  ? 11.394  3.536   4.380   1.00 11.72 ? 56  TYR   B CA  1 
ATOM   430  C C   . TYR   A 1 50  ? 11.197  3.322   2.868   1.00 11.09 ? 56  TYR   B C   1 
ATOM   431  O O   . TYR   A 1 50  ? 11.071  4.280   2.112   1.00 11.63 ? 56  TYR   B O   1 
ATOM   432  C CB  . TYR   A 1 50  ? 10.014  3.461   5.048   1.00 12.34 ? 56  TYR   B CB  1 
ATOM   433  C CG  . TYR   A 1 50  ? 9.947   3.964   6.472   1.00 13.32 ? 56  TYR   B CG  1 
ATOM   434  C CD1 . TYR   A 1 50  ? 10.455  3.188   7.508   1.00 14.88 ? 56  TYR   B CD1 1 
ATOM   435  C CD2 . TYR   A 1 50  ? 9.386   5.194   6.806   1.00 14.16 ? 56  TYR   B CD2 1 
ATOM   436  C CE1 . TYR   A 1 50  ? 10.407  3.624   8.832   1.00 16.95 ? 56  TYR   B CE1 1 
ATOM   437  C CE2 . TYR   A 1 50  ? 9.395   5.672   8.110   1.00 15.53 ? 56  TYR   B CE2 1 
ATOM   438  C CZ  . TYR   A 1 50  ? 9.874   4.867   9.126   1.00 16.03 ? 56  TYR   B CZ  1 
ATOM   439  O OH  . TYR   A 1 50  ? 9.806   5.342   10.414  1.00 16.94 ? 56  TYR   B OH  1 
ATOM   440  N N   . PRO   A 1 51  ? 11.120  2.055   2.399   1.00 10.80 ? 57  PRO   B N   1 
ATOM   441  C CA  . PRO   A 1 51  ? 10.999  1.711   0.978   1.00 10.92 ? 57  PRO   B CA  1 
ATOM   442  C C   . PRO   A 1 51  ? 9.570   1.879   0.404   1.00 9.91  ? 57  PRO   B C   1 
ATOM   443  O O   . PRO   A 1 51  ? 8.988   0.954   -0.108  1.00 10.68 ? 57  PRO   B O   1 
ATOM   444  C CB  . PRO   A 1 51  ? 11.501  0.228   0.900   1.00 12.89 ? 57  PRO   B CB  1 
ATOM   445  C CG  . PRO   A 1 51  ? 12.090  -0.059  2.255   1.00 13.31 ? 57  PRO   B CG  1 
ATOM   446  C CD  . PRO   A 1 51  ? 11.364  0.855   3.190   1.00 11.55 ? 57  PRO   B CD  1 
ATOM   447  N N   . MET   A 1 52  ? 9.066   3.123   0.524   1.00 10.16 ? 58  MET   B N   1 
ATOM   448  C CA  . MET   A 1 52  ? 7.665   3.484   0.212   1.00 9.08  ? 58  MET   B CA  1 
ATOM   449  C C   . MET   A 1 52  ? 7.580   4.240   -1.091  1.00 9.78  ? 58  MET   B C   1 
ATOM   450  O O   . MET   A 1 52  ? 8.502   4.939   -1.553  1.00 10.31 ? 58  MET   B O   1 
ATOM   451  C CB  . MET   A 1 52  ? 7.100   4.336   1.350   1.00 9.90  ? 58  MET   B CB  1 
ATOM   452  C CG  . MET   A 1 52  ? 6.924   3.565   2.616   1.00 9.51  ? 58  MET   B CG  1 
ATOM   453  S SD  . MET   A 1 52  ? 6.630   4.670   4.019   1.00 11.51 ? 58  MET   B SD  1 
ATOM   454  C CE  . MET   A 1 52  ? 6.452   3.547   5.385   1.00 12.01 ? 58  MET   B CE  1 
ATOM   455  N N   . VAL   A 1 53  ? 6.396   4.158   -1.707  1.00 9.63  ? 59  VAL   B N   1 
ATOM   456  C CA  . VAL   A 1 53  ? 6.050   4.868   -2.960  1.00 9.77  ? 59  VAL   B CA  1 
ATOM   457  C C   . VAL   A 1 53  ? 4.527   5.051   -3.002  1.00 10.54 ? 59  VAL   B C   1 
ATOM   458  O O   . VAL   A 1 53  ? 3.797   4.200   -2.421  1.00 10.63 ? 59  VAL   B O   1 
ATOM   459  C CB  . VAL   A 1 53  ? 6.598   4.144   -4.209  1.00 10.27 ? 59  VAL   B CB  1 
ATOM   460  C CG1 . VAL   A 1 53  ? 6.046   2.743   -4.347  1.00 10.84 ? 59  VAL   B CG1 1 
ATOM   461  C CG2 . VAL   A 1 53  ? 6.418   4.947   -5.509  1.00 10.69 ? 59  VAL   B CG2 1 
ATOM   462  N N   . LEU   A 1 54  ? 4.062   6.079   -3.666  1.00 10.52 ? 60  LEU   B N   1 
ATOM   463  C CA  . LEU   A 1 54  ? 2.619   6.318   -3.882  1.00 10.15 ? 60  LEU   B CA  1 
ATOM   464  C C   . LEU   A 1 54  ? 2.202   5.992   -5.293  1.00 11.34 ? 60  LEU   B C   1 
ATOM   465  O O   . LEU   A 1 54  ? 2.982   6.149   -6.296  1.00 11.90 ? 60  LEU   B O   1 
ATOM   466  C CB  . LEU   A 1 54  ? 2.264   7.776   -3.587  1.00 11.32 ? 60  LEU   B CB  1 
ATOM   467  C CG  . LEU   A 1 54  ? 2.640   8.275   -2.207  1.00 11.14 ? 60  LEU   B CG  1 
ATOM   468  C CD1 . LEU   A 1 54  ? 2.141   9.686   -1.910  1.00 13.59 ? 60  LEU   B CD1 1 
ATOM   469  C CD2 . LEU   A 1 54  ? 2.171   7.349   -1.104  1.00 12.10 ? 60  LEU   B CD2 1 
ATOM   470  N N   . GLY   A 1 55  ? 0.930   5.650   -5.451  1.00 11.11 ? 61  GLY   B N   1 
ATOM   471  C CA  . GLY   A 1 55  ? 0.288   5.700   -6.785  1.00 11.41 ? 61  GLY   B CA  1 
ATOM   472  C C   . GLY   A 1 55  ? 0.167   7.142   -7.292  1.00 11.36 ? 61  GLY   B C   1 
ATOM   473  O O   . GLY   A 1 55  ? 0.049   8.048   -6.495  1.00 11.87 ? 61  GLY   B O   1 
ATOM   474  N N   . ALA   A 1 56  ? 0.110   7.295   -8.596  1.00 12.59 ? 62  ALA   B N   1 
ATOM   475  C CA  . ALA   A 1 56  ? -0.042  8.617   -9.256  1.00 13.88 ? 62  ALA   B CA  1 
ATOM   476  C C   . ALA   A 1 56  ? -1.474  9.140   -9.089  1.00 15.49 ? 62  ALA   B C   1 
ATOM   477  O O   . ALA   A 1 56  ? -1.679  10.370  -9.048  1.00 18.46 ? 62  ALA   B O   1 
ATOM   478  C CB  . ALA   A 1 56  ? 0.321   8.445   -10.695 1.00 15.82 ? 62  ALA   B CB  1 
ATOM   479  N N   . GLN   A 1 57  ? -2.418  8.216   -8.977  1.00 14.71 ? 63  GLN   B N   1 
ATOM   480  C CA  . GLN   A 1 57  ? -3.851  8.604   -8.982  1.00 14.69 ? 63  GLN   B CA  1 
ATOM   481  C C   . GLN   A 1 57  ? -4.192  9.255   -7.643  1.00 16.16 ? 63  GLN   B C   1 
ATOM   482  O O   . GLN   A 1 57  ? -3.667  8.861   -6.573  1.00 16.67 ? 63  GLN   B O   1 
ATOM   483  C CB  . GLN   A 1 57  ? -4.721  7.374   -9.273  1.00 16.61 ? 63  GLN   B CB  1 
ATOM   484  C CG  . GLN   A 1 57  ? -4.623  6.831   -10.686 1.00 18.44 ? 63  GLN   B CG  1 
ATOM   485  C CD  . GLN   A 1 57  ? -3.293  6.179   -11.018 1.00 18.76 ? 63  GLN   B CD  1 
ATOM   486  O OE1 . GLN   A 1 57  ? -2.723  5.505   -10.170 1.00 17.40 ? 63  GLN   B OE1 1 
ATOM   487  N NE2 . GLN   A 1 57  ? -2.797  6.326   -12.231 1.00 20.99 ? 63  GLN   B NE2 1 
ATOM   488  N N   . ARG   A 1 58  ? -5.051  10.273  -7.666  1.00 15.83 ? 64  ARG   B N   1 
ATOM   489  C CA  . ARG   A 1 58  ? -5.633  10.932  -6.486  1.00 15.65 ? 64  ARG   B CA  1 
ATOM   490  C C   . ARG   A 1 58  ? -7.146  10.744  -6.508  1.00 14.39 ? 64  ARG   B C   1 
ATOM   491  O O   . ARG   A 1 58  ? -7.767  10.883  -7.585  1.00 16.84 ? 64  ARG   B O   1 
ATOM   492  C CB  . ARG   A 1 58  ? -5.407  12.456  -6.501  1.00 20.09 ? 64  ARG   B CB  1 
ATOM   493  C CG  . ARG   A 1 58  ? -4.010  12.938  -6.110  1.00 28.65 ? 64  ARG   B CG  1 
ATOM   494  C CD  . ARG   A 1 58  ? -2.926  12.239  -6.900  1.00 30.64 ? 64  ARG   B CD  1 
ATOM   495  N NE  . ARG   A 1 58  ? -1.601  12.770  -7.256  1.00 36.33 ? 64  ARG   B NE  1 
ATOM   496  C CZ  . ARG   A 1 58  ? -1.026  13.906  -6.869  1.00 36.18 ? 64  ARG   B CZ  1 
ATOM   497  N NH1 . ARG   A 1 58  ? 0.191   14.192  -7.307  1.00 39.50 ? 64  ARG   B NH1 1 
ATOM   498  N NH2 . ARG   A 1 58  ? -1.626  14.751  -6.062  1.00 34.51 ? 64  ARG   B NH2 1 
ATOM   499  N N   . PHE   A 1 59  ? -7.706  10.362  -5.390  1.00 13.99 ? 65  PHE   B N   1 
ATOM   500  C CA  . PHE   A 1 59  ? -9.162  10.077  -5.278  1.00 13.79 ? 65  PHE   B CA  1 
ATOM   501  C C   . PHE   A 1 59  ? -9.764  10.984  -4.213  1.00 12.83 ? 65  PHE   B C   1 
ATOM   502  O O   . PHE   A 1 59  ? -9.283  11.050  -3.084  1.00 12.71 ? 65  PHE   B O   1 
ATOM   503  C CB  . PHE   A 1 59  ? -9.356  8.599   -4.868  1.00 15.41 ? 65  PHE   B CB  1 
ATOM   504  C CG  . PHE   A 1 59  ? -8.742  7.607   -5.844  1.00 17.38 ? 65  PHE   B CG  1 
ATOM   505  C CD1 . PHE   A 1 59  ? -9.090  7.678   -7.185  1.00 19.75 ? 65  PHE   B CD1 1 
ATOM   506  C CD2 . PHE   A 1 59  ? -7.830  6.655   -5.462  1.00 24.81 ? 65  PHE   B CD2 1 
ATOM   507  C CE1 . PHE   A 1 59  ? -8.561  6.820   -8.139  1.00 23.20 ? 65  PHE   B CE1 1 
ATOM   508  C CE2 . PHE   A 1 59  ? -7.325  5.762   -6.413  1.00 19.55 ? 65  PHE   B CE2 1 
ATOM   509  C CZ  . PHE   A 1 59  ? -7.642  5.892   -7.737  1.00 21.38 ? 65  PHE   B CZ  1 
ATOM   510  N N   A SER   A 1 60  ? -10.852 11.691  -4.560  0.25 13.15 ? 66  SER   B N   1 
ATOM   511  N N   B SER   A 1 60  ? -10.855 11.686  -4.558  0.25 13.48 ? 66  SER   B N   1 
ATOM   512  C CA  A SER   A 1 60  ? -11.554 12.614  -3.625  0.25 13.52 ? 66  SER   B CA  1 
ATOM   513  C CA  B SER   A 1 60  ? -11.584 12.596  -3.632  0.25 14.07 ? 66  SER   B CA  1 
ATOM   514  C C   A SER   A 1 60  ? -13.059 12.301  -3.547  0.25 13.28 ? 66  SER   B C   1 
ATOM   515  C C   B SER   A 1 60  ? -13.085 12.314  -3.657  0.25 14.14 ? 66  SER   B C   1 
ATOM   516  O O   A SER   A 1 60  ? -13.752 12.959  -2.730  0.25 13.03 ? 66  SER   B O   1 
ATOM   517  O O   B SER   A 1 60  ? -13.854 13.172  -3.194  0.25 13.48 ? 66  SER   B O   1 
ATOM   518  C CB  A SER   A 1 60  ? -11.266 14.066  -3.972  0.25 13.59 ? 66  SER   B CB  1 
ATOM   519  C CB  B SER   A 1 60  ? -11.353 14.025  -3.993  0.25 14.10 ? 66  SER   B CB  1 
ATOM   520  O OG  A SER   A 1 60  ? -9.948  14.432  -3.526  0.25 14.37 ? 66  SER   B OG  1 
ATOM   521  O OG  B SER   A 1 60  ? -11.749 14.220  -5.326  0.25 15.01 ? 66  SER   B OG  1 
ATOM   522  N N   A SER   A 1 61  ? -13.526 11.290  -4.293  0.25 13.06 ? 67  SER   B N   1 
ATOM   523  N N   B SER   A 1 61  ? -13.492 11.175  -4.208  0.25 14.61 ? 67  SER   B N   1 
ATOM   524  C CA  A SER   A 1 61  ? -14.946 10.855  -4.328  0.25 13.96 ? 67  SER   B CA  1 
ATOM   525  C CA  B SER   A 1 61  ? -14.919 10.821  -4.339  0.25 16.16 ? 67  SER   B CA  1 
ATOM   526  C C   A SER   A 1 61  ? -15.022 9.405   -4.807  0.25 14.56 ? 67  SER   B C   1 
ATOM   527  C C   B SER   A 1 61  ? -15.050 9.425   -4.934  0.25 15.75 ? 67  SER   B C   1 
ATOM   528  O O   A SER   A 1 61  ? -13.999 8.899   -5.267  0.25 14.19 ? 67  SER   B O   1 
ATOM   529  O O   B SER   A 1 61  ? -14.118 9.006   -5.658  0.25 14.66 ? 67  SER   B O   1 
ATOM   530  C CB  A SER   A 1 61  ? -15.755 11.767  -5.242  0.25 13.76 ? 67  SER   B CB  1 
ATOM   531  C CB  B SER   A 1 61  ? -15.618 11.829  -5.216  0.25 17.39 ? 67  SER   B CB  1 
ATOM   532  O OG  A SER   A 1 61  ? -15.423 11.562  -6.603  0.25 13.66 ? 67  SER   B OG  1 
ATOM   533  O OG  B SER   A 1 61  ? -16.994 11.512  -5.298  0.25 20.73 ? 67  SER   B OG  1 
ATOM   534  N N   . GLY   A 1 62  ? -16.200 8.785   -4.714  1.00 15.97 ? 68  GLY   B N   1 
ATOM   535  C CA  . GLY   A 1 62  ? -16.486 7.530   -5.422  1.00 17.30 ? 68  GLY   B CA  1 
ATOM   536  C C   . GLY   A 1 62  ? -15.942 6.282   -4.736  1.00 13.53 ? 68  GLY   B C   1 
ATOM   537  O O   . GLY   A 1 62  ? -15.478 6.336   -3.585  1.00 15.25 ? 68  GLY   B O   1 
ATOM   538  N N   . LYS   A 1 63  ? -16.070 5.214   -5.496  1.00 13.84 ? 69  LYS   B N   1 
ATOM   539  C CA  . LYS   A 1 63  ? -15.685 3.866   -5.086  1.00 14.48 ? 69  LYS   B CA  1 
ATOM   540  C C   . LYS   A 1 63  ? -14.569 3.426   -6.028  1.00 14.58 ? 69  LYS   B C   1 
ATOM   541  O O   . LYS   A 1 63  ? -14.710 3.517   -7.262  1.00 15.93 ? 69  LYS   B O   1 
ATOM   542  C CB  . LYS   A 1 63  ? -16.891 2.931   -5.130  1.00 16.03 ? 69  LYS   B CB  1 
ATOM   543  C CG  . LYS   A 1 63  ? -17.976 3.239   -4.105  1.00 16.42 ? 69  LYS   B CG  1 
ATOM   544  C CD  . LYS   A 1 63  ? -19.261 2.386   -4.323  1.00 19.57 ? 69  LYS   B CD  1 
ATOM   545  C CE  . LYS   A 1 63  ? -20.305 2.620   -3.262  1.00 22.96 ? 69  LYS   B CE  1 
ATOM   546  N NZ  . LYS   A 1 63  ? -21.461 1.722   -3.497  1.00 25.42 ? 69  LYS   B NZ  1 
ATOM   547  N N   . MET   A 1 64  ? -13.493 2.870   -5.478  1.00 13.61 ? 70  MET   B N   1 
ATOM   548  C CA  . MET   A 1 64  ? -12.283 2.464   -6.218  1.00 13.70 ? 70  MET   B CA  1 
ATOM   549  C C   . MET   A 1 64  ? -11.838 1.089   -5.714  1.00 12.81 ? 70  MET   B C   1 
ATOM   550  O O   . MET   A 1 64  ? -11.912 0.835   -4.521  1.00 13.23 ? 70  MET   B O   1 
ATOM   551  C CB  . MET   A 1 64  ? -11.136 3.418   -5.923  1.00 13.95 ? 70  MET   B CB  1 
ATOM   552  C CG  . MET   A 1 64  ? -11.190 4.781   -6.570  1.00 14.36 ? 70  MET   B CG  1 
ATOM   553  S SD  . MET   A 1 64  ? -12.457 5.970   -5.973  1.00 16.65 ? 70  MET   B SD  1 
ATOM   554  C CE  . MET   A 1 64  ? -12.121 6.094   -4.233  1.00 16.22 ? 70  MET   B CE  1 
ATOM   555  N N   . TYR   A 1 65  ? -11.299 0.264   -6.581  1.00 13.10 ? 71  TYR   B N   1 
ATOM   556  C CA  . TYR   A 1 65  ? -10.843 -1.101  -6.237  1.00 13.32 ? 71  TYR   B CA  1 
ATOM   557  C C   . TYR   A 1 65  ? -9.591  -1.367  -7.039  1.00 13.82 ? 71  TYR   B C   1 
ATOM   558  O O   . TYR   A 1 65  ? -9.550  -1.089  -8.267  1.00 13.35 ? 71  TYR   B O   1 
ATOM   559  C CB  . TYR   A 1 65  ? -11.915 -2.144  -6.556  1.00 14.21 ? 71  TYR   B CB  1 
ATOM   560  C CG  . TYR   A 1 65  ? -11.519 -3.566  -6.257  1.00 13.63 ? 71  TYR   B CG  1 
ATOM   561  C CD1 . TYR   A 1 65  ? -11.491 -4.028  -4.950  1.00 13.19 ? 71  TYR   B CD1 1 
ATOM   562  C CD2 . TYR   A 1 65  ? -11.083 -4.412  -7.271  1.00 13.97 ? 71  TYR   B CD2 1 
ATOM   563  C CE1 . TYR   A 1 65  ? -11.106 -5.335  -4.644  1.00 14.15 ? 71  TYR   B CE1 1 
ATOM   564  C CE2 . TYR   A 1 65  ? -10.672 -5.707  -6.970  1.00 13.28 ? 71  TYR   B CE2 1 
ATOM   565  C CZ  . TYR   A 1 65  ? -10.668 -6.167  -5.673  1.00 13.95 ? 71  TYR   B CZ  1 
ATOM   566  O OH  . TYR   A 1 65  ? -10.262 -7.447  -5.407  1.00 15.82 ? 71  TYR   B OH  1 
ATOM   567  N N   . TRP   A 1 66  ? -8.582  -1.948  -6.414  1.00 11.42 ? 72  TRP   B N   1 
ATOM   568  C CA  . TRP   A 1 66  ? -7.406  -2.468  -7.162  1.00 11.69 ? 72  TRP   B CA  1 
ATOM   569  C C   . TRP   A 1 66  ? -6.841  -3.691  -6.426  1.00 12.51 ? 72  TRP   B C   1 
ATOM   570  O O   . TRP   A 1 66  ? -7.173  -3.921  -5.262  1.00 12.56 ? 72  TRP   B O   1 
ATOM   571  C CB  . TRP   A 1 66  ? -6.350  -1.354  -7.417  1.00 11.50 ? 72  TRP   B CB  1 
ATOM   572  C CG  . TRP   A 1 66  ? -5.726  -0.747  -6.208  1.00 11.20 ? 72  TRP   B CG  1 
ATOM   573  C CD1 . TRP   A 1 66  ? -4.516  -1.079  -5.633  1.00 11.09 ? 72  TRP   B CD1 1 
ATOM   574  C CD2 . TRP   A 1 66  ? -6.214  0.324   -5.408  1.00 11.98 ? 72  TRP   B CD2 1 
ATOM   575  N NE1 . TRP   A 1 66  ? -4.256  -0.297  -4.544  1.00 11.71 ? 72  TRP   B NE1 1 
ATOM   576  C CE2 . TRP   A 1 66  ? -5.284  0.585   -4.384  1.00 12.43 ? 72  TRP   B CE2 1 
ATOM   577  C CE3 . TRP   A 1 66  ? -7.393  1.085   -5.468  1.00 13.67 ? 72  TRP   B CE3 1 
ATOM   578  C CZ2 . TRP   A 1 66  ? -5.459  1.595   -3.458  1.00 12.52 ? 72  TRP   B CZ2 1 
ATOM   579  C CZ3 . TRP   A 1 66  ? -7.573  2.098   -4.553  1.00 15.73 ? 72  TRP   B CZ3 1 
ATOM   580  C CH2 . TRP   A 1 66  ? -6.641  2.323   -3.541  1.00 14.09 ? 72  TRP   B CH2 1 
ATOM   581  N N   . GLU   A 1 67  ? -5.932  -4.409  -7.103  1.00 11.62 ? 73  GLU   B N   1 
ATOM   582  C CA  . GLU   A 1 67  ? -5.309  -5.642  -6.554  1.00 11.23 ? 73  GLU   B CA  1 
ATOM   583  C C   . GLU   A 1 67  ? -3.789  -5.606  -6.659  1.00 10.84 ? 73  GLU   B C   1 
ATOM   584  O O   . GLU   A 1 67  ? -3.268  -5.009  -7.596  1.00 11.85 ? 73  GLU   B O   1 
ATOM   585  C CB  . GLU   A 1 67  ? -5.820  -6.897  -7.260  1.00 12.79 ? 73  GLU   B CB  1 
ATOM   586  C CG  . GLU   A 1 67  ? -7.303  -7.125  -6.960  1.00 15.11 ? 73  GLU   B CG  1 
ATOM   587  C CD  . GLU   A 1 67  ? -7.911  -8.338  -7.632  1.00 18.68 ? 73  GLU   B CD  1 
ATOM   588  O OE1 . GLU   A 1 67  ? -7.192  -8.956  -8.484  1.00 22.94 ? 73  GLU   B OE1 1 
ATOM   589  O OE2 . GLU   A 1 67  ? -9.123  -8.673  -7.318  1.00 17.53 ? 73  GLU   B OE2 1 
ATOM   590  N N   . VAL   A 1 68  ? -3.138  -6.122  -5.629  1.00 11.44 ? 74  VAL   B N   1 
ATOM   591  C CA  . VAL   A 1 68  ? -1.670  -6.129  -5.553  1.00 11.02 ? 74  VAL   B CA  1 
ATOM   592  C C   . VAL   A 1 68  ? -1.192  -7.548  -5.309  1.00 10.60 ? 74  VAL   B C   1 
ATOM   593  O O   . VAL   A 1 68  ? -1.664  -8.218  -4.382  1.00 12.03 ? 74  VAL   B O   1 
ATOM   594  C CB  . VAL   A 1 68  ? -1.166  -5.192  -4.452  1.00 11.13 ? 74  VAL   B CB  1 
ATOM   595  C CG1 . VAL   A 1 68  ? 0.344   -5.126  -4.495  1.00 12.17 ? 74  VAL   B CG1 1 
ATOM   596  C CG2 . VAL   A 1 68  ? -1.834  -3.829  -4.526  1.00 12.34 ? 74  VAL   B CG2 1 
ATOM   597  N N   . ASP   A 1 69  ? -0.168  -7.970  -6.075  1.00 11.07 ? 75  ASP   B N   1 
ATOM   598  C CA  . ASP   A 1 69  ? 0.506   -9.272  -5.896  1.00 12.44 ? 75  ASP   B CA  1 
ATOM   599  C C   . ASP   A 1 69  ? 1.633   -9.139  -4.889  1.00 10.67 ? 75  ASP   B C   1 
ATOM   600  O O   . ASP   A 1 69  ? 2.494   -8.199  -5.043  1.00 11.81 ? 75  ASP   B O   1 
ATOM   601  C CB  . ASP   A 1 69  ? 1.039   -9.785  -7.241  1.00 13.77 ? 75  ASP   B CB  1 
ATOM   602  C CG  . ASP   A 1 69  ? 1.454   -11.257 -7.193  1.00 16.82 ? 75  ASP   B CG  1 
ATOM   603  O OD1 . ASP   A 1 69  ? 2.327   -11.587 -6.450  1.00 16.11 ? 75  ASP   B OD1 1 
ATOM   604  O OD2 . ASP   A 1 69  ? 0.709   -12.103 -7.743  1.00 21.89 ? 75  ASP   B OD2 1 
ATOM   605  N N   . VAL   A 1 70  ? 1.622   -9.982  -3.853  1.00 11.34 ? 76  VAL   B N   1 
ATOM   606  C CA  . VAL   A 1 70  ? 2.630   -9.992  -2.757  1.00 11.57 ? 76  VAL   B CA  1 
ATOM   607  C C   . VAL   A 1 70  ? 3.400   -11.330 -2.688  1.00 12.39 ? 76  VAL   B C   1 
ATOM   608  O O   . VAL   A 1 70  ? 3.998   -11.637 -1.671  1.00 12.75 ? 76  VAL   B O   1 
ATOM   609  C CB  . VAL   A 1 70  ? 1.947   -9.634  -1.404  1.00 11.60 ? 76  VAL   B CB  1 
ATOM   610  C CG1 . VAL   A 1 70  ? 1.318   -8.211  -1.446  1.00 11.42 ? 76  VAL   B CG1 1 
ATOM   611  C CG2 . VAL   A 1 70  ? 0.900   -10.650 -0.962  1.00 12.43 ? 76  VAL   B CG2 1 
ATOM   612  N N   . THR   A 1 71  ? 3.307   -12.127 -3.740  1.00 12.76 ? 77  THR   B N   1 
ATOM   613  C CA  . THR   A 1 71  ? 3.909   -13.476 -3.773  1.00 14.10 ? 77  THR   B CA  1 
ATOM   614  C C   . THR   A 1 71  ? 5.370   -13.444 -3.306  1.00 14.18 ? 77  THR   B C   1 
ATOM   615  O O   . THR   A 1 71  ? 6.157   -12.600 -3.737  1.00 14.62 ? 77  THR   B O   1 
ATOM   616  C CB  . THR   A 1 71  ? 3.848   -14.042 -5.189  1.00 15.06 ? 77  THR   B CB  1 
ATOM   617  O OG1 . THR   A 1 71  ? 2.487   -14.166 -5.636  1.00 18.07 ? 77  THR   B OG1 1 
ATOM   618  C CG2 . THR   A 1 71  ? 4.527   -15.396 -5.215  1.00 18.22 ? 77  THR   B CG2 1 
ATOM   619  N N   . GLN   A 1 72  ? 5.647   -14.370 -2.396  1.00 16.24 ? 78  GLN   B N   1 
ATOM   620  C CA  . GLN   A 1 72  ? 6.953   -14.726 -1.788  1.00 19.40 ? 78  GLN   B CA  1 
ATOM   621  C C   . GLN   A 1 72  ? 7.584   -13.590 -1.001  1.00 20.24 ? 78  GLN   B C   1 
ATOM   622  O O   . GLN   A 1 72  ? 8.714   -13.758 -0.526  1.00 23.89 ? 78  GLN   B O   1 
ATOM   623  C CB  . GLN   A 1 72  ? 7.904   -15.322 -2.822  1.00 26.79 ? 78  GLN   B CB  1 
ATOM   624  C CG  . GLN   A 1 72  ? 8.328   -14.407 -3.952  1.00 33.88 ? 78  GLN   B CG  1 
ATOM   625  C CD  . GLN   A 1 72  ? 9.779   -14.604 -4.345  1.00 38.38 ? 78  GLN   B CD  1 
ATOM   626  O OE1 . GLN   A 1 72  ? 10.136  -14.553 -5.522  1.00 42.72 ? 78  GLN   B OE1 1 
ATOM   627  N NE2 . GLN   A 1 72  ? 10.646  -14.721 -3.348  1.00 43.69 ? 78  GLN   B NE2 1 
ATOM   628  N N   . LYS   A 1 73  ? 6.874   -12.530 -0.679  1.00 14.05 ? 79  LYS   B N   1 
ATOM   629  C CA  . LYS   A 1 73  ? 7.430   -11.517 0.223   1.00 12.79 ? 79  LYS   B CA  1 
ATOM   630  C C   . LYS   A 1 73  ? 7.283   -11.875 1.700   1.00 11.65 ? 79  LYS   B C   1 
ATOM   631  O O   . LYS   A 1 73  ? 6.244   -12.501 2.110   1.00 13.61 ? 79  LYS   B O   1 
ATOM   632  C CB  . LYS   A 1 73  ? 6.760   -10.176 -0.071  1.00 12.81 ? 79  LYS   B CB  1 
ATOM   633  C CG  . LYS   A 1 73  ? 7.144   -9.602  -1.455  1.00 13.38 ? 79  LYS   B CG  1 
ATOM   634  C CD  . LYS   A 1 73  ? 6.773   -8.179  -1.726  1.00 14.36 ? 79  LYS   B CD  1 
ATOM   635  C CE  . LYS   A 1 73  ? 7.495   -7.189  -0.853  1.00 12.61 ? 79  LYS   B CE  1 
ATOM   636  N NZ  . LYS   A 1 73  ? 8.988   -7.290  -0.958  1.00 11.20 ? 79  LYS   B NZ  1 
ATOM   637  N N   . GLU   A 1 74  ? 8.241   -11.447 2.495   1.00 10.71 ? 80  GLU   B N   1 
ATOM   638  C CA  . GLU   A 1 74  ? 8.249   -11.619 3.949   1.00 10.46 ? 80  GLU   B CA  1 
ATOM   639  C C   . GLU   A 1 74  ? 7.707   -10.404 4.691   1.00 10.35 ? 80  GLU   B C   1 
ATOM   640  O O   . GLU   A 1 74  ? 7.389   -10.472 5.870   1.00 11.44 ? 80  GLU   B O   1 
ATOM   641  C CB  . GLU   A 1 74  ? 9.682   -11.862 4.469   1.00 11.94 ? 80  GLU   B CB  1 
ATOM   642  C CG  . GLU   A 1 74  ? 10.333  -13.130 3.956   1.00 13.35 ? 80  GLU   B CG  1 
ATOM   643  C CD  . GLU   A 1 74  ? 11.803  -13.240 4.372   1.00 13.22 ? 80  GLU   B CD  1 
ATOM   644  O OE1 . GLU   A 1 74  ? 12.327  -14.344 4.254   1.00 16.95 ? 80  GLU   B OE1 1 
ATOM   645  O OE2 . GLU   A 1 74  ? 12.365  -12.241 4.849   1.00 14.85 ? 80  GLU   B OE2 1 
ATOM   646  N N   . ALA   A 1 75  ? 7.712   -9.231  4.055   1.00 10.55 ? 81  ALA   B N   1 
ATOM   647  C CA  . ALA   A 1 75  ? 7.331   -7.981  4.723   1.00 10.31 ? 81  ALA   B CA  1 
ATOM   648  C C   . ALA   A 1 75  ? 6.881   -6.973  3.668   1.00 11.09 ? 81  ALA   B C   1 
ATOM   649  O O   . ALA   A 1 75  ? 7.510   -6.846  2.580   1.00 10.62 ? 81  ALA   B O   1 
ATOM   650  C CB  . ALA   A 1 75  ? 8.472   -7.418  5.523   1.00 11.00 ? 81  ALA   B CB  1 
ATOM   651  N N   . TRP   A 1 76  ? 5.800   -6.252  3.983   1.00 10.33 ? 82  TRP   B N   1 
ATOM   652  C CA  . TRP   A 1 76  ? 5.220   -5.201  3.089   1.00 9.78  ? 82  TRP   B CA  1 
ATOM   653  C C   . TRP   A 1 76  ? 4.132   -4.487  3.857   1.00 9.94  ? 82  TRP   B C   1 
ATOM   654  O O   . TRP   A 1 76  ? 3.614   -5.021  4.830   1.00 10.73 ? 82  TRP   B O   1 
ATOM   655  C CB  . TRP   A 1 76  ? 4.669   -5.806  1.778   1.00 10.51 ? 82  TRP   B CB  1 
ATOM   656  C CG  . TRP   A 1 76  ? 3.748   -6.972  1.939   1.00 10.72 ? 82  TRP   B CG  1 
ATOM   657  C CD1 . TRP   A 1 76  ? 4.069   -8.276  1.804   1.00 11.84 ? 82  TRP   B CD1 1 
ATOM   658  C CD2 . TRP   A 1 76  ? 2.346   -7.009  2.323   1.00 10.55 ? 82  TRP   B CD2 1 
ATOM   659  N NE1 . TRP   A 1 76  ? 3.015   -9.108  2.002   1.00 11.72 ? 82  TRP   B NE1 1 
ATOM   660  C CE2 . TRP   A 1 76  ? 1.939   -8.347  2.400   1.00 11.63 ? 82  TRP   B CE2 1 
ATOM   661  C CE3 . TRP   A 1 76  ? 1.389   -6.015  2.657   1.00 11.28 ? 82  TRP   B CE3 1 
ATOM   662  C CZ2 . TRP   A 1 76  ? 0.634   -8.753  2.640   1.00 11.62 ? 82  TRP   B CZ2 1 
ATOM   663  C CZ3 . TRP   A 1 76  ? 0.105   -6.414  2.965   1.00 11.35 ? 82  TRP   B CZ3 1 
ATOM   664  C CH2 . TRP   A 1 76  ? -0.254  -7.766  2.988   1.00 11.69 ? 82  TRP   B CH2 1 
ATOM   665  N N   . ASP   A 1 77  ? 3.839   -3.280  3.404   1.00 9.99  ? 83  ASP   B N   1 
ATOM   666  C CA  . ASP   A 1 77  ? 2.641   -2.506  3.856   1.00 10.43 ? 83  ASP   B CA  1 
ATOM   667  C C   . ASP   A 1 77  ? 1.816   -2.158  2.606   1.00 10.23 ? 83  ASP   B C   1 
ATOM   668  O O   . ASP   A 1 77  ? 2.427   -1.776  1.586   1.00 9.94  ? 83  ASP   B O   1 
ATOM   669  C CB  . ASP   A 1 77  ? 2.980   -1.214  4.592   1.00 11.43 ? 83  ASP   B CB  1 
ATOM   670  C CG  . ASP   A 1 77  ? 4.099   -1.255  5.612   1.00 13.15 ? 83  ASP   B CG  1 
ATOM   671  O OD1 . ASP   A 1 77  ? 4.160   -2.246  6.280   1.00 15.96 ? 83  ASP   B OD1 1 
ATOM   672  O OD2 . ASP   A 1 77  ? 4.837   -0.249  5.740   1.00 15.12 ? 83  ASP   B OD2 1 
ATOM   673  N N   . LEU   A 1 78  ? 0.485   -2.149  2.682   1.00 9.06  ? 84  LEU   B N   1 
ATOM   674  C CA  . LEU   A 1 78  ? -0.402  -1.779  1.562   1.00 9.22  ? 84  LEU   B CA  1 
ATOM   675  C C   . LEU   A 1 78  ? -1.599  -1.026  2.108   1.00 9.11  ? 84  LEU   B C   1 
ATOM   676  O O   . LEU   A 1 78  ? -2.116  -1.335  3.179   1.00 9.25  ? 84  LEU   B O   1 
ATOM   677  C CB  . LEU   A 1 78  ? -0.906  -3.011  0.828   1.00 9.68  ? 84  LEU   B CB  1 
ATOM   678  C CG  . LEU   A 1 78  ? 0.070   -3.767  -0.060  1.00 11.35 ? 84  LEU   B CG  1 
ATOM   679  C CD1 . LEU   A 1 78  ? -0.614  -5.053  -0.548  1.00 12.24 ? 84  LEU   B CD1 1 
ATOM   680  C CD2 . LEU   A 1 78  ? 0.541   -2.890  -1.184  1.00 11.24 ? 84  LEU   B CD2 1 
ATOM   681  N N   . GLY   A 1 79  ? -2.041  -0.041  1.315   1.00 8.23  ? 85  GLY   B N   1 
ATOM   682  C CA  . GLY   A 1 79  ? -3.365  0.570   1.567   1.00 9.18  ? 85  GLY   B CA  1 
ATOM   683  C C   . GLY   A 1 79  ? -3.491  1.869   0.814   1.00 8.53  ? 85  GLY   B C   1 
ATOM   684  O O   . GLY   A 1 79  ? -3.179  1.929   -0.379  1.00 9.06  ? 85  GLY   B O   1 
ATOM   685  N N   A VAL   A 1 80  ? -4.010  2.877   1.511   0.25 8.79  ? 86  VAL   B N   1 
ATOM   686  N N   B VAL   A 1 80  ? -3.954  2.897   1.505   0.25 9.08  ? 86  VAL   B N   1 
ATOM   687  C CA  A VAL   A 1 80  ? -4.134  4.266   0.995   0.25 8.91  ? 86  VAL   B CA  1 
ATOM   688  C CA  B VAL   A 1 80  ? -4.211  4.229   0.899   0.25 9.34  ? 86  VAL   B CA  1 
ATOM   689  C C   A VAL   A 1 80  ? -3.619  5.242   2.043   0.25 9.34  ? 86  VAL   B C   1 
ATOM   690  C C   B VAL   A 1 80  ? -3.808  5.253   1.975   0.25 9.72  ? 86  VAL   B C   1 
ATOM   691  O O   A VAL   A 1 80  ? -3.532  4.926   3.243   0.25 9.95  ? 86  VAL   B O   1 
ATOM   692  O O   B VAL   A 1 80  ? -3.900  4.918   3.158   0.25 10.40 ? 86  VAL   B O   1 
ATOM   693  C CB  A VAL   A 1 80  ? -5.581  4.649   0.634   0.25 9.50  ? 86  VAL   B CB  1 
ATOM   694  C CB  B VAL   A 1 80  ? -5.693  4.303   0.458   0.25 10.35 ? 86  VAL   B CB  1 
ATOM   695  C CG1 A VAL   A 1 80  ? -6.007  3.893   -0.597  0.25 9.34  ? 86  VAL   B CG1 1 
ATOM   696  C CG1 B VAL   A 1 80  ? -6.623  4.423   1.655   0.25 10.49 ? 86  VAL   B CG1 1 
ATOM   697  C CG2 A VAL   A 1 80  ? -6.552  4.420   1.783   0.25 9.54  ? 86  VAL   B CG2 1 
ATOM   698  C CG2 B VAL   A 1 80  ? -5.960  5.407   -0.547  0.25 10.87 ? 86  VAL   B CG2 1 
ATOM   699  N N   . CYS   A 1 81  ? -3.345  6.449   1.581   1.00 9.45  ? 87  CYS   B N   1 
ATOM   700  C CA  . CYS   A 1 81  ? -2.955  7.497   2.511   1.00 10.50 ? 87  CYS   B CA  1 
ATOM   701  C C   . CYS   A 1 81  ? -3.385  8.859   1.977   1.00 10.46 ? 87  CYS   B C   1 
ATOM   702  O O   . CYS   A 1 81  ? -3.644  9.016   0.769   1.00 10.35 ? 87  CYS   B O   1 
ATOM   703  C CB  . CYS   A 1 81  ? -1.450  7.494   2.779   1.00 11.70 ? 87  CYS   B CB  1 
ATOM   704  S SG  . CYS   A 1 81  ? -0.411  7.877   1.345   1.00 11.80 ? 87  CYS   B SG  1 
ATOM   705  N N   A ARG   A 1 82  ? -3.426  9.828   2.869   0.25 10.47 ? 88  ARG   B N   1 
ATOM   706  N N   B ARG   A 1 82  ? -3.448  9.832   2.876   0.25 10.26 ? 88  ARG   B N   1 
ATOM   707  C CA  A ARG   A 1 82  ? -3.620  11.232  2.441   0.25 11.13 ? 88  ARG   B CA  1 
ATOM   708  C CA  B ARG   A 1 82  ? -3.693  11.253  2.500   0.25 10.76 ? 88  ARG   B CA  1 
ATOM   709  C C   A ARG   A 1 82  ? -2.501  11.665  1.497   0.25 11.07 ? 88  ARG   B C   1 
ATOM   710  C C   B ARG   A 1 82  ? -2.524  11.768  1.633   0.25 11.07 ? 88  ARG   B C   1 
ATOM   711  O O   A ARG   A 1 82  ? -1.351  11.274  1.650   0.25 10.34 ? 88  ARG   B O   1 
ATOM   712  O O   B ARG   A 1 82  ? -1.340  11.501  1.986   0.25 10.52 ? 88  ARG   B O   1 
ATOM   713  C CB  A ARG   A 1 82  ? -3.615  12.156  3.650   0.25 12.25 ? 88  ARG   B CB  1 
ATOM   714  C CB  B ARG   A 1 82  ? -3.878  12.084  3.778   0.25 11.43 ? 88  ARG   B CB  1 
ATOM   715  C CG  A ARG   A 1 82  ? -4.746  11.828  4.600   0.25 12.74 ? 88  ARG   B CG  1 
ATOM   716  C CG  B ARG   A 1 82  ? -4.522  13.445  3.551   0.25 11.52 ? 88  ARG   B CG  1 
ATOM   717  C CD  A ARG   A 1 82  ? -4.855  12.853  5.697   0.25 14.15 ? 88  ARG   B CD  1 
ATOM   718  C CD  B ARG   A 1 82  ? -4.673  14.275  4.805   0.25 11.43 ? 88  ARG   B CD  1 
ATOM   719  N NE  A ARG   A 1 82  ? -5.892  12.487  6.651   0.25 13.52 ? 88  ARG   B NE  1 
ATOM   720  N NE  B ARG   A 1 82  ? -5.480  13.584  5.784   0.25 11.36 ? 88  ARG   B NE  1 
ATOM   721  C CZ  A ARG   A 1 82  ? -5.755  12.610  7.955   0.25 14.16 ? 88  ARG   B CZ  1 
ATOM   722  C CZ  B ARG   A 1 82  ? -5.066  13.238  7.003   0.25 11.45 ? 88  ARG   B CZ  1 
ATOM   723  N NH1 A ARG   A 1 82  ? -4.618  13.060  8.452   0.25 14.04 ? 88  ARG   B NH1 1 
ATOM   724  N NH1 B ARG   A 1 82  ? -3.881  13.602  7.433   0.25 12.51 ? 88  ARG   B NH1 1 
ATOM   725  N NH2 A ARG   A 1 82  ? -6.755  12.281  8.747   0.25 15.02 ? 88  ARG   B NH2 1 
ATOM   726  N NH2 B ARG   A 1 82  ? -5.867  12.565  7.806   0.25 11.73 ? 88  ARG   B NH2 1 
ATOM   727  N N   . ASP   A 1 83  ? -2.822  12.564  0.588   1.00 11.79 ? 89  ASP   B N   1 
ATOM   728  C CA  . ASP   A 1 83  ? -1.777  13.152  -0.281  1.00 13.29 ? 89  ASP   B CA  1 
ATOM   729  C C   . ASP   A 1 83  ? -0.787  13.918  0.590   1.00 14.21 ? 89  ASP   B C   1 
ATOM   730  O O   . ASP   A 1 83  ? 0.392   14.013  0.138   1.00 17.32 ? 89  ASP   B O   1 
ATOM   731  C CB  . ASP   A 1 83  ? -2.416  14.053  -1.337  1.00 15.72 ? 89  ASP   B CB  1 
ATOM   732  C CG  . ASP   A 1 83  ? -3.200  15.231  -0.831  1.00 19.04 ? 89  ASP   B CG  1 
ATOM   733  O OD1 . ASP   A 1 83  ? -3.407  15.377  0.418   1.00 21.93 ? 89  ASP   B OD1 1 
ATOM   734  O OD2 . ASP   A 1 83  ? -3.574  16.063  -1.716  1.00 23.82 ? 89  ASP   B OD2 1 
ATOM   735  N N   . SER   A 1 84  ? -1.166  14.468  1.744   1.00 13.57 ? 90  SER   B N   1 
ATOM   736  C CA  . SER   A 1 84  ? -0.302  15.339  2.577   1.00 16.42 ? 90  SER   B CA  1 
ATOM   737  C C   . SER   A 1 84  ? 0.481   14.597  3.682   1.00 13.66 ? 90  SER   B C   1 
ATOM   738  O O   . SER   A 1 84  ? 0.974   15.229  4.585   1.00 14.95 ? 90  SER   B O   1 
ATOM   739  C CB  . SER   A 1 84  ? -1.161  16.440  3.167   1.00 17.81 ? 90  SER   B CB  1 
ATOM   740  O OG  . SER   A 1 84  ? -2.203  15.926  3.887   1.00 18.29 ? 90  SER   B OG  1 
ATOM   741  N N   . VAL   A 1 85  ? 0.548   13.257  3.656   1.00 12.80 ? 91  VAL   B N   1 
ATOM   742  C CA  . VAL   A 1 85  ? 1.340   12.557  4.685   1.00 12.65 ? 91  VAL   B CA  1 
ATOM   743  C C   . VAL   A 1 85  ? 2.796   13.037  4.659   1.00 12.89 ? 91  VAL   B C   1 
ATOM   744  O O   . VAL   A 1 85  ? 3.352   13.363  3.596   1.00 13.56 ? 91  VAL   B O   1 
ATOM   745  C CB  . VAL   A 1 85  ? 1.283   11.009  4.571   1.00 11.87 ? 91  VAL   B CB  1 
ATOM   746  C CG1 . VAL   A 1 85  ? -0.124  10.505  4.851   1.00 11.80 ? 91  VAL   B CG1 1 
ATOM   747  C CG2 . VAL   A 1 85  ? 1.830   10.464  3.281   1.00 12.21 ? 91  VAL   B CG2 1 
ATOM   748  N N   . GLN   A 1 86  ? 3.360   13.015  5.843   1.00 14.02 ? 92  GLN   B N   1 
ATOM   749  C CA  . GLN   A 1 86  ? 4.820   13.227  6.085   1.00 15.32 ? 92  GLN   B CA  1 
ATOM   750  C C   . GLN   A 1 86  ? 5.634   12.290  5.182   1.00 14.45 ? 92  GLN   B C   1 
ATOM   751  O O   . GLN   A 1 86  ? 5.324   11.097  5.104   1.00 14.85 ? 92  GLN   B O   1 
ATOM   752  C CB  . GLN   A 1 86  ? 5.075   12.963  7.569   1.00 17.87 ? 92  GLN   B CB  1 
ATOM   753  C CG  . GLN   A 1 86  ? 6.532   13.066  8.045   1.00 20.85 ? 92  GLN   B CG  1 
ATOM   754  C CD  . GLN   A 1 86  ? 6.647   12.619  9.497   1.00 24.33 ? 92  GLN   B CD  1 
ATOM   755  O OE1 . GLN   A 1 86  ? 5.656   12.507  10.254  1.00 24.91 ? 92  GLN   B OE1 1 
ATOM   756  N NE2 . GLN   A 1 86  ? 7.880   12.348  9.940   1.00 25.68 ? 92  GLN   B NE2 1 
ATOM   757  N N   . ARG   A 1 87  ? 6.709   12.790  4.600   1.00 13.44 ? 93  ARG   B N   1 
ATOM   758  C CA  . ARG   A 1 87  ? 7.606   12.008  3.699   1.00 12.07 ? 93  ARG   B CA  1 
ATOM   759  C C   . ARG   A 1 87  ? 8.951   11.772  4.401   1.00 13.68 ? 93  ARG   B C   1 
ATOM   760  O O   . ARG   A 1 87  ? 9.604   10.779  4.039   1.00 14.03 ? 93  ARG   B O   1 
ATOM   761  C CB  . ARG   A 1 87  ? 7.858   12.710  2.376   1.00 13.45 ? 93  ARG   B CB  1 
ATOM   762  C CG  . ARG   A 1 87  ? 6.607   13.101  1.603   1.00 13.07 ? 93  ARG   B CG  1 
ATOM   763  C CD  . ARG   A 1 87  ? 5.629   11.919  1.397   1.00 13.84 ? 93  ARG   B CD  1 
ATOM   764  N NE  . ARG   A 1 87  ? 4.323   12.419  0.875   1.00 14.65 ? 93  ARG   B NE  1 
ATOM   765  C CZ  . ARG   A 1 87  ? 4.049   12.682  -0.385  1.00 14.00 ? 93  ARG   B CZ  1 
ATOM   766  N NH1 . ARG   A 1 87  ? 4.949   12.473  -1.311  1.00 16.11 ? 93  ARG   B NH1 1 
ATOM   767  N NH2 . ARG   A 1 87  ? 2.879   13.189  -0.722  1.00 17.09 ? 93  ARG   B NH2 1 
ATOM   768  N N   . LYS   A 1 88  ? 9.408   12.679  5.273   1.00 14.28 ? 94  LYS   B N   1 
ATOM   769  C CA  . LYS   A 1 88  ? 10.800  12.673  5.801   1.00 14.27 ? 94  LYS   B CA  1 
ATOM   770  C C   . LYS   A 1 88  ? 10.818  12.250  7.245   1.00 16.32 ? 94  LYS   B C   1 
ATOM   771  O O   . LYS   A 1 88  ? 9.899   12.648  8.013   1.00 17.90 ? 94  LYS   B O   1 
ATOM   772  C CB  . LYS   A 1 88  ? 11.433  14.059  5.609   1.00 14.81 ? 94  LYS   B CB  1 
ATOM   773  C CG  . LYS   A 1 88  ? 11.332  14.642  4.227   1.00 15.67 ? 94  LYS   B CG  1 
ATOM   774  C CD  . LYS   A 1 88  ? 11.953  13.752  3.141   1.00 17.12 ? 94  LYS   B CD  1 
ATOM   775  C CE  . LYS   A 1 88  ? 11.868  14.436  1.809   1.00 16.95 ? 94  LYS   B CE  1 
ATOM   776  N NZ  . LYS   A 1 88  ? 12.484  13.645  0.720   1.00 17.47 ? 94  LYS   B NZ  1 
ATOM   777  N N   . GLY   A 1 89  ? 11.809  11.488  7.659   1.00 16.28 ? 95  GLY   B N   1 
ATOM   778  C CA  . GLY   A 1 89  ? 11.943  11.071  9.053   1.00 16.58 ? 95  GLY   B CA  1 
ATOM   779  C C   . GLY   A 1 89  ? 11.117  9.860   9.427   1.00 18.39 ? 95  GLY   B C   1 
ATOM   780  O O   . GLY   A 1 89  ? 10.534  9.192   8.491   1.00 16.89 ? 95  GLY   B O   1 
ATOM   781  N N   . GLN   A 1 90  ? 11.045  9.609   10.728  1.00 18.59 ? 96  GLN   B N   1 
ATOM   782  C CA  . GLN   A 1 90  ? 10.346  8.459   11.308  1.00 19.97 ? 96  GLN   B CA  1 
ATOM   783  C C   . GLN   A 1 90  ? 8.890   8.820   11.585  1.00 19.33 ? 96  GLN   B C   1 
ATOM   784  O O   . GLN   A 1 90  ? 8.574   9.981   11.919  1.00 19.61 ? 96  GLN   B O   1 
ATOM   785  C CB  . GLN   A 1 90  ? 11.061  8.023   12.592  1.00 23.30 ? 96  GLN   B CB  1 
ATOM   786  C CG  . GLN   A 1 90  ? 12.467  7.560   12.279  1.00 30.18 ? 96  GLN   B CG  1 
ATOM   787  C CD  . GLN   A 1 90  ? 13.259  7.391   13.538  1.00 39.91 ? 96  GLN   B CD  1 
ATOM   788  O OE1 . GLN   A 1 90  ? 13.254  6.314   14.131  1.00 52.14 ? 96  GLN   B OE1 1 
ATOM   789  N NE2 . GLN   A 1 90  ? 13.888  8.478   13.969  1.00 42.83 ? 96  GLN   B NE2 1 
ATOM   790  N N   . PHE   A 1 91  ? 8.020   7.853   11.336  1.00 16.57 ? 97  PHE   B N   1 
ATOM   791  C CA  . PHE   A 1 91  ? 6.581   7.968   11.653  1.00 15.99 ? 97  PHE   B CA  1 
ATOM   792  C C   . PHE   A 1 91  ? 5.943   6.591   11.695  1.00 16.16 ? 97  PHE   B C   1 
ATOM   793  O O   . PHE   A 1 91  ? 6.471   5.611   11.130  1.00 17.67 ? 97  PHE   B O   1 
ATOM   794  C CB  . PHE   A 1 91  ? 5.848   8.820   10.614  1.00 15.80 ? 97  PHE   B CB  1 
ATOM   795  C CG  . PHE   A 1 91  ? 6.028   8.340   9.193   1.00 15.09 ? 97  PHE   B CG  1 
ATOM   796  C CD1 . PHE   A 1 91  ? 5.152   7.407   8.657   1.00 15.26 ? 97  PHE   B CD1 1 
ATOM   797  C CD2 . PHE   A 1 91  ? 6.984   8.888   8.353   1.00 15.05 ? 97  PHE   B CD2 1 
ATOM   798  C CE1 . PHE   A 1 91  ? 5.265   6.993   7.343   1.00 14.68 ? 97  PHE   B CE1 1 
ATOM   799  C CE2 . PHE   A 1 91  ? 7.101   8.468   7.041   1.00 14.29 ? 97  PHE   B CE2 1 
ATOM   800  C CZ  . PHE   A 1 91  ? 6.224   7.537   6.531   1.00 14.87 ? 97  PHE   B CZ  1 
ATOM   801  N N   A SER   A 1 92  ? 4.826   6.470   12.407  0.25 16.37 ? 98  SER   B N   1 
ATOM   802  N N   B SER   A 1 92  ? 4.798   6.537   12.378  0.25 15.80 ? 98  SER   B N   1 
ATOM   803  C CA  A SER   A 1 92  ? 4.042   5.213   12.419  0.25 16.80 ? 98  SER   B CA  1 
ATOM   804  C CA  B SER   A 1 92  ? 3.932   5.341   12.498  0.25 15.89 ? 98  SER   B CA  1 
ATOM   805  C C   A SER   A 1 92  ? 2.886   5.326   11.425  0.25 15.54 ? 98  SER   B C   1 
ATOM   806  C C   B SER   A 1 92  ? 2.865   5.358   11.396  0.25 14.91 ? 98  SER   B C   1 
ATOM   807  O O   A SER   A 1 92  ? 2.382   6.439   11.169  0.25 15.72 ? 98  SER   B O   1 
ATOM   808  O O   B SER   A 1 92  ? 2.401   6.464   11.018  0.25 14.82 ? 98  SER   B O   1 
ATOM   809  C CB  A SER   A 1 92  ? 3.534   4.871   13.776  0.25 19.23 ? 98  SER   B CB  1 
ATOM   810  C CB  B SER   A 1 92  ? 3.301   5.284   13.860  0.25 17.24 ? 98  SER   B CB  1 
ATOM   811  O OG  A SER   A 1 92  ? 2.812   5.968   14.293  0.25 21.65 ? 98  SER   B OG  1 
ATOM   812  O OG  B SER   A 1 92  ? 4.293   5.035   14.851  0.25 18.91 ? 98  SER   B OG  1 
ATOM   813  N N   . LEU   A 1 93  ? 2.503   4.178   10.886  1.00 14.02 ? 99  LEU   B N   1 
ATOM   814  C CA  . LEU   A 1 93  ? 1.338   4.052   10.001  1.00 14.25 ? 99  LEU   B CA  1 
ATOM   815  C C   . LEU   A 1 93  ? 0.095   3.981   10.858  1.00 14.32 ? 99  LEU   B C   1 
ATOM   816  O O   . LEU   A 1 93  ? -0.198  2.964   11.465  1.00 15.86 ? 99  LEU   B O   1 
ATOM   817  C CB  . LEU   A 1 93  ? 1.464   2.822   9.111   1.00 14.49 ? 99  LEU   B CB  1 
ATOM   818  C CG  . LEU   A 1 93  ? 2.660   2.800   8.175   1.00 15.68 ? 99  LEU   B CG  1 
ATOM   819  C CD1 . LEU   A 1 93  ? 2.701   1.474   7.413   1.00 16.36 ? 99  LEU   B CD1 1 
ATOM   820  C CD2 . LEU   A 1 93  ? 2.659   3.977   7.210   1.00 16.91 ? 99  LEU   B CD2 1 
ATOM   821  N N   . SER   A 1 94  ? -0.724  5.032   10.841  1.00 13.63 ? 100 SER   B N   1 
ATOM   822  C CA  . SER   A 1 94  ? -1.940  5.113   11.665  1.00 13.14 ? 100 SER   B CA  1 
ATOM   823  C C   . SER   A 1 94  ? -2.909  6.054   10.967  1.00 11.42 ? 100 SER   B C   1 
ATOM   824  O O   . SER   A 1 94  ? -2.471  6.969   10.264  1.00 11.57 ? 100 SER   B O   1 
ATOM   825  C CB  . SER   A 1 94  ? -1.712  5.628   13.061  1.00 15.24 ? 100 SER   B CB  1 
ATOM   826  O OG  . SER   A 1 94  ? -1.262  6.969   13.027  1.00 18.45 ? 100 SER   B OG  1 
ATOM   827  N N   . PRO   A 1 95  ? -4.203  5.935   11.233  1.00 11.64 ? 101 PRO   B N   1 
ATOM   828  C CA  . PRO   A 1 95  ? -5.164  6.896   10.693  1.00 12.88 ? 101 PRO   B CA  1 
ATOM   829  C C   . PRO   A 1 95  ? -4.886  8.311   11.213  1.00 12.98 ? 101 PRO   B C   1 
ATOM   830  O O   . PRO   A 1 95  ? -5.039  9.270   10.405  1.00 13.00 ? 101 PRO   B O   1 
ATOM   831  C CB  . PRO   A 1 95  ? -6.542  6.374   11.153  1.00 13.47 ? 101 PRO   B CB  1 
ATOM   832  C CG  . PRO   A 1 95  ? -6.296  4.872   11.269  1.00 13.38 ? 101 PRO   B CG  1 
ATOM   833  C CD  . PRO   A 1 95  ? -4.885  4.777   11.816  1.00 12.94 ? 101 PRO   B CD  1 
ATOM   834  N N   . GLU   A 1 96  ? -4.385  8.449   12.436  1.00 14.05 ? 102 GLU   B N   1 
ATOM   835  C CA  . GLU   A 1 96  ? -4.056  9.809   12.953  1.00 16.91 ? 102 GLU   B CA  1 
ATOM   836  C C   . GLU   A 1 96  ? -2.983  10.467  12.083  1.00 15.48 ? 102 GLU   B C   1 
ATOM   837  O O   . GLU   A 1 96  ? -2.954  11.704  11.939  1.00 17.20 ? 102 GLU   B O   1 
ATOM   838  C CB  . GLU   A 1 96  ? -3.636  9.714   14.410  1.00 21.35 ? 102 GLU   B CB  1 
ATOM   839  C CG  . GLU   A 1 96  ? -4.665  9.004   15.269  1.00 31.60 ? 102 GLU   B CG  1 
ATOM   840  C CD  . GLU   A 1 96  ? -4.383  7.532   15.580  1.00 38.74 ? 102 GLU   B CD  1 
ATOM   841  O OE1 . GLU   A 1 96  ? -4.771  6.616   14.755  1.00 24.30 ? 102 GLU   B OE1 1 
ATOM   842  O OE2 . GLU   A 1 96  ? -3.800  7.294   16.689  1.00 47.59 ? 102 GLU   B OE2 1 
ATOM   843  N N   . ASN   A 1 97  ? -2.061  9.692   11.503  1.00 13.30 ? 103 ASN   B N   1 
ATOM   844  C CA  . ASN   A 1 97  ? -0.995  10.217  10.620  1.00 13.47 ? 103 ASN   B CA  1 
ATOM   845  C C   . ASN   A 1 97  ? -1.398  10.170  9.148   1.00 12.38 ? 103 ASN   B C   1 
ATOM   846  O O   . ASN   A 1 97  ? -0.611  10.583  8.306   1.00 13.77 ? 103 ASN   B O   1 
ATOM   847  C CB  . ASN   A 1 97  ? 0.329   9.460   10.821  1.00 14.61 ? 103 ASN   B CB  1 
ATOM   848  C CG  . ASN   A 1 97  ? 1.014   9.755   12.126  1.00 17.05 ? 103 ASN   B CG  1 
ATOM   849  O OD1 . ASN   A 1 97  ? 0.745   10.787  12.761  1.00 19.55 ? 103 ASN   B OD1 1 
ATOM   850  N ND2 . ASN   A 1 97  ? 1.865   8.835   12.565  1.00 18.64 ? 103 ASN   B ND2 1 
ATOM   851  N N   . GLY   A 1 98  ? -2.642  9.813   8.810   1.00 10.82 ? 104 GLY   B N   1 
ATOM   852  C CA  . GLY   A 1 98  ? -3.134  9.833   7.441   1.00 10.53 ? 104 GLY   B CA  1 
ATOM   853  C C   . GLY   A 1 98  ? -2.936  8.571   6.633   1.00 9.73  ? 104 GLY   B C   1 
ATOM   854  O O   . GLY   A 1 98  ? -2.937  8.637   5.424   1.00 10.44 ? 104 GLY   B O   1 
ATOM   855  N N   . PHE   A 1 99  ? -2.859  7.407   7.316   1.00 10.25 ? 105 PHE   B N   1 
ATOM   856  C CA  . PHE   A 1 99  ? -2.672  6.106   6.623   1.00 9.94  ? 105 PHE   B CA  1 
ATOM   857  C C   . PHE   A 1 99  ? -3.753  5.097   7.010   1.00 9.40  ? 105 PHE   B C   1 
ATOM   858  O O   . PHE   A 1 99  ? -4.022  4.981   8.246   1.00 11.06 ? 105 PHE   B O   1 
ATOM   859  C CB  . PHE   A 1 99  ? -1.307  5.482   6.970   1.00 10.64 ? 105 PHE   B CB  1 
ATOM   860  C CG  . PHE   A 1 99  ? -0.104  6.314   6.583   1.00 10.03 ? 105 PHE   B CG  1 
ATOM   861  C CD1 . PHE   A 1 99  ? 0.427   7.235   7.457   1.00 10.59 ? 105 PHE   B CD1 1 
ATOM   862  C CD2 . PHE   A 1 99  ? 0.525   6.133   5.366   1.00 10.55 ? 105 PHE   B CD2 1 
ATOM   863  C CE1 . PHE   A 1 99  ? 1.543   7.993   7.105   1.00 11.50 ? 105 PHE   B CE1 1 
ATOM   864  C CE2 . PHE   A 1 99  ? 1.628   6.892   5.024   1.00 11.22 ? 105 PHE   B CE2 1 
ATOM   865  C CZ  . PHE   A 1 99  ? 2.134   7.784   5.904   1.00 11.15 ? 105 PHE   B CZ  1 
ATOM   866  N N   . TRP   A 1 100 ? -4.257  4.367   6.016   1.00 8.70  ? 106 TRP   B N   1 
ATOM   867  C CA  . TRP   A 1 100 ? -5.212  3.241   6.214   1.00 8.89  ? 106 TRP   B CA  1 
ATOM   868  C C   . TRP   A 1 100 ? -4.594  2.037   5.525   1.00 8.21  ? 106 TRP   B C   1 
ATOM   869  O O   . TRP   A 1 100 ? -4.692  1.905   4.306   1.00 9.25  ? 106 TRP   B O   1 
ATOM   870  C CB  . TRP   A 1 100 ? -6.614  3.599   5.688   1.00 9.10  ? 106 TRP   B CB  1 
ATOM   871  C CG  . TRP   A 1 100 ? -7.199  4.761   6.456   1.00 9.40  ? 106 TRP   B CG  1 
ATOM   872  C CD1 . TRP   A 1 100 ? -8.003  4.730   7.561   1.00 11.08 ? 106 TRP   B CD1 1 
ATOM   873  C CD2 . TRP   A 1 100 ? -6.981  6.172   6.190   1.00 9.70  ? 106 TRP   B CD2 1 
ATOM   874  N NE1 . TRP   A 1 100 ? -8.253  6.007   8.031   1.00 11.32 ? 106 TRP   B NE1 1 
ATOM   875  C CE2 . TRP   A 1 100 ? -7.624  6.894   7.212   1.00 10.74 ? 106 TRP   B CE2 1 
ATOM   876  C CE3 . TRP   A 1 100 ? -6.261  6.865   5.204   1.00 10.20 ? 106 TRP   B CE3 1 
ATOM   877  C CZ2 . TRP   A 1 100 ? -7.564  8.298   7.250   1.00 11.92 ? 106 TRP   B CZ2 1 
ATOM   878  C CZ3 . TRP   A 1 100 ? -6.222  8.251   5.249   1.00 11.91 ? 106 TRP   B CZ3 1 
ATOM   879  C CH2 . TRP   A 1 100 ? -6.852  8.936   6.260   1.00 11.58 ? 106 TRP   B CH2 1 
ATOM   880  N N   . THR   A 1 101 ? -3.933  1.182   6.334   1.00 8.96  ? 107 THR   B N   1 
ATOM   881  C CA  . THR   A 1 101 ? -2.987  0.167   5.800   1.00 9.40  ? 107 THR   B CA  1 
ATOM   882  C C   . THR   A 1 101 ? -3.122  -1.152  6.585   1.00 9.06  ? 107 THR   B C   1 
ATOM   883  O O   . THR   A 1 101 ? -3.557  -1.157  7.737   1.00 9.26  ? 107 THR   B O   1 
ATOM   884  C CB  . THR   A 1 101 ? -1.531  0.627   5.871   1.00 9.81  ? 107 THR   B CB  1 
ATOM   885  O OG1 . THR   A 1 101 ? -1.159  0.841   7.216   1.00 10.52 ? 107 THR   B OG1 1 
ATOM   886  C CG2 . THR   A 1 101 ? -1.321  1.858   5.014   1.00 10.07 ? 107 THR   B CG2 1 
ATOM   887  N N   . ILE   A 1 102 ? -2.671  -2.212  5.929   1.00 9.49  ? 108 ILE   B N   1 
ATOM   888  C CA  . ILE   A 1 102 ? -2.369  -3.522  6.598   1.00 9.35  ? 108 ILE   B CA  1 
ATOM   889  C C   . ILE   A 1 102 ? -0.935  -3.881  6.225   1.00 9.84  ? 108 ILE   B C   1 
ATOM   890  O O   . ILE   A 1 102 ? -0.365  -3.314  5.252   1.00 9.71  ? 108 ILE   B O   1 
ATOM   891  C CB  . ILE   A 1 102 ? -3.358  -4.651  6.233   1.00 9.64  ? 108 ILE   B CB  1 
ATOM   892  C CG1 . ILE   A 1 102 ? -3.257  -5.079  4.769   1.00 10.45 ? 108 ILE   B CG1 1 
ATOM   893  C CG2 . ILE   A 1 102 ? -4.773  -4.216  6.564   1.00 10.54 ? 108 ILE   B CG2 1 
ATOM   894  C CD1 . ILE   A 1 102 ? -4.004  -6.339  4.400   1.00 11.08 ? 108 ILE   B CD1 1 
ATOM   895  N N   . TRP   A 1 103 ? -0.399  -4.835  6.945   1.00 9.47  ? 109 TRP   B N   1 
ATOM   896  C CA  . TRP   A 1 103 ? 0.978   -5.278  6.669   1.00 10.27 ? 109 TRP   B CA  1 
ATOM   897  C C   . TRP   A 1 103 ? 1.197   -6.711  7.069   1.00 10.25 ? 109 TRP   B C   1 
ATOM   898  O O   . TRP   A 1 103 ? 0.463   -7.320  7.853   1.00 10.77 ? 109 TRP   B O   1 
ATOM   899  C CB  . TRP   A 1 103 ? 1.990   -4.399  7.336   1.00 12.36 ? 109 TRP   B CB  1 
ATOM   900  C CG  . TRP   A 1 103 ? 1.979   -4.347  8.809   1.00 13.69 ? 109 TRP   B CG  1 
ATOM   901  C CD1 . TRP   A 1 103 ? 2.419   -5.309  9.675   1.00 14.21 ? 109 TRP   B CD1 1 
ATOM   902  C CD2 . TRP   A 1 103 ? 1.631   -3.214  9.587   1.00 14.87 ? 109 TRP   B CD2 1 
ATOM   903  N NE1 . TRP   A 1 103 ? 2.389   -4.825  10.939  1.00 16.78 ? 109 TRP   B NE1 1 
ATOM   904  C CE2 . TRP   A 1 103 ? 1.925   -3.542  10.928  1.00 14.89 ? 109 TRP   B CE2 1 
ATOM   905  C CE3 . TRP   A 1 103 ? 1.155   -1.945  9.269   1.00 16.05 ? 109 TRP   B CE3 1 
ATOM   906  C CZ2 . TRP   A 1 103 ? 1.678   -2.659  11.968  1.00 17.93 ? 109 TRP   B CZ2 1 
ATOM   907  C CZ3 . TRP   A 1 103 ? 0.960   -1.066  10.299  1.00 17.47 ? 109 TRP   B CZ3 1 
ATOM   908  C CH2 . TRP   A 1 103 ? 1.229   -1.411  11.610  1.00 16.82 ? 109 TRP   B CH2 1 
ATOM   909  N N   . LEU   A 1 104 ? 2.286   -7.253  6.482   1.00 10.23 ? 110 LEU   B N   1 
ATOM   910  C CA  . LEU   A 1 104 ? 2.909   -8.515  6.912   1.00 10.77 ? 110 LEU   B CA  1 
ATOM   911  C C   . LEU   A 1 104 ? 4.259   -8.185  7.524   1.00 10.28 ? 110 LEU   B C   1 
ATOM   912  O O   . LEU   A 1 104 ? 5.021   -7.405  6.939   1.00 10.64 ? 110 LEU   B O   1 
ATOM   913  C CB  . LEU   A 1 104 ? 3.134   -9.404  5.711   1.00 10.87 ? 110 LEU   B CB  1 
ATOM   914  C CG  . LEU   A 1 104 ? 3.938   -10.690 5.963   1.00 11.00 ? 110 LEU   B CG  1 
ATOM   915  C CD1 . LEU   A 1 104 ? 3.280   -11.619 6.986   1.00 11.95 ? 110 LEU   B CD1 1 
ATOM   916  C CD2 . LEU   A 1 104 ? 4.224   -11.402 4.662   1.00 12.54 ? 110 LEU   B CD2 1 
ATOM   917  N N   . TRP   A 1 105 ? 4.577   -8.785  8.673   1.00 11.73 ? 111 TRP   B N   1 
ATOM   918  C CA  . TRP   A 1 105 ? 5.857   -8.583  9.373   1.00 12.07 ? 111 TRP   B CA  1 
ATOM   919  C C   . TRP   A 1 105 ? 6.077   -9.778  10.283  1.00 13.97 ? 111 TRP   B C   1 
ATOM   920  O O   . TRP   A 1 105 ? 5.199   -10.101 11.102  1.00 14.56 ? 111 TRP   B O   1 
ATOM   921  C CB  . TRP   A 1 105 ? 5.776   -7.296  10.189  1.00 15.61 ? 111 TRP   B CB  1 
ATOM   922  C CG  . TRP   A 1 105 ? 6.902   -7.079  11.117  1.00 18.67 ? 111 TRP   B CG  1 
ATOM   923  C CD1 . TRP   A 1 105 ? 6.937   -7.116  12.494  1.00 19.70 ? 111 TRP   B CD1 1 
ATOM   924  C CD2 . TRP   A 1 105 ? 8.216   -6.737  10.676  1.00 18.08 ? 111 TRP   B CD2 1 
ATOM   925  N NE1 . TRP   A 1 105 ? 8.197   -6.837  12.909  1.00 19.79 ? 111 TRP   B NE1 1 
ATOM   926  C CE2 . TRP   A 1 105 ? 9.005   -6.609  11.828  1.00 17.21 ? 111 TRP   B CE2 1 
ATOM   927  C CE3 . TRP   A 1 105 ? 8.810   -6.532  9.429   1.00 17.80 ? 111 TRP   B CE3 1 
ATOM   928  C CZ2 . TRP   A 1 105 ? 10.354  -6.271  11.786  1.00 21.47 ? 111 TRP   B CZ2 1 
ATOM   929  C CZ3 . TRP   A 1 105 ? 10.154  -6.251  9.379   1.00 22.28 ? 111 TRP   B CZ3 1 
ATOM   930  C CH2 . TRP   A 1 105 ? 10.921  -6.125  10.534  1.00 20.70 ? 111 TRP   B CH2 1 
ATOM   931  N N   . GLN   A 1 106 ? 7.230   -10.453 10.131  1.00 12.51 ? 112 GLN   B N   1 
ATOM   932  C CA  . GLN   A 1 106 ? 7.593   -11.565 11.056  1.00 13.36 ? 112 GLN   B CA  1 
ATOM   933  C C   . GLN   A 1 106 ? 6.452   -12.547 11.160  1.00 14.83 ? 112 GLN   B C   1 
ATOM   934  O O   . GLN   A 1 106 ? 6.119   -12.992 12.319  1.00 15.86 ? 112 GLN   B O   1 
ATOM   935  C CB  . GLN   A 1 106 ? 8.054   -10.999 12.394  1.00 15.36 ? 112 GLN   B CB  1 
ATOM   936  C CG  . GLN   A 1 106 ? 9.277   -10.115 12.243  1.00 16.28 ? 112 GLN   B CG  1 
ATOM   937  C CD  . GLN   A 1 106 ? 9.972   -9.703  13.515  1.00 18.17 ? 112 GLN   B CD  1 
ATOM   938  O OE1 . GLN   A 1 106 ? 11.122  -9.213  13.490  1.00 20.83 ? 112 GLN   B OE1 1 
ATOM   939  N NE2 . GLN   A 1 106 ? 9.302   -9.901  14.633  1.00 16.71 ? 112 GLN   B NE2 1 
ATOM   940  N N   . ASP   A 1 107 ? 5.968   -13.010 10.035  1.00 15.02 ? 113 ASP   B N   1 
ATOM   941  C CA  . ASP   A 1 107 ? 5.031   -14.136 9.964   1.00 18.90 ? 113 ASP   B CA  1 
ATOM   942  C C   . ASP   A 1 107 ? 3.670   -13.810 10.612  1.00 19.40 ? 113 ASP   B C   1 
ATOM   943  O O   . ASP   A 1 107 ? 2.854   -14.771 10.725  1.00 26.53 ? 113 ASP   B O   1 
ATOM   944  C CB  . ASP   A 1 107 ? 5.672   -15.320 10.701  1.00 22.72 ? 113 ASP   B CB  1 
ATOM   945  C CG  . ASP   A 1 107 ? 5.139   -16.658 10.328  1.00 30.73 ? 113 ASP   B CG  1 
ATOM   946  O OD1 . ASP   A 1 107 ? 4.779   -16.861 9.141   1.00 34.28 ? 113 ASP   B OD1 1 
ATOM   947  O OD2 . ASP   A 1 107 ? 5.161   -17.532 11.244  1.00 41.83 ? 113 ASP   B OD2 1 
ATOM   948  N N   . SER   A 1 108 ? 3.362   -12.537 10.862  1.00 15.29 ? 114 SER   B N   1 
ATOM   949  C CA  . SER   A 1 108 ? 1.994   -12.124 11.293  1.00 17.28 ? 114 SER   B CA  1 
ATOM   950  C C   . SER   A 1 108 ? 1.471   -10.973 10.435  1.00 14.48 ? 114 SER   B C   1 
ATOM   951  O O   . SER   A 1 108 ? 2.256   -10.096 9.949   1.00 14.74 ? 114 SER   B O   1 
ATOM   952  C CB  . SER   A 1 108 ? 1.971   -11.922 12.781  1.00 21.67 ? 114 SER   B CB  1 
ATOM   953  O OG  . SER   A 1 108 ? 2.591   -10.745 13.190  1.00 31.63 ? 114 SER   B OG  1 
ATOM   954  N N   . TYR   A 1 109 ? 0.166   -10.947 10.260  1.00 12.82 ? 115 TYR   B N   1 
ATOM   955  C CA  . TYR   A 1 109 ? -0.541  -9.853  9.548   1.00 11.87 ? 115 TYR   B CA  1 
ATOM   956  C C   . TYR   A 1 109 ? -1.227  -8.961  10.560  1.00 11.45 ? 115 TYR   B C   1 
ATOM   957  O O   . TYR   A 1 109 ? -1.837  -9.461  11.516  1.00 12.28 ? 115 TYR   B O   1 
ATOM   958  C CB  . TYR   A 1 109 ? -1.541  -10.441 8.570   1.00 12.21 ? 115 TYR   B CB  1 
ATOM   959  C CG  . TYR   A 1 109 ? -0.940  -11.328 7.487   1.00 12.50 ? 115 TYR   B CG  1 
ATOM   960  C CD1 . TYR   A 1 109 ? -0.780  -12.695 7.676   1.00 12.77 ? 115 TYR   B CD1 1 
ATOM   961  C CD2 . TYR   A 1 109 ? -0.567  -10.814 6.257   1.00 11.53 ? 115 TYR   B CD2 1 
ATOM   962  C CE1 . TYR   A 1 109 ? -0.287  -13.518 6.670   1.00 13.61 ? 115 TYR   B CE1 1 
ATOM   963  C CE2 . TYR   A 1 109 ? -0.024  -11.617 5.262   1.00 11.92 ? 115 TYR   B CE2 1 
ATOM   964  C CZ  . TYR   A 1 109 ? 0.096   -12.976 5.467   1.00 12.47 ? 115 TYR   B CZ  1 
ATOM   965  O OH  . TYR   A 1 109 ? 0.671   -13.788 4.516   1.00 14.02 ? 115 TYR   B OH  1 
ATOM   966  N N   A GLU   A 1 110 ? -1.114  -7.642  10.384  0.25 11.11 ? 116 GLU   B N   1 
ATOM   967  N N   B GLU   A 1 110 ? -1.110  -7.647  10.358  0.25 11.19 ? 116 GLU   B N   1 
ATOM   968  C CA  A GLU   A 1 110 ? -1.716  -6.650  11.316  0.25 11.72 ? 116 GLU   B CA  1 
ATOM   969  C CA  B GLU   A 1 110 ? -1.672  -6.616  11.270  0.25 11.83 ? 116 GLU   B CA  1 
ATOM   970  C C   A GLU   A 1 110 ? -2.283  -5.459  10.540  0.25 10.48 ? 116 GLU   B C   1 
ATOM   971  C C   B GLU   A 1 110 ? -2.370  -5.530  10.442  0.25 10.30 ? 116 GLU   B C   1 
ATOM   972  O O   A GLU   A 1 110 ? -1.707  -5.067  9.535   0.25 10.93 ? 116 GLU   B O   1 
ATOM   973  O O   B GLU   A 1 110 ? -2.022  -5.333  9.256   0.25 9.65  ? 116 GLU   B O   1 
ATOM   974  C CB  A GLU   A 1 110 ? -0.695  -6.157  12.332  0.25 13.09 ? 116 GLU   B CB  1 
ATOM   975  C CB  B GLU   A 1 110 ? -0.576  -6.018  12.147  0.25 13.63 ? 116 GLU   B CB  1 
ATOM   976  C CG  A GLU   A 1 110 ? -0.181  -7.248  13.267  0.25 14.72 ? 116 GLU   B CG  1 
ATOM   977  C CG  B GLU   A 1 110 ? 0.206   -7.056  12.956  0.25 15.94 ? 116 GLU   B CG  1 
ATOM   978  C CD  A GLU   A 1 110 ? 0.971   -6.791  14.148  0.25 16.28 ? 116 GLU   B CD  1 
ATOM   979  C CD  B GLU   A 1 110 ? -0.366  -7.363  14.334  0.25 17.91 ? 116 GLU   B CD  1 
ATOM   980  O OE1 A GLU   A 1 110 ? 1.784   -5.976  13.676  0.25 18.06 ? 116 GLU   B OE1 1 
ATOM   981  O OE1 B GLU   A 1 110 ? -1.288  -6.649  14.764  0.25 22.09 ? 116 GLU   B OE1 1 
ATOM   982  O OE2 A GLU   A 1 110 ? 1.057   -7.242  15.307  0.25 16.26 ? 116 GLU   B OE2 1 
ATOM   983  O OE2 B GLU   A 1 110 ? 0.168   -8.272  15.005  0.25 23.23 ? 116 GLU   B OE2 1 
ATOM   984  N N   . ALA   A 1 111 ? -3.377  -4.886  11.046  1.00 10.47 ? 117 ALA   B N   1 
ATOM   985  C CA  . ALA   A 1 111 ? -3.904  -3.616  10.531  1.00 10.66 ? 117 ALA   B CA  1 
ATOM   986  C C   . ALA   A 1 111 ? -3.238  -2.466  11.262  1.00 10.74 ? 117 ALA   B C   1 
ATOM   987  O O   . ALA   A 1 111 ? -3.010  -2.488  12.499  1.00 10.87 ? 117 ALA   B O   1 
ATOM   988  C CB  . ALA   A 1 111 ? -5.418  -3.550  10.697  1.00 11.06 ? 117 ALA   B CB  1 
ATOM   989  N N   . GLY   A 1 112 ? -2.909  -1.416  10.491  1.00 10.65 ? 118 GLY   B N   1 
ATOM   990  C CA  . GLY   A 1 112 ? -2.268  -0.178  10.962  1.00 12.13 ? 118 GLY   B CA  1 
ATOM   991  C C   . GLY   A 1 112 ? -3.183  0.740   11.723  1.00 13.00 ? 118 GLY   B C   1 
ATOM   992  O O   . GLY   A 1 112 ? -3.309  1.897   11.412  1.00 14.23 ? 118 GLY   B O   1 
ATOM   993  N N   . THR   A 1 113 ? -3.853  0.252   12.739  1.00 14.63 ? 119 THR   B N   1 
ATOM   994  C CA  . THR   A 1 113 ? -4.484  1.088   13.764  1.00 15.79 ? 119 THR   B CA  1 
ATOM   995  C C   . THR   A 1 113 ? -3.449  1.501   14.812  1.00 15.59 ? 119 THR   B C   1 
ATOM   996  O O   . THR   A 1 113 ? -2.344  0.986   14.800  1.00 18.58 ? 119 THR   B O   1 
ATOM   997  C CB  . THR   A 1 113 ? -5.621  0.284   14.356  1.00 13.20 ? 119 THR   B CB  1 
ATOM   998  O OG1 . THR   A 1 113 ? -5.146  -1.002  14.819  1.00 13.88 ? 119 THR   B OG1 1 
ATOM   999  C CG2 . THR   A 1 113 ? -6.745  0.007   13.420  1.00 14.62 ? 119 THR   B CG2 1 
ATOM   1000 N N   . SER   A 1 114 ? -3.830  2.354   15.769  1.00 18.94 ? 120 SER   B N   1 
ATOM   1001 C CA  . SER   A 1 114 ? -2.924  2.750   16.866  1.00 22.76 ? 120 SER   B CA  1 
ATOM   1002 C C   . SER   A 1 114 ? -3.597  2.446   18.204  1.00 24.24 ? 120 SER   B C   1 
ATOM   1003 O O   . SER   A 1 114 ? -4.610  3.055   18.554  1.00 26.19 ? 120 SER   B O   1 
ATOM   1004 C CB  . SER   A 1 114 ? -2.515  4.219   16.738  1.00 27.67 ? 120 SER   B CB  1 
ATOM   1005 O OG  . SER   A 1 114 ? -1.586  4.537   17.773  1.00 31.28 ? 120 SER   B OG  1 
ATOM   1006 N N   . PRO   A 1 115 ? -3.169  1.388   18.918  1.00 21.61 ? 121 PRO   B N   1 
ATOM   1007 C CA  . PRO   A 1 115 ? -2.117  0.466   18.488  1.00 22.23 ? 121 PRO   B CA  1 
ATOM   1008 C C   . PRO   A 1 115 ? -2.616  -0.545  17.433  1.00 17.81 ? 121 PRO   B C   1 
ATOM   1009 O O   . PRO   A 1 115 ? -3.813  -0.604  17.145  1.00 17.01 ? 121 PRO   B O   1 
ATOM   1010 C CB  . PRO   A 1 115 ? -1.753  -0.245  19.788  1.00 25.07 ? 121 PRO   B CB  1 
ATOM   1011 C CG  . PRO   A 1 115 ? -3.059  -0.330  20.530  1.00 24.93 ? 121 PRO   B CG  1 
ATOM   1012 C CD  . PRO   A 1 115 ? -3.788  0.964   20.198  1.00 23.95 ? 121 PRO   B CD  1 
ATOM   1013 N N   . GLN   A 1 116 ? -1.688  -1.269  16.825  1.00 17.10 ? 122 GLN   B N   1 
ATOM   1014 C CA  . GLN   A 1 116 ? -1.979  -2.178  15.698  1.00 15.78 ? 122 GLN   B CA  1 
ATOM   1015 C C   . GLN   A 1 116 ? -2.921  -3.313  16.142  1.00 13.72 ? 122 GLN   B C   1 
ATOM   1016 O O   . GLN   A 1 116 ? -2.942  -3.686  17.326  1.00 15.43 ? 122 GLN   B O   1 
ATOM   1017 C CB  . GLN   A 1 116 ? -0.714  -2.688  15.008  1.00 20.82 ? 122 GLN   B CB  1 
ATOM   1018 C CG  . GLN   A 1 116 ? 0.069   -3.740  15.760  1.00 27.32 ? 122 GLN   B CG  1 
ATOM   1019 C CD  . GLN   A 1 116 ? 1.199   -3.174  16.584  1.00 39.19 ? 122 GLN   B CD  1 
ATOM   1020 O OE1 . GLN   A 1 116 ? 1.140   -2.053  17.102  1.00 42.75 ? 122 GLN   B OE1 1 
ATOM   1021 N NE2 . GLN   A 1 116 ? 2.230   -3.988  16.750  1.00 46.24 ? 122 GLN   B NE2 1 
ATOM   1022 N N   . THR   A 1 117 ? -3.665  -3.820  15.184  1.00 12.20 ? 123 THR   B N   1 
ATOM   1023 C CA  . THR   A 1 117 ? -4.685  -4.867  15.393  1.00 11.67 ? 123 THR   B CA  1 
ATOM   1024 C C   . THR   A 1 117 ? -4.227  -6.153  14.731  1.00 11.23 ? 123 THR   B C   1 
ATOM   1025 O O   . THR   A 1 117 ? -3.992  -6.163  13.516  1.00 12.26 ? 123 THR   B O   1 
ATOM   1026 C CB  . THR   A 1 117 ? -6.050  -4.398  14.882  1.00 11.25 ? 123 THR   B CB  1 
ATOM   1027 O OG1 . THR   A 1 117 ? -6.412  -3.207  15.569  1.00 12.75 ? 123 THR   B OG1 1 
ATOM   1028 C CG2 . THR   A 1 117 ? -7.091  -5.473  15.082  1.00 12.23 ? 123 THR   B CG2 1 
ATOM   1029 N N   . THR   A 1 118 ? -4.271  -7.279  15.447  1.00 12.04 ? 124 THR   B N   1 
ATOM   1030 C CA  . THR   A 1 118 ? -4.013  -8.610  14.887  1.00 12.83 ? 124 THR   B CA  1 
ATOM   1031 C C   . THR   A 1 118 ? -5.035  -9.022  13.847  1.00 12.28 ? 124 THR   B C   1 
ATOM   1032 O O   . THR   A 1 118 ? -6.271  -8.857  14.095  1.00 14.53 ? 124 THR   B O   1 
ATOM   1033 C CB  . THR   A 1 118 ? -4.034  -9.610  16.053  1.00 15.70 ? 124 THR   B CB  1 
ATOM   1034 O OG1 . THR   A 1 118 ? -2.965  -9.268  16.923  1.00 18.10 ? 124 THR   B OG1 1 
ATOM   1035 C CG2 . THR   A 1 118 ? -3.976  -11.037 15.563  1.00 19.26 ? 124 THR   B CG2 1 
ATOM   1036 N N   . LEU   A 1 119 ? -4.620  -9.514  12.695  1.00 11.55 ? 125 LEU   B N   1 
ATOM   1037 C CA  . LEU   A 1 119 ? -5.493  -10.034 11.640  1.00 11.24 ? 125 LEU   B CA  1 
ATOM   1038 C C   . LEU   A 1 119 ? -5.528  -11.565 11.780  1.00 14.02 ? 125 LEU   B C   1 
ATOM   1039 O O   . LEU   A 1 119 ? -4.583  -12.150 12.350  1.00 17.23 ? 125 LEU   B O   1 
ATOM   1040 C CB  . LEU   A 1 119 ? -5.067  -9.602  10.221  1.00 11.44 ? 125 LEU   B CB  1 
ATOM   1041 C CG  . LEU   A 1 119 ? -5.010  -8.079  10.051  1.00 10.98 ? 125 LEU   B CG  1 
ATOM   1042 C CD1 . LEU   A 1 119 ? -4.422  -7.668  8.708   1.00 11.72 ? 125 LEU   B CD1 1 
ATOM   1043 C CD2 . LEU   A 1 119 ? -6.392  -7.454  10.234  1.00 12.02 ? 125 LEU   B CD2 1 
ATOM   1044 N N   . HIS   A 1 120 ? -6.587  -12.183 11.314  1.00 13.01 ? 126 HIS   B N   1 
ATOM   1045 C CA  . HIS   A 1 120 ? -6.812  -13.652 11.409  1.00 13.04 ? 126 HIS   B CA  1 
ATOM   1046 C C   . HIS   A 1 120 ? -6.900  -14.162 9.980   1.00 14.06 ? 126 HIS   B C   1 
ATOM   1047 O O   . HIS   A 1 120 ? -7.980  -14.079 9.352   1.00 19.79 ? 126 HIS   B O   1 
ATOM   1048 C CB  . HIS   A 1 120 ? -8.096  -13.916 12.218  1.00 14.99 ? 126 HIS   B CB  1 
ATOM   1049 C CG  . HIS   A 1 120 ? -8.059  -13.383 13.613  1.00 15.22 ? 126 HIS   B CG  1 
ATOM   1050 N ND1 . HIS   A 1 120 ? -8.619  -12.163 13.954  1.00 18.20 ? 126 HIS   B ND1 1 
ATOM   1051 C CD2 . HIS   A 1 120 ? -7.512  -13.866 14.732  1.00 17.65 ? 126 HIS   B CD2 1 
ATOM   1052 C CE1 . HIS   A 1 120 ? -8.390  -11.945 15.242  1.00 18.63 ? 126 HIS   B CE1 1 
ATOM   1053 N NE2 . HIS   A 1 120 ? -7.765  -12.982 15.748  1.00 17.66 ? 126 HIS   B NE2 1 
ATOM   1054 N N   . ILE   A 1 121 ? -5.810  -14.624 9.425   1.00 17.02 ? 127 ILE   B N   1 
ATOM   1055 C CA  . ILE   A 1 121 ? -5.744  -15.086 8.015   1.00 19.74 ? 127 ILE   B CA  1 
ATOM   1056 C C   . ILE   A 1 121 ? -5.310  -16.573 8.063   1.00 19.86 ? 127 ILE   B C   1 
ATOM   1057 O O   . ILE   A 1 121 ? -4.267  -16.871 8.609   1.00 26.31 ? 127 ILE   B O   1 
ATOM   1058 C CB  . ILE   A 1 121 ? -4.773  -14.181 7.228   1.00 21.05 ? 127 ILE   B CB  1 
ATOM   1059 C CG1 . ILE   A 1 121 ? -5.244  -12.710 7.223   1.00 19.38 ? 127 ILE   B CG1 1 
ATOM   1060 C CG2 . ILE   A 1 121 ? -4.589  -14.776 5.837   1.00 25.83 ? 127 ILE   B CG2 1 
ATOM   1061 C CD1 . ILE   A 1 121 ? -4.430  -11.752 6.372   1.00 19.93 ? 127 ILE   B CD1 1 
ATOM   1062 N N   . GLN   A 1 122 ? -6.160  -17.447 7.569   1.00 24.54 ? 128 GLN   B N   1 
ATOM   1063 C CA  . GLN   A 1 122 ? -5.893  -18.919 7.562   1.00 26.85 ? 128 GLN   B CA  1 
ATOM   1064 C C   . GLN   A 1 122 ? -5.117  -19.285 6.291   1.00 24.24 ? 128 GLN   B C   1 
ATOM   1065 O O   . GLN   A 1 122 ? -4.235  -20.181 6.372   1.00 23.94 ? 128 GLN   B O   1 
ATOM   1066 C CB  . GLN   A 1 122 ? -7.229  -19.671 7.645   1.00 29.17 ? 128 GLN   B CB  1 
ATOM   1067 C CG  . GLN   A 1 122 ? -7.116  -21.196 7.495   1.00 37.86 ? 128 GLN   B CG  1 
ATOM   1068 C CD  . GLN   A 1 122 ? -6.301  -21.872 8.582   1.00 41.38 ? 128 GLN   B CD  1 
ATOM   1069 O OE1 . GLN   A 1 122 ? -6.163  -21.372 9.696   1.00 45.68 ? 128 GLN   B OE1 1 
ATOM   1070 N NE2 . GLN   A 1 122 ? -5.744  -23.032 8.264   1.00 43.95 ? 128 GLN   B NE2 1 
ATOM   1071 N N   . VAL   A 1 123 ? -5.330  -18.543 5.203   1.00 20.33 ? 129 VAL   B N   1 
ATOM   1072 C CA  . VAL   A 1 123 ? -4.691  -18.826 3.869   1.00 18.21 ? 129 VAL   B CA  1 
ATOM   1073 C C   . VAL   A 1 123 ? -3.783  -17.655 3.510   1.00 17.60 ? 129 VAL   B C   1 
ATOM   1074 O O   . VAL   A 1 123 ? -4.303  -16.575 3.177   1.00 17.47 ? 129 VAL   B O   1 
ATOM   1075 C CB  . VAL   A 1 123 ? -5.740  -19.040 2.775   1.00 20.16 ? 129 VAL   B CB  1 
ATOM   1076 C CG1 . VAL   A 1 123 ? -5.099  -19.231 1.398   1.00 21.06 ? 129 VAL   B CG1 1 
ATOM   1077 C CG2 . VAL   A 1 123 ? -6.638  -20.227 3.099   1.00 22.76 ? 129 VAL   B CG2 1 
ATOM   1078 N N   . PRO   A 1 124 ? -2.450  -17.730 3.710   1.00 16.77 ? 130 PRO   B N   1 
ATOM   1079 C CA  . PRO   A 1 124 ? -1.574  -16.590 3.421   1.00 16.98 ? 130 PRO   B CA  1 
ATOM   1080 C C   . PRO   A 1 124 ? -1.857  -16.066 2.030   1.00 16.35 ? 130 PRO   B C   1 
ATOM   1081 O O   . PRO   A 1 124 ? -1.838  -16.789 1.054   1.00 16.57 ? 130 PRO   B O   1 
ATOM   1082 C CB  . PRO   A 1 124 ? -0.164  -17.209 3.552   1.00 20.12 ? 130 PRO   B CB  1 
ATOM   1083 C CG  . PRO   A 1 124 ? -0.380  -18.293 4.622   1.00 20.21 ? 130 PRO   B CG  1 
ATOM   1084 C CD  . PRO   A 1 124 ? -1.703  -18.879 4.282   1.00 19.52 ? 130 PRO   B CD  1 
ATOM   1085 N N   . PRO   A 1 125 ? -2.175  -14.768 1.856   1.00 14.95 ? 131 PRO   B N   1 
ATOM   1086 C CA  . PRO   A 1 125 ? -2.522  -14.241 0.552   1.00 14.47 ? 131 PRO   B CA  1 
ATOM   1087 C C   . PRO   A 1 125 ? -1.317  -14.087 -0.380  1.00 13.76 ? 131 PRO   B C   1 
ATOM   1088 O O   . PRO   A 1 125 ? -0.285  -13.641 0.063   1.00 14.96 ? 131 PRO   B O   1 
ATOM   1089 C CB  . PRO   A 1 125 ? -3.207  -12.898 0.896   1.00 15.03 ? 131 PRO   B CB  1 
ATOM   1090 C CG  . PRO   A 1 125 ? -2.731  -12.550 2.244   1.00 16.39 ? 131 PRO   B CG  1 
ATOM   1091 C CD  . PRO   A 1 125 ? -2.438  -13.833 2.961   1.00 15.08 ? 131 PRO   B CD  1 
ATOM   1092 N N   . CYS   A 1 126 ? -1.532  -14.416 -1.642  1.00 13.98 ? 132 CYS   B N   1 
ATOM   1093 C CA  . CYS   A 1 126 ? -0.575  -14.068 -2.734  1.00 14.62 ? 132 CYS   B CA  1 
ATOM   1094 C C   . CYS   A 1 126 ? -1.033  -12.797 -3.458  1.00 13.15 ? 132 CYS   B C   1 
ATOM   1095 O O   . CYS   A 1 126 ? -0.225  -12.132 -4.100  1.00 12.94 ? 132 CYS   B O   1 
ATOM   1096 C CB  . CYS   A 1 126 ? -0.400  -15.183 -3.743  1.00 17.88 ? 132 CYS   B CB  1 
ATOM   1097 S SG  . CYS   A 1 126 ? 0.280   -16.691 -2.983  1.00 25.22 ? 132 CYS   B SG  1 
ATOM   1098 N N   A GLN   A 1 127 ? -2.335  -12.460 -3.418  0.25 13.18 ? 133 GLN   B N   1 
ATOM   1099 N N   B GLN   A 1 127 ? -2.299  -12.427 -3.250  0.25 13.42 ? 133 GLN   B N   1 
ATOM   1100 C CA  A GLN   A 1 127 ? -2.857  -11.172 -3.969  0.25 13.62 ? 133 GLN   B CA  1 
ATOM   1101 C CA  B GLN   A 1 127 ? -2.916  -11.246 -3.897  0.25 14.49 ? 133 GLN   B CA  1 
ATOM   1102 C C   A GLN   A 1 127 ? -3.911  -10.602 -3.011  0.25 13.01 ? 133 GLN   B C   1 
ATOM   1103 C C   B GLN   A 1 127 ? -3.864  -10.611 -2.879  0.25 13.50 ? 133 GLN   B C   1 
ATOM   1104 O O   A GLN   A 1 127 ? -4.757  -11.380 -2.499  0.25 12.02 ? 133 GLN   B O   1 
ATOM   1105 O O   B GLN   A 1 127 ? -4.518  -11.353 -2.105  0.25 12.34 ? 133 GLN   B O   1 
ATOM   1106 C CB  A GLN   A 1 127 ? -3.495  -11.262 -5.364  0.25 15.05 ? 133 GLN   B CB  1 
ATOM   1107 C CB  B GLN   A 1 127 ? -3.613  -11.644 -5.198  0.25 16.87 ? 133 GLN   B CB  1 
ATOM   1108 C CG  A GLN   A 1 127 ? -2.562  -11.703 -6.482  0.25 16.30 ? 133 GLN   B CG  1 
ATOM   1109 C CG  B GLN   A 1 127 ? -2.660  -12.189 -6.248  0.25 18.86 ? 133 GLN   B CG  1 
ATOM   1110 C CD  A GLN   A 1 127 ? -2.573  -13.206 -6.598  0.25 18.45 ? 133 GLN   B CD  1 
ATOM   1111 C CD  B GLN   A 1 127 ? -3.230  -12.155 -7.643  0.25 20.40 ? 133 GLN   B CD  1 
ATOM   1112 O OE1 A GLN   A 1 127 ? -3.598  -13.848 -6.374  0.25 18.27 ? 133 GLN   B OE1 1 
ATOM   1113 O OE1 B GLN   A 1 127 ? -4.392  -11.828 -7.858  0.25 25.12 ? 133 GLN   B OE1 1 
ATOM   1114 N NE2 A GLN   A 1 127 ? -1.414  -13.776 -6.904  0.25 18.95 ? 133 GLN   B NE2 1 
ATOM   1115 N NE2 B GLN   A 1 127 ? -2.397  -12.483 -8.608  0.25 22.77 ? 133 GLN   B NE2 1 
ATOM   1116 N N   . ILE   A 1 128 ? -3.832  -9.280  -2.821  1.00 12.48 ? 134 ILE   B N   1 
ATOM   1117 C CA  . ILE   A 1 128 ? -4.654  -8.476  -1.877  1.00 12.38 ? 134 ILE   B CA  1 
ATOM   1118 C C   . ILE   A 1 128 ? -5.532  -7.582  -2.754  1.00 12.47 ? 134 ILE   B C   1 
ATOM   1119 O O   . ILE   A 1 128 ? -5.004  -6.840  -3.633  1.00 11.66 ? 134 ILE   B O   1 
ATOM   1120 C CB  . ILE   A 1 128 ? -3.776  -7.649  -0.941  1.00 13.14 ? 134 ILE   B CB  1 
ATOM   1121 C CG1 . ILE   A 1 128 ? -2.803  -8.474  -0.073  1.00 16.96 ? 134 ILE   B CG1 1 
ATOM   1122 C CG2 . ILE   A 1 128 ? -4.651  -6.728  -0.073  1.00 13.31 ? 134 ILE   B CG2 1 
ATOM   1123 C CD1 . ILE   A 1 128 ? -3.448  -9.265  0.950   1.00 16.02 ? 134 ILE   B CD1 1 
ATOM   1124 N N   . GLY   A 1 129 ? -6.836  -7.512  -2.450  1.00 12.37 ? 135 GLY   B N   1 
ATOM   1125 C CA  . GLY   A 1 129 ? -7.735  -6.512  -3.030  1.00 11.73 ? 135 GLY   B CA  1 
ATOM   1126 C C   . GLY   A 1 129 ? -8.013  -5.384  -2.052  1.00 11.38 ? 135 GLY   B C   1 
ATOM   1127 O O   . GLY   A 1 129 ? -8.120  -5.615  -0.850  1.00 12.02 ? 135 GLY   B O   1 
ATOM   1128 N N   . ILE   A 1 130 ? -7.949  -4.149  -2.558  1.00 11.52 ? 136 ILE   B N   1 
ATOM   1129 C CA  . ILE   A 1 130 ? -8.146  -2.912  -1.735  1.00 10.86 ? 136 ILE   B CA  1 
ATOM   1130 C C   . ILE   A 1 130 ? -9.334  -2.150  -2.299  1.00 11.68 ? 136 ILE   B C   1 
ATOM   1131 O O   . ILE   A 1 130 ? -9.371  -1.861  -3.484  1.00 11.61 ? 136 ILE   B O   1 
ATOM   1132 C CB  . ILE   A 1 130 ? -6.875  -2.046  -1.751  1.00 11.62 ? 136 ILE   B CB  1 
ATOM   1133 C CG1 . ILE   A 1 130 ? -5.706  -2.868  -1.212  1.00 13.58 ? 136 ILE   B CG1 1 
ATOM   1134 C CG2 . ILE   A 1 130 ? -7.086  -0.773  -0.938  1.00 12.65 ? 136 ILE   B CG2 1 
ATOM   1135 C CD1 . ILE   A 1 130 ? -4.406  -2.190  -1.269  1.00 16.03 ? 136 ILE   B CD1 1 
ATOM   1136 N N   . PHE   A 1 131 ? -10.313 -1.900  -1.443  1.00 11.12 ? 137 PHE   B N   1 
ATOM   1137 C CA  . PHE   A 1 131 ? -11.565 -1.199  -1.813  1.00 10.70 ? 137 PHE   B CA  1 
ATOM   1138 C C   . PHE   A 1 131 ? -11.664 0.055   -0.971  1.00 10.71 ? 137 PHE   B C   1 
ATOM   1139 O O   . PHE   A 1 131 ? -11.549 0.003   0.268   1.00 11.65 ? 137 PHE   B O   1 
ATOM   1140 C CB  . PHE   A 1 131 ? -12.784 -2.064  -1.539  1.00 12.36 ? 137 PHE   B CB  1 
ATOM   1141 C CG  . PHE   A 1 131 ? -14.109 -1.380  -1.769  1.00 13.72 ? 137 PHE   B CG  1 
ATOM   1142 C CD1 . PHE   A 1 131 ? -14.484 -1.031  -3.040  1.00 15.12 ? 137 PHE   B CD1 1 
ATOM   1143 C CD2 . PHE   A 1 131 ? -14.964 -1.090  -0.727  1.00 14.77 ? 137 PHE   B CD2 1 
ATOM   1144 C CE1 . PHE   A 1 131 ? -15.722 -0.442  -3.272  1.00 17.33 ? 137 PHE   B CE1 1 
ATOM   1145 C CE2 . PHE   A 1 131 ? -16.188 -0.465  -0.945  1.00 17.19 ? 137 PHE   B CE2 1 
ATOM   1146 C CZ  . PHE   A 1 131 ? -16.552 -0.150  -2.222  1.00 16.02 ? 137 PHE   B CZ  1 
ATOM   1147 N N   . VAL   A 1 132 ? -11.895 1.202   -1.629  1.00 10.93 ? 138 VAL   B N   1 
ATOM   1148 C CA  . VAL   A 1 132 ? -12.112 2.514   -0.968  1.00 11.54 ? 138 VAL   B CA  1 
ATOM   1149 C C   . VAL   A 1 132 ? -13.488 3.043   -1.379  1.00 10.93 ? 138 VAL   B C   1 
ATOM   1150 O O   . VAL   A 1 132 ? -13.769 3.150   -2.565  1.00 12.72 ? 138 VAL   B O   1 
ATOM   1151 C CB  . VAL   A 1 132 ? -11.002 3.521   -1.304  1.00 11.44 ? 138 VAL   B CB  1 
ATOM   1152 C CG1 . VAL   A 1 132 ? -11.276 4.860   -0.629  1.00 13.56 ? 138 VAL   B CG1 1 
ATOM   1153 C CG2 . VAL   A 1 132 ? -9.633  2.957   -0.921  1.00 12.91 ? 138 VAL   B CG2 1 
ATOM   1154 N N   . ASP   A 1 133 ? -14.300 3.355   -0.384  1.00 11.62 ? 139 ASP   B N   1 
ATOM   1155 C CA  . ASP   A 1 133 ? -15.575 4.110   -0.594  1.00 13.02 ? 139 ASP   B CA  1 
ATOM   1156 C C   . ASP   A 1 133 ? -15.368 5.459   0.084   1.00 11.11 ? 139 ASP   B C   1 
ATOM   1157 O O   . ASP   A 1 133 ? -15.419 5.574   1.322   1.00 11.88 ? 139 ASP   B O   1 
ATOM   1158 C CB  . ASP   A 1 133 ? -16.766 3.338   -0.086  1.00 13.05 ? 139 ASP   B CB  1 
ATOM   1159 C CG  . ASP   A 1 133 ? -18.104 4.033   -0.327  1.00 15.29 ? 139 ASP   B CG  1 
ATOM   1160 O OD1 . ASP   A 1 133 ? -18.119 5.284   -0.502  1.00 15.90 ? 139 ASP   B OD1 1 
ATOM   1161 O OD2 . ASP   A 1 133 ? -19.102 3.240   -0.332  1.00 19.37 ? 139 ASP   B OD2 1 
ATOM   1162 N N   . TYR   A 1 134 ? -15.088 6.482   -0.732  1.00 12.36 ? 140 TYR   B N   1 
ATOM   1163 C CA  . TYR   A 1 134 ? -14.738 7.814   -0.196  1.00 12.47 ? 140 TYR   B CA  1 
ATOM   1164 C C   . TYR   A 1 134 ? -15.894 8.404   0.634   1.00 12.92 ? 140 TYR   B C   1 
ATOM   1165 O O   . TYR   A 1 134 ? -15.739 8.780   1.764   1.00 14.65 ? 140 TYR   B O   1 
ATOM   1166 C CB  . TYR   A 1 134 ? -14.300 8.777   -1.316  1.00 12.26 ? 140 TYR   B CB  1 
ATOM   1167 C CG  . TYR   A 1 134 ? -13.550 9.965   -0.750  1.00 13.11 ? 140 TYR   B CG  1 
ATOM   1168 C CD1 . TYR   A 1 134 ? -14.179 10.986  -0.047  1.00 13.01 ? 140 TYR   B CD1 1 
ATOM   1169 C CD2 . TYR   A 1 134 ? -12.163 10.003  -0.779  1.00 12.51 ? 140 TYR   B CD2 1 
ATOM   1170 C CE1 . TYR   A 1 134 ? -13.479 12.020  0.536   1.00 12.73 ? 140 TYR   B CE1 1 
ATOM   1171 C CE2 . TYR   A 1 134 ? -11.442 11.034  -0.199  1.00 12.31 ? 140 TYR   B CE2 1 
ATOM   1172 C CZ  . TYR   A 1 134 ? -12.095 12.048  0.476   1.00 12.53 ? 140 TYR   B CZ  1 
ATOM   1173 O OH  . TYR   A 1 134 ? -11.434 13.057  1.115   1.00 13.14 ? 140 TYR   B OH  1 
ATOM   1174 N N   . GLU   A 1 135 ? -17.078 8.377   0.059   1.00 15.26 ? 141 GLU   B N   1 
ATOM   1175 C CA  . GLU   A 1 135 ? -18.252 9.008   0.713   1.00 15.88 ? 141 GLU   B CA  1 
ATOM   1176 C C   . GLU   A 1 135 ? -18.579 8.286   2.004   1.00 15.16 ? 141 GLU   B C   1 
ATOM   1177 O O   . GLU   A 1 135 ? -18.864 8.951   3.029   1.00 17.57 ? 141 GLU   B O   1 
ATOM   1178 C CB  . GLU   A 1 135 ? -19.442 9.046   -0.229  1.00 17.97 ? 141 GLU   B CB  1 
ATOM   1179 C CG  . GLU   A 1 135 ? -19.357 10.277  -1.147  1.00 24.67 ? 141 GLU   B CG  1 
ATOM   1180 C CD  . GLU   A 1 135 ? -18.241 10.223  -2.133  1.00 27.98 ? 141 GLU   B CD  1 
ATOM   1181 O OE1 . GLU   A 1 135 ? -17.708 11.252  -2.423  1.00 24.46 ? 141 GLU   B OE1 1 
ATOM   1182 O OE2 . GLU   A 1 135 ? -17.912 9.099   -2.614  1.00 31.96 ? 141 GLU   B OE2 1 
ATOM   1183 N N   . ALA   A 1 136 ? -18.543 6.962   2.022   1.00 13.80 ? 142 ALA   B N   1 
ATOM   1184 C CA  . ALA   A 1 136 ? -18.868 6.171   3.205   1.00 14.97 ? 142 ALA   B CA  1 
ATOM   1185 C C   . ALA   A 1 136 ? -17.770 6.212   4.270   1.00 14.25 ? 142 ALA   B C   1 
ATOM   1186 O O   . ALA   A 1 136 ? -18.053 5.888   5.438   1.00 16.63 ? 142 ALA   B O   1 
ATOM   1187 C CB  . ALA   A 1 136 ? -19.147 4.748   2.798   1.00 16.42 ? 142 ALA   B CB  1 
ATOM   1188 N N   . GLY   A 1 137 ? -16.543 6.619   3.952   1.00 12.50 ? 143 GLY   B N   1 
ATOM   1189 C CA  . GLY   A 1 137 ? -15.417 6.575   4.874   1.00 11.87 ? 143 GLY   B CA  1 
ATOM   1190 C C   . GLY   A 1 137 ? -14.979 5.133   5.186   1.00 10.75 ? 143 GLY   B C   1 
ATOM   1191 O O   . GLY   A 1 137 ? -14.839 4.818   6.369   1.00 12.29 ? 143 GLY   B O   1 
ATOM   1192 N N   . VAL   A 1 138 ? -14.823 4.323   4.142   1.00 10.98 ? 144 VAL   B N   1 
ATOM   1193 C CA  . VAL   A 1 138 ? -14.478 2.874   4.311   1.00 12.08 ? 144 VAL   B CA  1 
ATOM   1194 C C   . VAL   A 1 138 ? -13.233 2.559   3.484   1.00 11.21 ? 144 VAL   B C   1 
ATOM   1195 O O   . VAL   A 1 138 ? -13.166 2.910   2.287   1.00 11.98 ? 144 VAL   B O   1 
ATOM   1196 C CB  . VAL   A 1 138 ? -15.662 2.000   3.842   1.00 13.37 ? 144 VAL   B CB  1 
ATOM   1197 C CG1 . VAL   A 1 138 ? -15.266 0.518   3.681   1.00 14.27 ? 144 VAL   B CG1 1 
ATOM   1198 C CG2 . VAL   A 1 138 ? -16.827 2.203   4.809   1.00 14.30 ? 144 VAL   B CG2 1 
ATOM   1199 N N   . VAL   A 1 139 ? -12.336 1.781   4.086   1.00 10.99 ? 145 VAL   B N   1 
ATOM   1200 C CA  . VAL   A 1 139 ? -11.230 1.097   3.356   1.00 10.17 ? 145 VAL   B CA  1 
ATOM   1201 C C   . VAL   A 1 139 ? -11.282 -0.391  3.752   1.00 9.73  ? 145 VAL   B C   1 
ATOM   1202 O O   . VAL   A 1 139 ? -11.145 -0.674  4.967   1.00 10.65 ? 145 VAL   B O   1 
ATOM   1203 C CB  . VAL   A 1 139 ? -9.861  1.713   3.722   1.00 10.24 ? 145 VAL   B CB  1 
ATOM   1204 C CG1 . VAL   A 1 139 ? -8.748  1.042   2.896   1.00 10.66 ? 145 VAL   B CG1 1 
ATOM   1205 C CG2 . VAL   A 1 139 ? -9.857  3.225   3.521   1.00 10.43 ? 145 VAL   B CG2 1 
ATOM   1206 N N   . SER   A 1 140 ? -11.406 -1.266  2.780   1.00 9.42  ? 146 SER   B N   1 
ATOM   1207 C CA  . SER   A 1 140 ? -11.496 -2.713  3.055   1.00 10.54 ? 146 SER   B CA  1 
ATOM   1208 C C   . SER   A 1 140 ? -10.432 -3.450  2.248   1.00 10.35 ? 146 SER   B C   1 
ATOM   1209 O O   . SER   A 1 140 ? -10.076 -3.067  1.160   1.00 11.12 ? 146 SER   B O   1 
ATOM   1210 C CB  . SER   A 1 140 ? -12.888 -3.235  2.708   1.00 10.45 ? 146 SER   B CB  1 
ATOM   1211 O OG  . SER   A 1 140 ? -13.858 -2.733  3.629   1.00 12.08 ? 146 SER   B OG  1 
ATOM   1212 N N   . PHE   A 1 141 ? -10.001 -4.568  2.827   1.00 9.43  ? 147 PHE   B N   1 
ATOM   1213 C CA  . PHE   A 1 141 ? -8.921  -5.429  2.311   1.00 10.11 ? 147 PHE   B CA  1 
ATOM   1214 C C   . PHE   A 1 141 ? -9.498  -6.825  2.162   1.00 9.66  ? 147 PHE   B C   1 
ATOM   1215 O O   . PHE   A 1 141 ? -10.115 -7.353  3.138   1.00 10.47 ? 147 PHE   B O   1 
ATOM   1216 C CB  . PHE   A 1 141 ? -7.683  -5.423  3.238   1.00 10.30 ? 147 PHE   B CB  1 
ATOM   1217 C CG  . PHE   A 1 141 ? -7.065  -4.059  3.351   1.00 10.12 ? 147 PHE   B CG  1 
ATOM   1218 C CD1 . PHE   A 1 141 ? -7.557  -3.129  4.267   1.00 9.86  ? 147 PHE   B CD1 1 
ATOM   1219 C CD2 . PHE   A 1 141 ? -5.948  -3.728  2.593   1.00 10.59 ? 147 PHE   B CD2 1 
ATOM   1220 C CE1 . PHE   A 1 141 ? -7.000  -1.861  4.323   1.00 10.29 ? 147 PHE   B CE1 1 
ATOM   1221 C CE2 . PHE   A 1 141 ? -5.404  -2.448  2.668   1.00 9.25  ? 147 PHE   B CE2 1 
ATOM   1222 C CZ  . PHE   A 1 141 ? -5.883  -1.547  3.588   1.00 9.48  ? 147 PHE   B CZ  1 
ATOM   1223 N N   . TYR   A 1 142 ? -9.184  -7.466  1.043   1.00 10.27 ? 148 TYR   B N   1 
ATOM   1224 C CA  . TYR   A 1 142 ? -9.726  -8.798  0.668   1.00 12.00 ? 148 TYR   B CA  1 
ATOM   1225 C C   . TYR   A 1 142 ? -8.580  -9.746  0.302   1.00 12.83 ? 148 TYR   B C   1 
ATOM   1226 O O   . TYR   A 1 142 ? -7.599  -9.380  -0.351  1.00 12.73 ? 148 TYR   B O   1 
ATOM   1227 C CB  . TYR   A 1 142 ? -10.745 -8.674  -0.461  1.00 12.42 ? 148 TYR   B CB  1 
ATOM   1228 C CG  . TYR   A 1 142 ? -11.951 -7.863  -0.069  1.00 12.60 ? 148 TYR   B CG  1 
ATOM   1229 C CD1 . TYR   A 1 142 ? -12.996 -8.417  0.647   1.00 13.61 ? 148 TYR   B CD1 1 
ATOM   1230 C CD2 . TYR   A 1 142 ? -11.993 -6.494  -0.298  1.00 13.22 ? 148 TYR   B CD2 1 
ATOM   1231 C CE1 . TYR   A 1 142 ? -14.065 -7.641  1.069   1.00 13.85 ? 148 TYR   B CE1 1 
ATOM   1232 C CE2 . TYR   A 1 142 ? -13.064 -5.706  0.096   1.00 14.45 ? 148 TYR   B CE2 1 
ATOM   1233 C CZ  . TYR   A 1 142 ? -14.133 -6.290  0.761   1.00 14.12 ? 148 TYR   B CZ  1 
ATOM   1234 O OH  . TYR   A 1 142 ? -15.191 -5.519  1.226   1.00 16.13 ? 148 TYR   B OH  1 
ATOM   1235 N N   . ASN   A 1 143 ? -8.771  -11.023 0.637   1.00 12.92 ? 149 ASN   B N   1 
ATOM   1236 C CA  . ASN   A 1 143 ? -7.779  -12.106 0.361   1.00 12.88 ? 149 ASN   B CA  1 
ATOM   1237 C C   . ASN   A 1 143 ? -8.159  -12.754 -0.970  1.00 12.86 ? 149 ASN   B C   1 
ATOM   1238 O O   . ASN   A 1 143 ? -9.061  -13.635 -0.987  1.00 14.80 ? 149 ASN   B O   1 
ATOM   1239 C CB  . ASN   A 1 143 ? -7.813  -13.115 1.504   1.00 12.33 ? 149 ASN   B CB  1 
ATOM   1240 C CG  . ASN   A 1 143 ? -6.761  -14.198 1.365   1.00 13.15 ? 149 ASN   B CG  1 
ATOM   1241 O OD1 . ASN   A 1 143 ? -6.250  -14.383 0.255   1.00 14.67 ? 149 ASN   B OD1 1 
ATOM   1242 N ND2 . ASN   A 1 143 ? -6.415  -14.796 2.472   1.00 14.69 ? 149 ASN   B ND2 1 
ATOM   1243 N N   . ILE   A 1 144 ? -7.533  -12.406 -2.094  1.00 13.95 ? 150 ILE   B N   1 
ATOM   1244 C CA  . ILE   A 1 144 ? -7.956  -12.880 -3.431  1.00 15.59 ? 150 ILE   B CA  1 
ATOM   1245 C C   . ILE   A 1 144 ? -7.639  -14.390 -3.498  1.00 17.14 ? 150 ILE   B C   1 
ATOM   1246 O O   . ILE   A 1 144 ? -8.375  -15.102 -4.175  1.00 18.86 ? 150 ILE   B O   1 
ATOM   1247 C CB  . ILE   A 1 144 ? -7.251  -12.051 -4.511  1.00 16.32 ? 150 ILE   B CB  1 
ATOM   1248 C CG1 . ILE   A 1 144 ? -7.526  -10.543 -4.372  1.00 17.64 ? 150 ILE   B CG1 1 
ATOM   1249 C CG2 . ILE   A 1 144 ? -7.566  -12.549 -5.915  1.00 18.05 ? 150 ILE   B CG2 1 
ATOM   1250 C CD1 . ILE   A 1 144 ? -8.971  -10.216 -4.129  1.00 21.45 ? 150 ILE   B CD1 1 
ATOM   1251 N N   . THR   A 1 145 ? -6.573  -14.838 -2.859  1.00 16.39 ? 151 THR   B N   1 
ATOM   1252 C CA  . THR   A 1 145 ? -6.133  -16.274 -2.848  1.00 16.96 ? 151 THR   B CA  1 
ATOM   1253 C C   . THR   A 1 145 ? -7.239  -17.114 -2.211  1.00 20.05 ? 151 THR   B C   1 
ATOM   1254 O O   . THR   A 1 145 ? -7.478  -18.246 -2.700  1.00 23.61 ? 151 THR   B O   1 
ATOM   1255 C CB  . THR   A 1 145 ? -4.799  -16.414 -2.096  1.00 16.10 ? 151 THR   B CB  1 
ATOM   1256 O OG1 . THR   A 1 145 ? -3.887  -15.480 -2.677  1.00 16.44 ? 151 THR   B OG1 1 
ATOM   1257 C CG2 . THR   A 1 145 ? -4.244  -17.820 -2.207  1.00 18.10 ? 151 THR   B CG2 1 
ATOM   1258 N N   . ASP   A 1 146 ? -7.919  -16.601 -1.186  1.00 18.59 ? 152 ASP   B N   1 
ATOM   1259 C CA  . ASP   A 1 146 ? -9.026  -17.298 -0.470  1.00 18.31 ? 152 ASP   B CA  1 
ATOM   1260 C C   . ASP   A 1 146 ? -10.405 -16.802 -0.935  1.00 19.52 ? 152 ASP   B C   1 
ATOM   1261 O O   . ASP   A 1 146 ? -11.218 -16.431 -0.070  1.00 19.77 ? 152 ASP   B O   1 
ATOM   1262 C CB  . ASP   A 1 146 ? -8.777  -17.206 1.004   1.00 18.14 ? 152 ASP   B CB  1 
ATOM   1263 C CG  . ASP   A 1 146 ? -9.783  -17.953 1.841   1.00 23.23 ? 152 ASP   B CG  1 
ATOM   1264 O OD1 . ASP   A 1 146 ? -10.152 -19.092 1.446   1.00 23.49 ? 152 ASP   B OD1 1 
ATOM   1265 O OD2 . ASP   A 1 146 ? -10.219 -17.361 2.839   1.00 23.28 ? 152 ASP   B OD2 1 
ATOM   1266 N N   . HIS   A 1 147 ? -10.662 -16.805 -2.233  1.00 22.02 ? 153 HIS   B N   1 
ATOM   1267 C CA  . HIS   A 1 147 ? -12.007 -16.549 -2.821  1.00 26.47 ? 153 HIS   B CA  1 
ATOM   1268 C C   . HIS   A 1 147 ? -12.512 -15.169 -2.373  1.00 24.57 ? 153 HIS   B C   1 
ATOM   1269 O O   . HIS   A 1 147 ? -13.713 -14.978 -2.235  1.00 26.67 ? 153 HIS   B O   1 
ATOM   1270 C CB  . HIS   A 1 147 ? -13.045 -17.602 -2.391  1.00 31.95 ? 153 HIS   B CB  1 
ATOM   1271 C CG  . HIS   A 1 147 ? -12.655 -19.042 -2.522  1.00 40.79 ? 153 HIS   B CG  1 
ATOM   1272 N ND1 . HIS   A 1 147 ? -12.634 -19.700 -3.744  1.00 48.55 ? 153 HIS   B ND1 1 
ATOM   1273 C CD2 . HIS   A 1 147 ? -12.355 -19.968 -1.582  1.00 46.18 ? 153 HIS   B CD2 1 
ATOM   1274 C CE1 . HIS   A 1 147 ? -12.292 -20.961 -3.557  1.00 51.14 ? 153 HIS   B CE1 1 
ATOM   1275 N NE2 . HIS   A 1 147 ? -12.117 -21.154 -2.234  1.00 49.83 ? 153 HIS   B NE2 1 
ATOM   1276 N N   . GLY   A 1 148 ? -11.619 -14.212 -2.141  1.00 20.53 ? 154 GLY   B N   1 
ATOM   1277 C CA  . GLY   A 1 148 ? -12.061 -12.829 -1.869  1.00 16.81 ? 154 GLY   B CA  1 
ATOM   1278 C C   . GLY   A 1 148 ? -12.478 -12.607 -0.428  1.00 16.62 ? 154 GLY   B C   1 
ATOM   1279 O O   . GLY   A 1 148 ? -13.200 -11.644 -0.217  1.00 16.39 ? 154 GLY   B O   1 
ATOM   1280 N N   . SER   A 1 149 ? -12.126 -13.466 0.514   1.00 14.92 ? 155 SER   B N   1 
ATOM   1281 C CA  . SER   A 1 149 ? -12.573 -13.346 1.922   1.00 13.18 ? 155 SER   B CA  1 
ATOM   1282 C C   . SER   A 1 149 ? -12.117 -12.017 2.538   1.00 14.14 ? 155 SER   B C   1 
ATOM   1283 O O   . SER   A 1 149 ? -10.993 -11.522 2.273   1.00 13.65 ? 155 SER   B O   1 
ATOM   1284 C CB  . SER   A 1 149 ? -12.126 -14.521 2.747   1.00 14.36 ? 155 SER   B CB  1 
ATOM   1285 O OG  . SER   A 1 149 ? -10.717 -14.703 2.761   1.00 15.53 ? 155 SER   B OG  1 
ATOM   1286 N N   . LEU   A 1 150 ? -12.920 -11.441 3.400   1.00 12.82 ? 156 LEU   B N   1 
ATOM   1287 C CA  . LEU   A 1 150 ? -12.528 -10.173 4.075   1.00 11.66 ? 156 LEU   B CA  1 
ATOM   1288 C C   . LEU   A 1 150 ? -11.357 -10.382 5.019   1.00 11.27 ? 156 LEU   B C   1 
ATOM   1289 O O   . LEU   A 1 150 ? -11.329 -11.305 5.870   1.00 12.00 ? 156 LEU   B O   1 
ATOM   1290 C CB  . LEU   A 1 150 ? -13.735 -9.644  4.859   1.00 12.30 ? 156 LEU   B CB  1 
ATOM   1291 C CG  . LEU   A 1 150 ? -13.540 -8.316  5.607   1.00 12.01 ? 156 LEU   B CG  1 
ATOM   1292 C CD1 . LEU   A 1 150 ? -13.367 -7.148  4.663   1.00 12.25 ? 156 LEU   B CD1 1 
ATOM   1293 C CD2 . LEU   A 1 150 ? -14.779 -8.033  6.502   1.00 13.30 ? 156 LEU   B CD2 1 
ATOM   1294 N N   . ILE   A 1 151 ? -10.390 -9.464  4.928   1.00 10.66 ? 157 ILE   B N   1 
ATOM   1295 C CA  . ILE   A 1 151 ? -9.270  -9.357  5.859   1.00 11.14 ? 157 ILE   B CA  1 
ATOM   1296 C C   . ILE   A 1 151 ? -9.561  -8.336  6.944   1.00 9.99  ? 157 ILE   B C   1 
ATOM   1297 O O   . ILE   A 1 151 ? -9.346  -8.560  8.113   1.00 10.58 ? 157 ILE   B O   1 
ATOM   1298 C CB  . ILE   A 1 151 ? -7.953  -9.063  5.096   1.00 11.47 ? 157 ILE   B CB  1 
ATOM   1299 C CG1 . ILE   A 1 151 ? -7.582  -10.228 4.180   1.00 12.39 ? 157 ILE   B CG1 1 
ATOM   1300 C CG2 . ILE   A 1 151 ? -6.827  -8.770  6.078   1.00 11.31 ? 157 ILE   B CG2 1 
ATOM   1301 C CD1 . ILE   A 1 151 ? -6.435  -9.911  3.231   1.00 12.96 ? 157 ILE   B CD1 1 
ATOM   1302 N N   . TYR   A 1 152 ? -9.930  -7.107  6.533   1.00 10.21 ? 158 TYR   B N   1 
ATOM   1303 C CA  . TYR   A 1 152 ? -10.062 -6.007  7.508   1.00 9.69  ? 158 TYR   B CA  1 
ATOM   1304 C C   . TYR   A 1 152 ? -10.864 -4.869  6.856   1.00 9.80  ? 158 TYR   B C   1 
ATOM   1305 O O   . TYR   A 1 152 ? -10.689 -4.599  5.657   1.00 10.70 ? 158 TYR   B O   1 
ATOM   1306 C CB  . TYR   A 1 152 ? -8.690  -5.403  7.925   1.00 9.61  ? 158 TYR   B CB  1 
ATOM   1307 C CG  . TYR   A 1 152 ? -8.803  -4.509  9.116   1.00 9.68  ? 158 TYR   B CG  1 
ATOM   1308 C CD1 . TYR   A 1 152 ? -8.881  -5.011  10.408  1.00 10.51 ? 158 TYR   B CD1 1 
ATOM   1309 C CD2 . TYR   A 1 152 ? -8.831  -3.130  8.957   1.00 9.91  ? 158 TYR   B CD2 1 
ATOM   1310 C CE1 . TYR   A 1 152 ? -9.014  -4.161  11.493  1.00 10.98 ? 158 TYR   B CE1 1 
ATOM   1311 C CE2 . TYR   A 1 152 ? -8.991  -2.285  10.028  1.00 10.51 ? 158 TYR   B CE2 1 
ATOM   1312 C CZ  . TYR   A 1 152 ? -9.089  -2.795  11.294  1.00 11.12 ? 158 TYR   B CZ  1 
ATOM   1313 O OH  . TYR   A 1 152 ? -9.312  -1.993  12.387  1.00 13.55 ? 158 TYR   B OH  1 
ATOM   1314 N N   . THR   A 1 153 ? -11.698 -4.201  7.667   1.00 10.03 ? 159 THR   B N   1 
ATOM   1315 C CA  . THR   A 1 153 ? -12.428 -2.967  7.279   1.00 10.71 ? 159 THR   B CA  1 
ATOM   1316 C C   . THR   A 1 153 ? -12.137 -1.872  8.275   1.00 10.07 ? 159 THR   B C   1 
ATOM   1317 O O   . THR   A 1 153 ? -12.448 -1.978  9.447   1.00 10.84 ? 159 THR   B O   1 
ATOM   1318 C CB  . THR   A 1 153 ? -13.951 -3.205  7.166   1.00 11.12 ? 159 THR   B CB  1 
ATOM   1319 O OG1 . THR   A 1 153 ? -14.162 -4.046  6.041   1.00 11.44 ? 159 THR   B OG1 1 
ATOM   1320 C CG2 . THR   A 1 153 ? -14.701 -1.887  6.992   1.00 12.52 ? 159 THR   B CG2 1 
ATOM   1321 N N   . PHE   A 1 154 ? -11.549 -0.767  7.772   1.00 10.04 ? 160 PHE   B N   1 
ATOM   1322 C CA  . PHE   A 1 154 ? -11.524 0.528   8.489   1.00 10.21 ? 160 PHE   B CA  1 
ATOM   1323 C C   . PHE   A 1 154 ? -12.842 1.246   8.131   1.00 10.75 ? 160 PHE   B C   1 
ATOM   1324 O O   . PHE   A 1 154 ? -13.107 1.466   6.967   1.00 11.05 ? 160 PHE   B O   1 
ATOM   1325 C CB  . PHE   A 1 154 ? -10.396 1.430   8.004   1.00 10.42 ? 160 PHE   B CB  1 
ATOM   1326 C CG  . PHE   A 1 154 ? -8.989  0.993   8.334   1.00 8.74  ? 160 PHE   B CG  1 
ATOM   1327 C CD1 . PHE   A 1 154 ? -8.258  0.147   7.497   1.00 8.71  ? 160 PHE   B CD1 1 
ATOM   1328 C CD2 . PHE   A 1 154 ? -8.357  1.497   9.444   1.00 9.25  ? 160 PHE   B CD2 1 
ATOM   1329 C CE1 . PHE   A 1 154 ? -6.949  -0.180  7.815   1.00 9.56  ? 160 PHE   B CE1 1 
ATOM   1330 C CE2 . PHE   A 1 154 ? -7.050  1.155   9.764   1.00 9.60  ? 160 PHE   B CE2 1 
ATOM   1331 C CZ  . PHE   A 1 154 ? -6.359  0.328   8.921   1.00 8.61  ? 160 PHE   B CZ  1 
ATOM   1332 N N   . SER   A 1 155 ? -13.615 1.576   9.161   1.00 12.36 ? 161 SER   B N   1 
ATOM   1333 C CA  . SER   A 1 155 ? -14.835 2.378   8.952   1.00 13.66 ? 161 SER   B CA  1 
ATOM   1334 C C   . SER   A 1 155 ? -14.728 3.646   9.783   1.00 13.31 ? 161 SER   B C   1 
ATOM   1335 O O   . SER   A 1 155 ? -13.818 3.812   10.616  1.00 15.12 ? 161 SER   B O   1 
ATOM   1336 C CB  . SER   A 1 155 ? -16.032 1.514   9.265   1.00 15.57 ? 161 SER   B CB  1 
ATOM   1337 O OG  . SER   A 1 155 ? -16.139 1.258   10.643  1.00 18.73 ? 161 SER   B OG  1 
ATOM   1338 N N   . GLU   A 1 156 ? -15.669 4.568   9.513   1.00 15.73 ? 162 GLU   B N   1 
ATOM   1339 C CA  . GLU   A 1 156 ? -15.642 5.916   10.151  1.00 16.84 ? 162 GLU   B CA  1 
ATOM   1340 C C   . GLU   A 1 156 ? -14.301 6.601   9.858   1.00 15.21 ? 162 GLU   B C   1 
ATOM   1341 O O   . GLU   A 1 156 ? -13.766 7.330   10.734  1.00 17.29 ? 162 GLU   B O   1 
ATOM   1342 C CB  . GLU   A 1 156 ? -15.861 5.848   11.661  1.00 21.11 ? 162 GLU   B CB  1 
ATOM   1343 C CG  . GLU   A 1 156 ? -16.954 4.909   12.131  1.00 26.16 ? 162 GLU   B CG  1 
ATOM   1344 C CD  . GLU   A 1 156 ? -17.159 5.134   13.615  1.00 37.68 ? 162 GLU   B CD  1 
ATOM   1345 O OE1 . GLU   A 1 156 ? -16.544 4.404   14.423  1.00 41.75 ? 162 GLU   B OE1 1 
ATOM   1346 O OE2 . GLU   A 1 156 ? -17.850 6.112   13.959  1.00 42.43 ? 162 GLU   B OE2 1 
ATOM   1347 N N   . CYS   A 1 157 ? -13.782 6.386   8.648   1.00 14.04 ? 163 CYS   B N   1 
ATOM   1348 C CA  . CYS   A 1 157 ? -12.489 6.988   8.267   1.00 13.03 ? 163 CYS   B CA  1 
ATOM   1349 C C   . CYS   A 1 157 ? -12.652 8.509   8.115   1.00 13.94 ? 163 CYS   B C   1 
ATOM   1350 O O   . CYS   A 1 157 ? -13.709 8.915   7.519   1.00 15.73 ? 163 CYS   B O   1 
ATOM   1351 C CB  . CYS   A 1 157 ? -11.899 6.438   6.975   1.00 12.62 ? 163 CYS   B CB  1 
ATOM   1352 S SG  . CYS   A 1 157 ? -11.508 4.668   7.048   1.00 12.77 ? 163 CYS   B SG  1 
ATOM   1353 N N   . VAL   A 1 158 ? -11.675 9.262   8.591   1.00 14.01 ? 164 VAL   B N   1 
ATOM   1354 C CA  . VAL   A 1 158 ? -11.687 10.732  8.377   1.00 14.85 ? 164 VAL   B CA  1 
ATOM   1355 C C   . VAL   A 1 158 ? -10.540 11.023  7.415   1.00 13.34 ? 164 VAL   B C   1 
ATOM   1356 O O   . VAL   A 1 158 ? -9.395  11.278  7.825   1.00 16.05 ? 164 VAL   B O   1 
ATOM   1357 C CB  . VAL   A 1 158 ? -11.660 11.453  9.752   1.00 18.17 ? 164 VAL   B CB  1 
ATOM   1358 C CG1 . VAL   A 1 158 ? -11.638 12.961  9.507   1.00 18.70 ? 164 VAL   B CG1 1 
ATOM   1359 C CG2 . VAL   A 1 158 ? -12.835 11.069  10.641  1.00 20.34 ? 164 VAL   B CG2 1 
ATOM   1360 N N   . PHE   A 1 159 ? -10.784 10.913  6.111   1.00 13.07 ? 165 PHE   B N   1 
ATOM   1361 C CA  . PHE   A 1 159 ? -9.748  11.018  5.064   1.00 13.21 ? 165 PHE   B CA  1 
ATOM   1362 C C   . PHE   A 1 159 ? -9.101  12.403  5.130   1.00 15.15 ? 165 PHE   B C   1 
ATOM   1363 O O   . PHE   A 1 159 ? -7.868  12.515  5.102   1.00 15.62 ? 165 PHE   B O   1 
ATOM   1364 C CB  . PHE   A 1 159 ? -10.291 10.609  3.712   1.00 12.75 ? 165 PHE   B CB  1 
ATOM   1365 C CG  . PHE   A 1 159 ? -10.765 9.173   3.620   1.00 11.39 ? 165 PHE   B CG  1 
ATOM   1366 C CD1 . PHE   A 1 159 ? -9.944  8.137   4.057   1.00 12.20 ? 165 PHE   B CD1 1 
ATOM   1367 C CD2 . PHE   A 1 159 ? -11.982 8.857   3.039   1.00 12.97 ? 165 PHE   B CD2 1 
ATOM   1368 C CE1 . PHE   A 1 159 ? -10.363 6.816   3.976   1.00 11.88 ? 165 PHE   B CE1 1 
ATOM   1369 C CE2 . PHE   A 1 159 ? -12.396 7.539   2.935   1.00 12.54 ? 165 PHE   B CE2 1 
ATOM   1370 C CZ  . PHE   A 1 159 ? -11.572 6.523   3.371   1.00 12.20 ? 165 PHE   B CZ  1 
ATOM   1371 N N   . ALA   A 1 160 ? -9.924  13.445  5.191   1.00 13.64 ? 166 ALA   B N   1 
ATOM   1372 C CA  . ALA   A 1 160 ? -9.460  14.835  5.383   1.00 14.70 ? 166 ALA   B CA  1 
ATOM   1373 C C   . ALA   A 1 160 ? -8.594  15.313  4.226   1.00 13.89 ? 166 ALA   B C   1 
ATOM   1374 O O   . ALA   A 1 160 ? -7.782  16.286  4.454   1.00 15.19 ? 166 ALA   B O   1 
ATOM   1375 C CB  . ALA   A 1 160 ? -8.812  15.011  6.710   1.00 14.62 ? 166 ALA   B CB  1 
ATOM   1376 N N   . GLY   A 1 161 ? -8.785  14.803  3.038   1.00 14.73 ? 167 GLY   B N   1 
ATOM   1377 C CA  . GLY   A 1 161 ? -8.025  15.225  1.858   1.00 15.94 ? 167 GLY   B CA  1 
ATOM   1378 C C   . GLY   A 1 161 ? -8.092  14.199  0.762   1.00 13.54 ? 167 GLY   B C   1 
ATOM   1379 O O   . GLY   A 1 161 ? -8.709  13.116  0.947   1.00 13.43 ? 167 GLY   B O   1 
ATOM   1380 N N   . PRO   A 1 162 ? -7.487  14.482  -0.373  1.00 12.25 ? 168 PRO   B N   1 
ATOM   1381 C CA  . PRO   A 1 162 ? -7.356  13.519  -1.444  1.00 12.00 ? 168 PRO   B CA  1 
ATOM   1382 C C   . PRO   A 1 162 ? -6.563  12.291  -0.949  1.00 12.28 ? 168 PRO   B C   1 
ATOM   1383 O O   . PRO   A 1 162 ? -5.652  12.446  -0.128  1.00 12.50 ? 168 PRO   B O   1 
ATOM   1384 C CB  . PRO   A 1 162 ? -6.616  14.223  -2.577  1.00 12.36 ? 168 PRO   B CB  1 
ATOM   1385 C CG  . PRO   A 1 162 ? -6.676  15.712  -2.155  1.00 13.06 ? 168 PRO   B CG  1 
ATOM   1386 C CD  . PRO   A 1 162 ? -6.790  15.750  -0.678  1.00 12.55 ? 168 PRO   B CD  1 
ATOM   1387 N N   . LEU   A 1 163 ? -6.916  11.142  -1.485  1.00 11.71 ? 169 LEU   B N   1 
ATOM   1388 C CA  . LEU   A 1 163 ? -6.243  9.847   -1.140  1.00 11.53 ? 169 LEU   B CA  1 
ATOM   1389 C C   . LEU   A 1 163 ? -5.364  9.401   -2.294  1.00 12.28 ? 169 LEU   B C   1 
ATOM   1390 O O   . LEU   A 1 163 ? -5.718  9.538   -3.457  1.00 13.11 ? 169 LEU   B O   1 
ATOM   1391 C CB  . LEU   A 1 163 ? -7.270  8.757   -0.839  1.00 11.72 ? 169 LEU   B CB  1 
ATOM   1392 C CG  . LEU   A 1 163 ? -8.073  8.936   0.449   1.00 12.87 ? 169 LEU   B CG  1 
ATOM   1393 C CD1 . LEU   A 1 163 ? -9.129  7.855   0.520   1.00 12.67 ? 169 LEU   B CD1 1 
ATOM   1394 C CD2 . LEU   A 1 163 ? -7.166  8.941   1.677   1.00 13.43 ? 169 LEU   B CD2 1 
ATOM   1395 N N   . ARG   A 1 164 ? -4.241  8.760   -1.946  1.00 11.48 ? 170 ARG   B N   1 
ATOM   1396 C CA  . ARG   A 1 164 ? -3.351  8.094   -2.916  1.00 11.43 ? 170 ARG   B CA  1 
ATOM   1397 C C   . ARG   A 1 164 ? -3.124  6.628   -2.533  1.00 9.29  ? 170 ARG   B C   1 
ATOM   1398 O O   . ARG   A 1 164 ? -2.978  6.333   -1.353  1.00 10.40 ? 170 ARG   B O   1 
ATOM   1399 C CB  . ARG   A 1 164 ? -2.026  8.855   -2.983  1.00 13.08 ? 170 ARG   B CB  1 
ATOM   1400 C CG  . ARG   A 1 164 ? -2.269  10.276  -3.517  1.00 15.63 ? 170 ARG   B CG  1 
ATOM   1401 C CD  . ARG   A 1 164 ? -1.070  11.126  -3.723  1.00 17.95 ? 170 ARG   B CD  1 
ATOM   1402 N NE  . ARG   A 1 164 ? -0.318  10.561  -4.817  1.00 16.85 ? 170 ARG   B NE  1 
ATOM   1403 C CZ  . ARG   A 1 164 ? 0.808   11.103  -5.244  1.00 17.33 ? 170 ARG   B CZ  1 
ATOM   1404 N NH1 . ARG   A 1 164 ? 1.212   12.234  -4.718  1.00 17.57 ? 170 ARG   B NH1 1 
ATOM   1405 N NH2 . ARG   A 1 164 ? 1.479   10.519  -6.218  1.00 15.43 ? 170 ARG   B NH2 1 
ATOM   1406 N N   . PRO   A 1 165 ? -3.038  5.733   -3.537  1.00 9.52  ? 171 PRO   B N   1 
ATOM   1407 C CA  . PRO   A 1 165 ? -2.612  4.353   -3.235  1.00 9.44  ? 171 PRO   B CA  1 
ATOM   1408 C C   . PRO   A 1 165 ? -1.225  4.398   -2.585  1.00 9.28  ? 171 PRO   B C   1 
ATOM   1409 O O   . PRO   A 1 165 ? -0.382  5.200   -2.972  1.00 9.72  ? 171 PRO   B O   1 
ATOM   1410 C CB  . PRO   A 1 165 ? -2.579  3.669   -4.605  1.00 9.69  ? 171 PRO   B CB  1 
ATOM   1411 C CG  . PRO   A 1 165 ? -3.554  4.500   -5.454  1.00 11.41 ? 171 PRO   B CG  1 
ATOM   1412 C CD  . PRO   A 1 165 ? -3.298  5.910   -4.974  1.00 11.56 ? 171 PRO   B CD  1 
ATOM   1413 N N   . PHE   A 1 166 ? -1.022  3.559   -1.577  1.00 9.04  ? 172 PHE   B N   1 
ATOM   1414 C CA  . PHE   A 1 166 ? 0.198   3.523   -0.758  1.00 9.47  ? 172 PHE   B CA  1 
ATOM   1415 C C   . PHE   A 1 166 ? 0.819   2.127   -0.782  1.00 8.60  ? 172 PHE   B C   1 
ATOM   1416 O O   . PHE   A 1 166 ? 0.119   1.105   -0.617  1.00 8.96  ? 172 PHE   B O   1 
ATOM   1417 C CB  . PHE   A 1 166 ? -0.134  3.935   0.676   1.00 9.71  ? 172 PHE   B CB  1 
ATOM   1418 C CG  . PHE   A 1 166 ? 1.030   3.793   1.626   1.00 9.82  ? 172 PHE   B CG  1 
ATOM   1419 C CD1 . PHE   A 1 166 ? 2.026   4.755   1.670   1.00 10.33 ? 172 PHE   B CD1 1 
ATOM   1420 C CD2 . PHE   A 1 166 ? 1.163   2.681   2.429   1.00 10.49 ? 172 PHE   B CD2 1 
ATOM   1421 C CE1 . PHE   A 1 166 ? 3.111   4.608   2.532   1.00 10.75 ? 172 PHE   B CE1 1 
ATOM   1422 C CE2 . PHE   A 1 166 ? 2.261   2.520   3.248   1.00 10.05 ? 172 PHE   B CE2 1 
ATOM   1423 C CZ  . PHE   A 1 166 ? 3.220   3.498   3.312   1.00 10.69 ? 172 PHE   B CZ  1 
ATOM   1424 N N   . PHE   A 1 167 ? 2.167   2.070   -0.871  1.00 8.87  ? 173 PHE   B N   1 
ATOM   1425 C CA  . PHE   A 1 167 ? 2.943   0.811   -0.993  1.00 8.93  ? 173 PHE   B CA  1 
ATOM   1426 C C   . PHE   A 1 167 ? 4.219   0.924   -0.166  1.00 9.62  ? 173 PHE   B C   1 
ATOM   1427 O O   . PHE   A 1 167 ? 4.895   1.939   -0.249  1.00 9.89  ? 173 PHE   B O   1 
ATOM   1428 C CB  . PHE   A 1 167 ? 3.336   0.515   -2.450  1.00 9.37  ? 173 PHE   B CB  1 
ATOM   1429 C CG  . PHE   A 1 167 ? 2.171   0.565   -3.418  1.00 9.29  ? 173 PHE   B CG  1 
ATOM   1430 C CD1 . PHE   A 1 167 ? 1.777   1.774   -3.983  1.00 9.25  ? 173 PHE   B CD1 1 
ATOM   1431 C CD2 . PHE   A 1 167 ? 1.464   -0.576  -3.785  1.00 10.91 ? 173 PHE   B CD2 1 
ATOM   1432 C CE1 . PHE   A 1 167 ? 0.669   1.865   -4.815  1.00 9.27  ? 173 PHE   B CE1 1 
ATOM   1433 C CE2 . PHE   A 1 167 ? 0.397   -0.494  -4.662  1.00 10.96 ? 173 PHE   B CE2 1 
ATOM   1434 C CZ  . PHE   A 1 167 ? 0.017   0.727   -5.187  1.00 11.02 ? 173 PHE   B CZ  1 
ATOM   1435 N N   . ASN   A 1 168 ? 4.585   -0.158  0.477   1.00 9.55  ? 174 ASN   B N   1 
ATOM   1436 C CA  . ASN   A 1 168 ? 5.918   -0.326  1.092   1.00 9.26  ? 174 ASN   B CA  1 
ATOM   1437 C C   . ASN   A 1 168 ? 6.395   -1.717  0.712   1.00 8.86  ? 174 ASN   B C   1 
ATOM   1438 O O   . ASN   A 1 168 ? 5.764   -2.700  1.124   1.00 9.88  ? 174 ASN   B O   1 
ATOM   1439 C CB  . ASN   A 1 168 ? 5.888   -0.142  2.606   1.00 9.25  ? 174 ASN   B CB  1 
ATOM   1440 C CG  . ASN   A 1 168 ? 7.258   -0.197  3.247   1.00 10.88 ? 174 ASN   B CG  1 
ATOM   1441 O OD1 . ASN   A 1 168 ? 8.267   -0.400  2.610   1.00 11.42 ? 174 ASN   B OD1 1 
ATOM   1442 N ND2 . ASN   A 1 168 ? 7.298   0.067   4.530   1.00 11.72 ? 174 ASN   B ND2 1 
ATOM   1443 N N   . VAL   A 1 169 ? 7.519   -1.828  -0.024  1.00 9.48  ? 175 VAL   B N   1 
ATOM   1444 C CA  . VAL   A 1 169 ? 8.062   -3.152  -0.437  1.00 9.85  ? 175 VAL   B CA  1 
ATOM   1445 C C   . VAL   A 1 169 ? 8.811   -3.811  0.726   1.00 10.35 ? 175 VAL   B C   1 
ATOM   1446 O O   . VAL   A 1 169 ? 9.170   -5.001  0.590   1.00 10.94 ? 175 VAL   B O   1 
ATOM   1447 C CB  . VAL   A 1 169 ? 8.966   -3.097  -1.688  1.00 11.02 ? 175 VAL   B CB  1 
ATOM   1448 C CG1 . VAL   A 1 169 ? 8.202   -2.579  -2.883  1.00 11.47 ? 175 VAL   B CG1 1 
ATOM   1449 C CG2 . VAL   A 1 169 ? 10.204  -2.245  -1.442  1.00 11.16 ? 175 VAL   B CG2 1 
ATOM   1450 N N   . GLY   A 1 170 ? 9.088   -3.056  1.800   1.00 10.37 ? 176 GLY   B N   1 
ATOM   1451 C CA  . GLY   A 1 170 ? 9.879   -3.566  2.942   1.00 11.01 ? 176 GLY   B CA  1 
ATOM   1452 C C   . GLY   A 1 170 ? 11.359  -3.640  2.665   1.00 11.01 ? 176 GLY   B C   1 
ATOM   1453 O O   . GLY   A 1 170 ? 11.816  -3.573  1.534   1.00 10.59 ? 176 GLY   B O   1 
ATOM   1454 N N   . PHE   A 1 171 ? 12.108  -3.665  3.757   1.00 11.44 ? 177 PHE   B N   1 
ATOM   1455 C CA  . PHE   A 1 171 ? 13.569  -3.894  3.719   1.00 10.93 ? 177 PHE   B CA  1 
ATOM   1456 C C   . PHE   A 1 171 ? 13.849  -5.323  3.310   1.00 10.86 ? 177 PHE   B C   1 
ATOM   1457 O O   . PHE   A 1 171 ? 12.994  -6.189  3.342   1.00 11.02 ? 177 PHE   B O   1 
ATOM   1458 C CB  . PHE   A 1 171 ? 14.245  -3.475  5.028   1.00 11.72 ? 177 PHE   B CB  1 
ATOM   1459 C CG  . PHE   A 1 171 ? 14.231  -1.993  5.292   1.00 12.44 ? 177 PHE   B CG  1 
ATOM   1460 C CD1 . PHE   A 1 171 ? 15.114  -1.140  4.647   1.00 15.02 ? 177 PHE   B CD1 1 
ATOM   1461 C CD2 . PHE   A 1 171 ? 13.350  -1.441  6.215   1.00 14.46 ? 177 PHE   B CD2 1 
ATOM   1462 C CE1 . PHE   A 1 171 ? 15.070  0.237   4.881   1.00 16.31 ? 177 PHE   B CE1 1 
ATOM   1463 C CE2 . PHE   A 1 171 ? 13.341  -0.069  6.451   1.00 14.91 ? 177 PHE   B CE2 1 
ATOM   1464 C CZ  . PHE   A 1 171 ? 14.222  0.737   5.814   1.00 15.28 ? 177 PHE   B CZ  1 
ATOM   1465 N N   . ASN   A 1 172 ? 15.114  -5.562  2.987   1.00 10.91 ? 178 ASN   B N   1 
ATOM   1466 C CA  . ASN   A 1 172 ? 15.559  -6.933  2.625   1.00 10.40 ? 178 ASN   B CA  1 
ATOM   1467 C C   . ASN   A 1 172 ? 16.860  -7.223  3.396   1.00 11.02 ? 178 ASN   B C   1 
ATOM   1468 O O   . ASN   A 1 172 ? 17.837  -7.711  2.804   1.00 12.95 ? 178 ASN   B O   1 
ATOM   1469 C CB  . ASN   A 1 172 ? 15.724  -7.087  1.122   1.00 11.04 ? 178 ASN   B CB  1 
ATOM   1470 C CG  . ASN   A 1 172 ? 16.020  -8.491  0.697   1.00 11.33 ? 178 ASN   B CG  1 
ATOM   1471 O OD1 . ASN   A 1 172 ? 15.645  -9.462  1.339   1.00 11.12 ? 178 ASN   B OD1 1 
ATOM   1472 N ND2 . ASN   A 1 172 ? 16.724  -8.624  -0.426  1.00 13.42 ? 178 ASN   B ND2 1 
ATOM   1473 N N   . TYR   A 1 173 ? 16.830  -7.046  4.695   1.00 11.46 ? 179 TYR   B N   1 
ATOM   1474 C CA  . TYR   A 1 173 ? 17.955  -7.465  5.571   1.00 10.59 ? 179 TYR   B CA  1 
ATOM   1475 C C   . TYR   A 1 173 ? 18.123  -8.979  5.513   1.00 11.36 ? 179 TYR   B C   1 
ATOM   1476 O O   . TYR   A 1 173 ? 19.294  -9.484  5.728   1.00 12.77 ? 179 TYR   B O   1 
ATOM   1477 C CB  . TYR   A 1 173 ? 17.703  -7.007  7.016   1.00 11.47 ? 179 TYR   B CB  1 
ATOM   1478 C CG  . TYR   A 1 173 ? 17.685  -5.524  7.253   1.00 14.11 ? 179 TYR   B CG  1 
ATOM   1479 C CD1 . TYR   A 1 173 ? 18.875  -4.807  7.276   1.00 17.15 ? 179 TYR   B CD1 1 
ATOM   1480 C CD2 . TYR   A 1 173 ? 16.499  -4.867  7.526   1.00 16.50 ? 179 TYR   B CD2 1 
ATOM   1481 C CE1 . TYR   A 1 173 ? 18.866  -3.425  7.426   1.00 18.58 ? 179 TYR   B CE1 1 
ATOM   1482 C CE2 . TYR   A 1 173 ? 16.499  -3.478  7.705   1.00 15.64 ? 179 TYR   B CE2 1 
ATOM   1483 C CZ  . TYR   A 1 173 ? 17.673  -2.773  7.641   1.00 17.88 ? 179 TYR   B CZ  1 
ATOM   1484 O OH  . TYR   A 1 173 ? 17.663  -1.405  7.857   1.00 22.90 ? 179 TYR   B OH  1 
ATOM   1485 N N   . SER   A 1 174 ? 17.089  -9.786  5.351   1.00 10.89 ? 180 SER   B N   1 
ATOM   1486 C CA  . SER   A 1 174 ? 17.096  -11.261 5.454   1.00 12.32 ? 180 SER   B CA  1 
ATOM   1487 C C   . SER   A 1 174 ? 17.593  -11.906 4.155   1.00 12.44 ? 180 SER   B C   1 
ATOM   1488 O O   . SER   A 1 174 ? 17.922  -13.114 4.194   1.00 14.36 ? 180 SER   B O   1 
ATOM   1489 C CB  . SER   A 1 174 ? 15.738  -11.788 5.756   1.00 12.60 ? 180 SER   B CB  1 
ATOM   1490 O OG  . SER   A 1 174 ? 14.865  -11.526 4.644   1.00 12.90 ? 180 SER   B OG  1 
ATOM   1491 N N   . GLY   A 1 175 ? 17.590  -11.190 3.034   1.00 11.01 ? 181 GLY   B N   1 
ATOM   1492 C CA  . GLY   A 1 175 ? 17.808  -11.842 1.730   1.00 11.05 ? 181 GLY   B CA  1 
ATOM   1493 C C   . GLY   A 1 175 ? 16.613  -12.638 1.242   1.00 12.07 ? 181 GLY   B C   1 
ATOM   1494 O O   . GLY   A 1 175 ? 16.725  -13.263 0.181   1.00 14.24 ? 181 GLY   B O   1 
ATOM   1495 N N   . GLY   A 1 176 ? 15.488  -12.638 1.970   1.00 11.98 ? 182 GLY   B N   1 
ATOM   1496 C CA  . GLY   A 1 176 ? 14.274  -13.357 1.576   1.00 11.49 ? 182 GLY   B CA  1 
ATOM   1497 C C   . GLY   A 1 176 ? 13.124  -12.442 1.161   1.00 12.02 ? 182 GLY   B C   1 
ATOM   1498 O O   . GLY   A 1 176 ? 12.038  -13.001 0.866   1.00 13.80 ? 182 GLY   B O   1 
ATOM   1499 N N   . ASN   A 1 177 ? 13.365  -11.138 1.066   1.00 10.06 ? 183 ASN   B N   1 
ATOM   1500 C CA  . ASN   A 1 177 ? 12.283  -10.181 0.764   1.00 10.33 ? 183 ASN   B CA  1 
ATOM   1501 C C   . ASN   A 1 177 ? 12.570  -9.335  -0.478  1.00 10.43 ? 183 ASN   B C   1 
ATOM   1502 O O   . ASN   A 1 177 ? 11.981  -8.259  -0.603  1.00 11.55 ? 183 ASN   B O   1 
ATOM   1503 C CB  . ASN   A 1 177 ? 11.972  -9.253  1.930   1.00 9.96  ? 183 ASN   B CB  1 
ATOM   1504 C CG  . ASN   A 1 177 ? 10.609  -8.602  1.817   1.00 10.34 ? 183 ASN   B CG  1 
ATOM   1505 O OD1 . ASN   A 1 177 ? 9.667   -9.238  1.351   1.00 10.86 ? 183 ASN   B OD1 1 
ATOM   1506 N ND2 . ASN   A 1 177 ? 10.561  -7.356  2.265   1.00 10.44 ? 183 ASN   B ND2 1 
ATOM   1507 N N   . ALA   A 1 178 ? 13.288  -9.869  -1.463  1.00 10.95 ? 184 ALA   B N   1 
ATOM   1508 C CA  . ALA   A 1 178 ? 13.627  -9.080  -2.675  1.00 12.12 ? 184 ALA   B CA  1 
ATOM   1509 C C   . ALA   A 1 178 ? 12.459  -8.993  -3.666  1.00 11.83 ? 184 ALA   B C   1 
ATOM   1510 O O   . ALA   A 1 178 ? 12.508  -8.094  -4.513  1.00 13.94 ? 184 ALA   B O   1 
ATOM   1511 C CB  . ALA   A 1 178 ? 14.830  -9.720  -3.394  1.00 13.24 ? 184 ALA   B CB  1 
ATOM   1512 N N   . ALA   A 1 179 ? 11.485  -9.876  -3.576  1.00 11.39 ? 185 ALA   B N   1 
ATOM   1513 C CA  . ALA   A 1 179 ? 10.417  -9.924  -4.609  1.00 11.55 ? 185 ALA   B CA  1 
ATOM   1514 C C   . ALA   A 1 179 ? 9.668   -8.583  -4.697  1.00 11.65 ? 185 ALA   B C   1 
ATOM   1515 O O   . ALA   A 1 179 ? 9.486   -7.855  -3.708  1.00 11.33 ? 185 ALA   B O   1 
ATOM   1516 C CB  . ALA   A 1 179 ? 9.484   -11.075 -4.340  1.00 11.97 ? 185 ALA   B CB  1 
ATOM   1517 N N   . PRO   A 1 180 ? 9.125   -8.265  -5.884  1.00 11.30 ? 186 PRO   B N   1 
ATOM   1518 C CA  . PRO   A 1 180 ? 8.391   -7.015  -6.073  1.00 11.09 ? 186 PRO   B CA  1 
ATOM   1519 C C   . PRO   A 1 180 ? 6.942   -7.049  -5.530  1.00 9.80  ? 186 PRO   B C   1 
ATOM   1520 O O   . PRO   A 1 180 ? 6.395   -8.124  -5.296  1.00 11.32 ? 186 PRO   B O   1 
ATOM   1521 C CB  . PRO   A 1 180 ? 8.338   -6.895  -7.612  1.00 12.47 ? 186 PRO   B CB  1 
ATOM   1522 C CG  . PRO   A 1 180 ? 8.308   -8.322  -8.074  1.00 14.23 ? 186 PRO   B CG  1 
ATOM   1523 C CD  . PRO   A 1 180 ? 9.279   -9.033  -7.133  1.00 13.86 ? 186 PRO   B CD  1 
ATOM   1524 N N   . LEU   A 1 181 ? 6.382   -5.864  -5.329  1.00 10.35 ? 187 LEU   B N   1 
ATOM   1525 C CA  . LEU   A 1 181 ? 4.923   -5.665  -5.373  1.00 10.24 ? 187 LEU   B CA  1 
ATOM   1526 C C   . LEU   A 1 181 ? 4.527   -5.446  -6.831  1.00 10.70 ? 187 LEU   B C   1 
ATOM   1527 O O   . LEU   A 1 181 ? 5.188   -4.644  -7.508  1.00 12.73 ? 187 LEU   B O   1 
ATOM   1528 C CB  . LEU   A 1 181 ? 4.561   -4.475  -4.502  1.00 10.25 ? 187 LEU   B CB  1 
ATOM   1529 C CG  . LEU   A 1 181 ? 4.799   -4.632  -2.984  1.00 11.32 ? 187 LEU   B CG  1 
ATOM   1530 C CD1 . LEU   A 1 181 ? 4.528   -3.351  -2.220  1.00 12.51 ? 187 LEU   B CD1 1 
ATOM   1531 C CD2 . LEU   A 1 181 ? 3.971   -5.750  -2.367  1.00 13.53 ? 187 LEU   B CD2 1 
ATOM   1532 N N   . LYS   A 1 182 ? 3.418   -6.039  -7.253  1.00 11.10 ? 188 LYS   B N   1 
ATOM   1533 C CA  . LYS   A 1 182 ? 2.955   -5.882  -8.649  1.00 11.75 ? 188 LYS   B CA  1 
ATOM   1534 C C   . LYS   A 1 182 ? 1.486   -5.497  -8.639  1.00 12.23 ? 188 LYS   B C   1 
ATOM   1535 O O   . LYS   A 1 182 ? 0.679   -6.233  -8.021  1.00 12.51 ? 188 LYS   B O   1 
ATOM   1536 C CB  . LYS   A 1 182 ? 3.170   -7.155  -9.481  1.00 13.50 ? 188 LYS   B CB  1 
ATOM   1537 C CG  . LYS   A 1 182 ? 4.554   -7.785  -9.467  1.00 16.72 ? 188 LYS   B CG  1 
ATOM   1538 C CD  . LYS   A 1 182 ? 4.678   -8.906  -10.497 1.00 21.00 ? 188 LYS   B CD  1 
ATOM   1539 C CE  . LYS   A 1 182 ? 5.936   -9.726  -10.350 1.00 25.05 ? 188 LYS   B CE  1 
ATOM   1540 N NZ  . LYS   A 1 182 ? 5.865   -10.931 -11.221 1.00 31.23 ? 188 LYS   B NZ  1 
ATOM   1541 N N   . LEU   A 1 183 ? 1.114   -4.497  -9.388  1.00 12.66 ? 189 LEU   B N   1 
ATOM   1542 C CA  . LEU   A 1 183 ? -0.321  -4.193  -9.631  1.00 12.57 ? 189 LEU   B CA  1 
ATOM   1543 C C   . LEU   A 1 183 ? -0.867  -5.202  -10.626 1.00 14.63 ? 189 LEU   B C   1 
ATOM   1544 O O   . LEU   A 1 183 ? -0.324  -5.273  -11.756 1.00 17.63 ? 189 LEU   B O   1 
ATOM   1545 C CB  . LEU   A 1 183 ? -0.463  -2.736  -10.076 1.00 12.64 ? 189 LEU   B CB  1 
ATOM   1546 C CG  . LEU   A 1 183 ? -0.317  -1.759  -8.901  1.00 13.72 ? 189 LEU   B CG  1 
ATOM   1547 C CD1 . LEU   A 1 183 ? 0.162   -0.382  -9.300  1.00 17.85 ? 189 LEU   B CD1 1 
ATOM   1548 C CD2 . LEU   A 1 183 ? -1.605  -1.686  -8.070  1.00 12.53 ? 189 LEU   B CD2 1 
ATOM   1549 N N   . CYS   A 1 184 ? -1.905  -5.932  -10.243 1.00 15.45 ? 190 CYS   B N   1 
ATOM   1550 C CA  . CYS   A 1 184 ? -2.466  -7.037  -11.070 1.00 18.69 ? 190 CYS   B CA  1 
ATOM   1551 C C   . CYS   A 1 184 ? -3.415  -6.487  -12.105 1.00 19.72 ? 190 CYS   B C   1 
ATOM   1552 O O   . CYS   A 1 184 ? -4.131  -5.540  -11.860 1.00 19.89 ? 190 CYS   B O   1 
ATOM   1553 C CB  . CYS   A 1 184 ? -3.362  -7.951  -10.263 1.00 20.42 ? 190 CYS   B CB  1 
ATOM   1554 S SG  . CYS   A 1 184 ? -2.648  -8.540  -8.735  1.00 21.33 ? 190 CYS   B SG  1 
ATOM   1555 N N   . PRO   A 1 185 ? -3.480  -7.145  -13.277 1.00 25.35 ? 191 PRO   B N   1 
ATOM   1556 C CA  . PRO   A 1 185 ? -4.365  -6.729  -14.345 1.00 30.41 ? 191 PRO   B CA  1 
ATOM   1557 C C   . PRO   A 1 185 ? -5.822  -6.896  -13.911 1.00 29.77 ? 191 PRO   B C   1 
ATOM   1558 O O   . PRO   A 1 185 ? -6.133  -7.836  -13.167 1.00 30.57 ? 191 PRO   B O   1 
ATOM   1559 C CB  . PRO   A 1 185 ? -3.945  -7.632  -15.524 1.00 28.85 ? 191 PRO   B CB  1 
ATOM   1560 C CG  . PRO   A 1 185 ? -3.245  -8.806  -14.916 1.00 30.22 ? 191 PRO   B CG  1 
ATOM   1561 C CD  . PRO   A 1 185 ? -2.615  -8.280  -13.649 1.00 27.42 ? 191 PRO   B CD  1 
ATOM   1562 N N   . LEU   A 1 186 ? -6.629  -5.940  -14.368 1.00 35.68 ? 192 LEU   B N   1 
ATOM   1563 C CA  . LEU   A 1 186 ? -8.114  -5.908  -14.414 1.00 38.85 ? 192 LEU   B CA  1 
ATOM   1564 C C   . LEU   A 1 186 ? -8.630  -7.029  -15.319 1.00 44.39 ? 192 LEU   B C   1 
ATOM   1565 O O   . LEU   A 1 186 ? -9.700  -7.568  -15.015 1.00 51.63 ? 192 LEU   B O   1 
ATOM   1566 C CB  . LEU   A 1 186 ? -8.532  -4.548  -14.984 1.00 39.65 ? 192 LEU   B CB  1 
HETATM 1567 N N1  . A1A3W B 2 .   ? 16.015  3.898   2.519   0.54 27.52 ? 201 A1A3W B N1  1 
HETATM 1568 C C4  . A1A3W B 2 .   ? 17.945  2.532   4.003   0.54 28.72 ? 201 A1A3W B C4  1 
HETATM 1569 C C5  . A1A3W B 2 .   ? 17.059  3.411   4.610   0.54 28.44 ? 201 A1A3W B C5  1 
HETATM 1570 C C6  . A1A3W B 2 .   ? 16.123  4.066   3.838   0.54 28.48 ? 201 A1A3W B C6  1 
HETATM 1571 C C7  . A1A3W B 2 .   ? 16.857  3.038   1.945   0.54 26.19 ? 201 A1A3W B C7  1 
HETATM 1572 C C8  . A1A3W B 2 .   ? 17.831  2.346   2.636   0.54 26.15 ? 201 A1A3W B C8  1 
HETATM 1573 C C3  . A1A3W B 2 .   ? 18.844  -0.572  4.149   0.54 34.75 ? 201 A1A3W B C3  1 
HETATM 1574 N N   . A1A3W B 2 .   ? 19.634  0.658   4.151   0.54 34.87 ? 201 A1A3W B N   1 
HETATM 1575 C C2  . A1A3W B 2 .   ? 18.984  1.791   4.836   0.54 31.80 ? 201 A1A3W B C2  1 
HETATM 1576 C C1  . A1A3W B 2 .   ? 20.086  2.728   5.334   0.54 31.60 ? 201 A1A3W B C1  1 
HETATM 1577 C C   . A1A3W B 2 .   ? 20.733  3.516   4.248   0.54 32.04 ? 201 A1A3W B C   1 
HETATM 1578 C C1  . EDO   C 3 .   ? 18.217  11.298  12.726  1.00 39.86 ? 202 EDO   B C1  1 
HETATM 1579 O O1  . EDO   C 3 .   ? 17.442  11.010  11.576  1.00 32.82 ? 202 EDO   B O1  1 
HETATM 1580 C C2  . EDO   C 3 .   ? 18.328  10.158  13.643  1.00 39.10 ? 202 EDO   B C2  1 
HETATM 1581 O O2  . EDO   C 3 .   ? 18.785  9.021   12.969  1.00 46.23 ? 202 EDO   B O2  1 
HETATM 1582 S S   . SO4   D 4 .   ? 4.417   8.716   15.415  1.00 37.49 ? 203 SO4   B S   1 
HETATM 1583 O O1  . SO4   D 4 .   ? 4.474   8.994   14.019  1.00 24.05 ? 203 SO4   B O1  1 
HETATM 1584 O O2  . SO4   D 4 .   ? 5.040   9.772   16.151  1.00 44.64 ? 203 SO4   B O2  1 
HETATM 1585 O O3  . SO4   D 4 .   ? 3.021   8.614   15.795  1.00 43.28 ? 203 SO4   B O3  1 
HETATM 1586 O O4  . SO4   D 4 .   ? 5.071   7.465   15.720  1.00 40.97 ? 203 SO4   B O4  1 
HETATM 1587 O O   . HOH   E 5 .   ? 15.190  10.240  10.985  1.00 21.08 ? 301 HOH   B O   1 
HETATM 1588 O O   . HOH   E 5 .   ? 23.299  -7.020  -5.545  1.00 38.51 ? 302 HOH   B O   1 
HETATM 1589 O O   . HOH   E 5 .   ? 14.652  -6.628  -5.220  1.00 18.00 ? 303 HOH   B O   1 
HETATM 1590 O O   . HOH   E 5 .   ? 8.673   16.768  2.348   1.00 27.10 ? 304 HOH   B O   1 
HETATM 1591 O O   . HOH   E 5 .   ? 22.285  -3.557  -0.233  1.00 32.49 ? 305 HOH   B O   1 
HETATM 1592 O O   . HOH   E 5 .   ? 12.305  3.789   -10.691 1.00 19.27 ? 306 HOH   B O   1 
HETATM 1593 O O   . HOH   E 5 .   ? 21.421  -7.831  5.862   1.00 24.40 ? 307 HOH   B O   1 
HETATM 1594 O O   . HOH   E 5 .   ? -2.861  2.497   8.815   1.00 11.87 ? 308 HOH   B O   1 
HETATM 1595 O O   . HOH   E 5 .   ? 14.359  3.403   8.587   1.00 30.30 ? 309 HOH   B O   1 
HETATM 1596 O O   . HOH   E 5 .   ? 14.778  11.280  0.370   1.00 26.85 ? 310 HOH   B O   1 
HETATM 1597 O O   . HOH   E 5 .   ? 12.426  -5.566  -0.341  1.00 13.81 ? 311 HOH   B O   1 
HETATM 1598 O O   . HOH   E 5 .   ? 1.626   12.165  8.152   1.00 18.60 ? 312 HOH   B O   1 
HETATM 1599 O O   . HOH   E 5 .   ? 20.423  10.303  -12.940 1.00 24.64 ? 313 HOH   B O   1 
HETATM 1600 O O   . HOH   E 5 .   ? 5.931   -0.074  8.281   1.00 33.11 ? 314 HOH   B O   1 
HETATM 1601 O O   . HOH   E 5 .   ? 11.715  -12.250 7.545   1.00 18.88 ? 315 HOH   B O   1 
HETATM 1602 O O   . HOH   E 5 .   ? 19.139  11.213  -4.035  1.00 19.59 ? 316 HOH   B O   1 
HETATM 1603 O O   . HOH   E 5 .   ? 10.452  8.708   5.730   1.00 13.29 ? 317 HOH   B O   1 
HETATM 1604 O O   . HOH   E 5 .   ? 11.400  -5.544  -2.965  1.00 12.92 ? 318 HOH   B O   1 
HETATM 1605 O O   . HOH   E 5 .   ? 16.796  10.904  -2.606  1.00 24.91 ? 319 HOH   B O   1 
HETATM 1606 O O   . HOH   E 5 .   ? 12.509  9.524   -10.029 1.00 25.14 ? 320 HOH   B O   1 
HETATM 1607 O O   . HOH   E 5 .   ? 17.110  -6.376  -2.173  1.00 31.10 ? 321 HOH   B O   1 
HETATM 1608 O O   . HOH   E 5 .   ? 12.527  11.212  12.588  1.00 25.02 ? 322 HOH   B O   1 
HETATM 1609 O O   . HOH   E 5 .   ? 13.847  14.064  -8.159  1.00 21.88 ? 323 HOH   B O   1 
HETATM 1610 O O   . HOH   E 5 .   ? 13.942  5.370   10.384  1.00 34.36 ? 324 HOH   B O   1 
HETATM 1611 O O   . HOH   E 5 .   ? 16.767  12.111  -10.968 1.00 35.64 ? 325 HOH   B O   1 
HETATM 1612 O O   . HOH   E 5 .   ? 10.518  -3.222  -10.775 1.00 22.84 ? 326 HOH   B O   1 
HETATM 1613 O O   . HOH   E 5 .   ? 9.793   -5.680  -10.620 1.00 24.19 ? 327 HOH   B O   1 
HETATM 1614 O O   . HOH   E 5 .   ? 9.451   -0.305  6.597   1.00 29.74 ? 328 HOH   B O   1 
HETATM 1615 O O   . HOH   E 5 .   ? 14.650  8.600   -0.649  1.00 19.38 ? 329 HOH   B O   1 
HETATM 1616 O O   . HOH   E 5 .   ? 19.875  15.535  -4.684  1.00 21.76 ? 330 HOH   B O   1 
HETATM 1617 O O   . HOH   E 5 .   ? 18.614  -10.655 -1.653  1.00 20.12 ? 331 HOH   B O   1 
HETATM 1618 O O   . HOH   E 5 .   ? 10.797  -4.508  6.396   1.00 14.18 ? 332 HOH   B O   1 
HETATM 1619 O O   . HOH   E 5 .   ? 13.513  -15.287 -2.356  1.00 32.79 ? 333 HOH   B O   1 
HETATM 1620 O O   . HOH   E 5 .   ? 18.220  -3.824  -0.157  1.00 26.57 ? 334 HOH   B O   1 
# 
